data_5BZR
# 
_entry.id   5BZR 
# 
_audit_conform.dict_name       mmcif_pdbx.dic 
_audit_conform.dict_version    5.399 
_audit_conform.dict_location   http://mmcif.pdb.org/dictionaries/ascii/mmcif_pdbx.dic 
# 
loop_
_database_2.database_id 
_database_2.database_code 
_database_2.pdbx_database_accession 
_database_2.pdbx_DOI 
PDB   5BZR         pdb_00005bzr 10.2210/pdb5bzr/pdb 
WWPDB D_1000210192 ?            ?                   
# 
loop_
_pdbx_audit_revision_history.ordinal 
_pdbx_audit_revision_history.data_content_type 
_pdbx_audit_revision_history.major_revision 
_pdbx_audit_revision_history.minor_revision 
_pdbx_audit_revision_history.revision_date 
1 'Structure model' 1 0 2016-06-29 
2 'Structure model' 1 1 2024-11-20 
# 
_pdbx_audit_revision_details.ordinal             1 
_pdbx_audit_revision_details.revision_ordinal    1 
_pdbx_audit_revision_details.data_content_type   'Structure model' 
_pdbx_audit_revision_details.provider            repository 
_pdbx_audit_revision_details.type                'Initial release' 
_pdbx_audit_revision_details.description         ? 
_pdbx_audit_revision_details.details             ? 
# 
loop_
_pdbx_audit_revision_group.ordinal 
_pdbx_audit_revision_group.revision_ordinal 
_pdbx_audit_revision_group.data_content_type 
_pdbx_audit_revision_group.group 
1 2 'Structure model' 'Data collection'      
2 2 'Structure model' 'Database references'  
3 2 'Structure model' 'Derived calculations' 
4 2 'Structure model' 'Structure summary'    
# 
loop_
_pdbx_audit_revision_category.ordinal 
_pdbx_audit_revision_category.revision_ordinal 
_pdbx_audit_revision_category.data_content_type 
_pdbx_audit_revision_category.category 
1 2 'Structure model' chem_comp_atom              
2 2 'Structure model' chem_comp_bond              
3 2 'Structure model' citation                    
4 2 'Structure model' database_2                  
5 2 'Structure model' diffrn_radiation_wavelength 
6 2 'Structure model' pdbx_entry_details          
7 2 'Structure model' pdbx_modification_feature   
8 2 'Structure model' pdbx_struct_oper_list       
# 
loop_
_pdbx_audit_revision_item.ordinal 
_pdbx_audit_revision_item.revision_ordinal 
_pdbx_audit_revision_item.data_content_type 
_pdbx_audit_revision_item.item 
1 2 'Structure model' '_citation.journal_id_CSD'                  
2 2 'Structure model' '_database_2.pdbx_DOI'                      
3 2 'Structure model' '_database_2.pdbx_database_accession'       
4 2 'Structure model' '_pdbx_struct_oper_list.symmetry_operation' 
# 
_pdbx_database_status.status_code                     REL 
_pdbx_database_status.status_code_sf                  REL 
_pdbx_database_status.status_code_mr                  ? 
_pdbx_database_status.entry_id                        5BZR 
_pdbx_database_status.recvd_initial_deposition_date   2015-06-11 
_pdbx_database_status.SG_entry                        N 
_pdbx_database_status.deposit_site                    RCSB 
_pdbx_database_status.process_site                    RCSB 
_pdbx_database_status.status_code_cs                  ? 
_pdbx_database_status.methods_development_category    ? 
_pdbx_database_status.pdb_format_compatible           Y 
_pdbx_database_status.status_code_nmr_data            ? 
# 
loop_
_pdbx_database_related.content_type 
_pdbx_database_related.db_id 
_pdbx_database_related.db_name 
_pdbx_database_related.details 
unspecified 5BZC PDB . 
unspecified 5BZE PDB . 
unspecified 5BZF PDB . 
unspecified 5BZG PDB . 
unspecified 5BZH PDB . 
unspecified 5BZI PDB . 
unspecified 5BZJ PDB . 
unspecified 5BZM PDB . 
unspecified 5BZN PDB . 
unspecified 5BZO PDB . 
unspecified 5BZQ PDB . 
unspecified 5BZP PDB . 
unspecified 5BZS PDB . 
unspecified 5BZT PDB . 
# 
loop_
_audit_author.name 
_audit_author.pdbx_ordinal 
'Liu, L.K.'    1 
'Finzel, B.C.' 2 
# 
_citation.abstract                  ? 
_citation.abstract_id_CAS           ? 
_citation.book_id_ISBN              ? 
_citation.book_publisher            ? 
_citation.book_publisher_city       ? 
_citation.book_title                ? 
_citation.coordinate_linkage        ? 
_citation.country                   ? 
_citation.database_id_Medline       ? 
_citation.details                   ? 
_citation.id                        primary 
_citation.journal_abbrev            'To Be Published' 
_citation.journal_id_ASTM           ? 
_citation.journal_id_CSD            0353 
_citation.journal_id_ISSN           ? 
_citation.journal_full              ? 
_citation.journal_issue             ? 
_citation.journal_volume            ? 
_citation.language                  ? 
_citation.page_first                ? 
_citation.page_last                 ? 
_citation.title                     'Crystal structure of the murine cd44 hyaluronan binding domain complex with a small molecule' 
_citation.year                      ? 
_citation.database_id_CSD           ? 
_citation.pdbx_database_id_DOI      ? 
_citation.pdbx_database_id_PubMed   ? 
_citation.unpublished_flag          ? 
# 
loop_
_citation_author.citation_id 
_citation_author.name 
_citation_author.ordinal 
_citation_author.identifier_ORCID 
primary 'Liu, L.K.'    1 ? 
primary 'Finzel, B.C.' 2 ? 
# 
loop_
_entity.id 
_entity.type 
_entity.src_method 
_entity.pdbx_description 
_entity.formula_weight 
_entity.pdbx_number_of_molecules 
_entity.pdbx_ec 
_entity.pdbx_mutation 
_entity.pdbx_fragment 
_entity.details 
1 polymer     man 'CD44 antigen'                                                                    16855.803 1   ? 'H23M; Q24N' 
'HYALURONAN BINDING DOMAIN, RESIDUES 21-171' ? 
2 non-polymer syn 'DIMETHYL SULFOXIDE'                                                              78.133    1   ? ?            ? 
? 
3 non-polymer syn '2-[3-(tetrahydro-2H-pyran-4-yloxy)propyl]-1,2,3,4-tetrahydroisoquinolin-8-amine' 290.401   1   ? ?            ? 
? 
4 non-polymer syn GLYCEROL                                                                          92.094    1   ? ?            ? 
? 
5 water       nat water                                                                             18.015    117 ? ?            ? 
? 
# 
_entity_name_com.entity_id   1 
_entity_name_com.name        
;Extracellular matrix receptor III,ECMR-III,GP90 lymphocyte homing/adhesion receptor,HUTCH-I,Hermes antigen,Hyaluronate receptor,Lymphocyte antigen 24,Ly-24,Phagocytic glycoprotein 1,PGP-1,Phagocytic glycoprotein I,PGP-I
;
# 
_entity_poly.entity_id                      1 
_entity_poly.type                           'polypeptide(L)' 
_entity_poly.nstd_linkage                   no 
_entity_poly.nstd_monomer                   no 
_entity_poly.pdbx_seq_one_letter_code       
;MNQIDLNVTCRYAGVFHVEKNGRYSISRTEAADLCQAFNSTLPTMDQMKLALSKGFETCRYGFIEGNVVIPRIHPNAICA
ANHTGVYILVTSNTSHYDTYCFNASAPPEEDCTSVTDLPNSFDGPVTITIVNRDGTRYSKKGEYRTHQEDI
;
_entity_poly.pdbx_seq_one_letter_code_can   
;MNQIDLNVTCRYAGVFHVEKNGRYSISRTEAADLCQAFNSTLPTMDQMKLALSKGFETCRYGFIEGNVVIPRIHPNAICA
ANHTGVYILVTSNTSHYDTYCFNASAPPEEDCTSVTDLPNSFDGPVTITIVNRDGTRYSKKGEYRTHQEDI
;
_entity_poly.pdbx_strand_id                 A 
_entity_poly.pdbx_target_identifier         ? 
# 
loop_
_pdbx_entity_nonpoly.entity_id 
_pdbx_entity_nonpoly.name 
_pdbx_entity_nonpoly.comp_id 
2 'DIMETHYL SULFOXIDE'                                                              DMS 
3 '2-[3-(tetrahydro-2H-pyran-4-yloxy)propyl]-1,2,3,4-tetrahydroisoquinolin-8-amine' 4XM 
4 GLYCEROL                                                                          GOL 
5 water                                                                             HOH 
# 
loop_
_entity_poly_seq.entity_id 
_entity_poly_seq.num 
_entity_poly_seq.mon_id 
_entity_poly_seq.hetero 
1 1   MET n 
1 2   ASN n 
1 3   GLN n 
1 4   ILE n 
1 5   ASP n 
1 6   LEU n 
1 7   ASN n 
1 8   VAL n 
1 9   THR n 
1 10  CYS n 
1 11  ARG n 
1 12  TYR n 
1 13  ALA n 
1 14  GLY n 
1 15  VAL n 
1 16  PHE n 
1 17  HIS n 
1 18  VAL n 
1 19  GLU n 
1 20  LYS n 
1 21  ASN n 
1 22  GLY n 
1 23  ARG n 
1 24  TYR n 
1 25  SER n 
1 26  ILE n 
1 27  SER n 
1 28  ARG n 
1 29  THR n 
1 30  GLU n 
1 31  ALA n 
1 32  ALA n 
1 33  ASP n 
1 34  LEU n 
1 35  CYS n 
1 36  GLN n 
1 37  ALA n 
1 38  PHE n 
1 39  ASN n 
1 40  SER n 
1 41  THR n 
1 42  LEU n 
1 43  PRO n 
1 44  THR n 
1 45  MET n 
1 46  ASP n 
1 47  GLN n 
1 48  MET n 
1 49  LYS n 
1 50  LEU n 
1 51  ALA n 
1 52  LEU n 
1 53  SER n 
1 54  LYS n 
1 55  GLY n 
1 56  PHE n 
1 57  GLU n 
1 58  THR n 
1 59  CYS n 
1 60  ARG n 
1 61  TYR n 
1 62  GLY n 
1 63  PHE n 
1 64  ILE n 
1 65  GLU n 
1 66  GLY n 
1 67  ASN n 
1 68  VAL n 
1 69  VAL n 
1 70  ILE n 
1 71  PRO n 
1 72  ARG n 
1 73  ILE n 
1 74  HIS n 
1 75  PRO n 
1 76  ASN n 
1 77  ALA n 
1 78  ILE n 
1 79  CYS n 
1 80  ALA n 
1 81  ALA n 
1 82  ASN n 
1 83  HIS n 
1 84  THR n 
1 85  GLY n 
1 86  VAL n 
1 87  TYR n 
1 88  ILE n 
1 89  LEU n 
1 90  VAL n 
1 91  THR n 
1 92  SER n 
1 93  ASN n 
1 94  THR n 
1 95  SER n 
1 96  HIS n 
1 97  TYR n 
1 98  ASP n 
1 99  THR n 
1 100 TYR n 
1 101 CYS n 
1 102 PHE n 
1 103 ASN n 
1 104 ALA n 
1 105 SER n 
1 106 ALA n 
1 107 PRO n 
1 108 PRO n 
1 109 GLU n 
1 110 GLU n 
1 111 ASP n 
1 112 CYS n 
1 113 THR n 
1 114 SER n 
1 115 VAL n 
1 116 THR n 
1 117 ASP n 
1 118 LEU n 
1 119 PRO n 
1 120 ASN n 
1 121 SER n 
1 122 PHE n 
1 123 ASP n 
1 124 GLY n 
1 125 PRO n 
1 126 VAL n 
1 127 THR n 
1 128 ILE n 
1 129 THR n 
1 130 ILE n 
1 131 VAL n 
1 132 ASN n 
1 133 ARG n 
1 134 ASP n 
1 135 GLY n 
1 136 THR n 
1 137 ARG n 
1 138 TYR n 
1 139 SER n 
1 140 LYS n 
1 141 LYS n 
1 142 GLY n 
1 143 GLU n 
1 144 TYR n 
1 145 ARG n 
1 146 THR n 
1 147 HIS n 
1 148 GLN n 
1 149 GLU n 
1 150 ASP n 
1 151 ILE n 
# 
_entity_src_gen.entity_id                          1 
_entity_src_gen.pdbx_src_id                        1 
_entity_src_gen.pdbx_alt_source_flag               sample 
_entity_src_gen.pdbx_seq_type                      'Biological sequence' 
_entity_src_gen.pdbx_beg_seq_num                   1 
_entity_src_gen.pdbx_end_seq_num                   151 
_entity_src_gen.gene_src_common_name               Mouse 
_entity_src_gen.gene_src_genus                     ? 
_entity_src_gen.pdbx_gene_src_gene                 'Cd44, Ly-24' 
_entity_src_gen.gene_src_species                   ? 
_entity_src_gen.gene_src_strain                    ? 
_entity_src_gen.gene_src_tissue                    ? 
_entity_src_gen.gene_src_tissue_fraction           ? 
_entity_src_gen.gene_src_details                   ? 
_entity_src_gen.pdbx_gene_src_fragment             ? 
_entity_src_gen.pdbx_gene_src_scientific_name      'Mus musculus' 
_entity_src_gen.pdbx_gene_src_ncbi_taxonomy_id     10090 
_entity_src_gen.pdbx_gene_src_variant              ? 
_entity_src_gen.pdbx_gene_src_cell_line            ? 
_entity_src_gen.pdbx_gene_src_atcc                 ? 
_entity_src_gen.pdbx_gene_src_organ                ? 
_entity_src_gen.pdbx_gene_src_organelle            ? 
_entity_src_gen.pdbx_gene_src_cell                 ? 
_entity_src_gen.pdbx_gene_src_cellular_location    ? 
_entity_src_gen.host_org_common_name               ? 
_entity_src_gen.pdbx_host_org_scientific_name      'Escherichia coli' 
_entity_src_gen.pdbx_host_org_ncbi_taxonomy_id     469008 
_entity_src_gen.host_org_genus                     ? 
_entity_src_gen.pdbx_host_org_gene                 ? 
_entity_src_gen.pdbx_host_org_organ                ? 
_entity_src_gen.host_org_species                   ? 
_entity_src_gen.pdbx_host_org_tissue               ? 
_entity_src_gen.pdbx_host_org_tissue_fraction      ? 
_entity_src_gen.pdbx_host_org_strain               'BL21(DE3)' 
_entity_src_gen.pdbx_host_org_variant              ? 
_entity_src_gen.pdbx_host_org_cell_line            ? 
_entity_src_gen.pdbx_host_org_atcc                 ? 
_entity_src_gen.pdbx_host_org_culture_collection   ? 
_entity_src_gen.pdbx_host_org_cell                 ? 
_entity_src_gen.pdbx_host_org_organelle            ? 
_entity_src_gen.pdbx_host_org_cellular_location    ? 
_entity_src_gen.pdbx_host_org_vector_type          plasmid 
_entity_src_gen.pdbx_host_org_vector               ? 
_entity_src_gen.host_org_details                   ? 
_entity_src_gen.expression_system_id               ? 
_entity_src_gen.plasmid_name                       pMCSG7 
_entity_src_gen.plasmid_details                    ? 
_entity_src_gen.pdbx_description                   ? 
# 
loop_
_chem_comp.id 
_chem_comp.type 
_chem_comp.mon_nstd_flag 
_chem_comp.name 
_chem_comp.pdbx_synonyms 
_chem_comp.formula 
_chem_comp.formula_weight 
4XM non-polymer         . '2-[3-(tetrahydro-2H-pyran-4-yloxy)propyl]-1,2,3,4-tetrahydroisoquinolin-8-amine' ? 'C17 H26 N2 O2'  
290.401 
ALA 'L-peptide linking' y ALANINE                                                                           ? 'C3 H7 N O2'     
89.093  
ARG 'L-peptide linking' y ARGININE                                                                          ? 'C6 H15 N4 O2 1' 
175.209 
ASN 'L-peptide linking' y ASPARAGINE                                                                        ? 'C4 H8 N2 O3'    
132.118 
ASP 'L-peptide linking' y 'ASPARTIC ACID'                                                                   ? 'C4 H7 N O4'     
133.103 
CYS 'L-peptide linking' y CYSTEINE                                                                          ? 'C3 H7 N O2 S'   
121.158 
DMS non-polymer         . 'DIMETHYL SULFOXIDE'                                                              ? 'C2 H6 O S'      
78.133  
GLN 'L-peptide linking' y GLUTAMINE                                                                         ? 'C5 H10 N2 O3'   
146.144 
GLU 'L-peptide linking' y 'GLUTAMIC ACID'                                                                   ? 'C5 H9 N O4'     
147.129 
GLY 'peptide linking'   y GLYCINE                                                                           ? 'C2 H5 N O2'     
75.067  
GOL non-polymer         . GLYCEROL                                                                          
'GLYCERIN; PROPANE-1,2,3-TRIOL' 'C3 H8 O3'       92.094  
HIS 'L-peptide linking' y HISTIDINE                                                                         ? 'C6 H10 N3 O2 1' 
156.162 
HOH non-polymer         . WATER                                                                             ? 'H2 O'           
18.015  
ILE 'L-peptide linking' y ISOLEUCINE                                                                        ? 'C6 H13 N O2'    
131.173 
LEU 'L-peptide linking' y LEUCINE                                                                           ? 'C6 H13 N O2'    
131.173 
LYS 'L-peptide linking' y LYSINE                                                                            ? 'C6 H15 N2 O2 1' 
147.195 
MET 'L-peptide linking' y METHIONINE                                                                        ? 'C5 H11 N O2 S'  
149.211 
PHE 'L-peptide linking' y PHENYLALANINE                                                                     ? 'C9 H11 N O2'    
165.189 
PRO 'L-peptide linking' y PROLINE                                                                           ? 'C5 H9 N O2'     
115.130 
SER 'L-peptide linking' y SERINE                                                                            ? 'C3 H7 N O3'     
105.093 
THR 'L-peptide linking' y THREONINE                                                                         ? 'C4 H9 N O3'     
119.119 
TYR 'L-peptide linking' y TYROSINE                                                                          ? 'C9 H11 N O3'    
181.189 
VAL 'L-peptide linking' y VALINE                                                                            ? 'C5 H11 N O2'    
117.146 
# 
loop_
_pdbx_poly_seq_scheme.asym_id 
_pdbx_poly_seq_scheme.entity_id 
_pdbx_poly_seq_scheme.seq_id 
_pdbx_poly_seq_scheme.mon_id 
_pdbx_poly_seq_scheme.ndb_seq_num 
_pdbx_poly_seq_scheme.pdb_seq_num 
_pdbx_poly_seq_scheme.auth_seq_num 
_pdbx_poly_seq_scheme.pdb_mon_id 
_pdbx_poly_seq_scheme.auth_mon_id 
_pdbx_poly_seq_scheme.pdb_strand_id 
_pdbx_poly_seq_scheme.pdb_ins_code 
_pdbx_poly_seq_scheme.hetero 
A 1 1   MET 1   23  ?   ?   ?   A . n 
A 1 2   ASN 2   24  24  ASN ASN A . n 
A 1 3   GLN 3   25  25  GLN GLN A . n 
A 1 4   ILE 4   26  26  ILE ILE A . n 
A 1 5   ASP 5   27  27  ASP ASP A . n 
A 1 6   LEU 6   28  28  LEU LEU A . n 
A 1 7   ASN 7   29  29  ASN ASN A . n 
A 1 8   VAL 8   30  30  VAL VAL A . n 
A 1 9   THR 9   31  31  THR THR A . n 
A 1 10  CYS 10  32  32  CYS CYS A . n 
A 1 11  ARG 11  33  33  ARG ARG A . n 
A 1 12  TYR 12  34  34  TYR TYR A . n 
A 1 13  ALA 13  35  35  ALA ALA A . n 
A 1 14  GLY 14  36  36  GLY GLY A . n 
A 1 15  VAL 15  37  37  VAL VAL A . n 
A 1 16  PHE 16  38  38  PHE PHE A . n 
A 1 17  HIS 17  39  39  HIS HIS A . n 
A 1 18  VAL 18  40  40  VAL VAL A . n 
A 1 19  GLU 19  41  41  GLU GLU A . n 
A 1 20  LYS 20  42  42  LYS LYS A . n 
A 1 21  ASN 21  43  43  ASN ASN A . n 
A 1 22  GLY 22  44  44  GLY GLY A . n 
A 1 23  ARG 23  45  45  ARG ARG A . n 
A 1 24  TYR 24  46  46  TYR TYR A . n 
A 1 25  SER 25  47  47  SER SER A . n 
A 1 26  ILE 26  48  48  ILE ILE A . n 
A 1 27  SER 27  49  49  SER SER A . n 
A 1 28  ARG 28  50  50  ARG ARG A . n 
A 1 29  THR 29  51  51  THR THR A . n 
A 1 30  GLU 30  52  52  GLU GLU A . n 
A 1 31  ALA 31  53  53  ALA ALA A . n 
A 1 32  ALA 32  54  54  ALA ALA A . n 
A 1 33  ASP 33  55  55  ASP ASP A . n 
A 1 34  LEU 34  56  56  LEU LEU A . n 
A 1 35  CYS 35  57  57  CYS CYS A . n 
A 1 36  GLN 36  58  58  GLN GLN A . n 
A 1 37  ALA 37  59  59  ALA ALA A . n 
A 1 38  PHE 38  60  60  PHE PHE A . n 
A 1 39  ASN 39  61  61  ASN ASN A . n 
A 1 40  SER 40  62  62  SER SER A . n 
A 1 41  THR 41  63  63  THR THR A . n 
A 1 42  LEU 42  64  64  LEU LEU A . n 
A 1 43  PRO 43  65  65  PRO PRO A . n 
A 1 44  THR 44  66  66  THR THR A . n 
A 1 45  MET 45  67  67  MET MET A . n 
A 1 46  ASP 46  68  68  ASP ASP A . n 
A 1 47  GLN 47  69  69  GLN GLN A . n 
A 1 48  MET 48  70  70  MET MET A . n 
A 1 49  LYS 49  71  71  LYS LYS A . n 
A 1 50  LEU 50  72  72  LEU LEU A . n 
A 1 51  ALA 51  73  73  ALA ALA A . n 
A 1 52  LEU 52  74  74  LEU LEU A . n 
A 1 53  SER 53  75  75  SER SER A . n 
A 1 54  LYS 54  76  76  LYS LYS A . n 
A 1 55  GLY 55  77  77  GLY GLY A . n 
A 1 56  PHE 56  78  78  PHE PHE A . n 
A 1 57  GLU 57  79  79  GLU GLU A . n 
A 1 58  THR 58  80  80  THR THR A . n 
A 1 59  CYS 59  81  81  CYS CYS A . n 
A 1 60  ARG 60  82  82  ARG ARG A . n 
A 1 61  TYR 61  83  83  TYR TYR A . n 
A 1 62  GLY 62  84  84  GLY GLY A . n 
A 1 63  PHE 63  85  85  PHE PHE A . n 
A 1 64  ILE 64  86  86  ILE ILE A . n 
A 1 65  GLU 65  87  87  GLU GLU A . n 
A 1 66  GLY 66  88  88  GLY GLY A . n 
A 1 67  ASN 67  89  89  ASN ASN A . n 
A 1 68  VAL 68  90  90  VAL VAL A . n 
A 1 69  VAL 69  91  91  VAL VAL A . n 
A 1 70  ILE 70  92  92  ILE ILE A . n 
A 1 71  PRO 71  93  93  PRO PRO A . n 
A 1 72  ARG 72  94  94  ARG ARG A . n 
A 1 73  ILE 73  95  95  ILE ILE A . n 
A 1 74  HIS 74  96  96  HIS HIS A . n 
A 1 75  PRO 75  97  97  PRO PRO A . n 
A 1 76  ASN 76  98  98  ASN ASN A . n 
A 1 77  ALA 77  99  99  ALA ALA A . n 
A 1 78  ILE 78  100 100 ILE ILE A . n 
A 1 79  CYS 79  101 101 CYS CYS A . n 
A 1 80  ALA 80  102 102 ALA ALA A . n 
A 1 81  ALA 81  103 103 ALA ALA A . n 
A 1 82  ASN 82  104 104 ASN ASN A . n 
A 1 83  HIS 83  105 105 HIS HIS A . n 
A 1 84  THR 84  106 106 THR THR A . n 
A 1 85  GLY 85  107 107 GLY GLY A . n 
A 1 86  VAL 86  108 108 VAL VAL A . n 
A 1 87  TYR 87  109 109 TYR TYR A . n 
A 1 88  ILE 88  110 110 ILE ILE A . n 
A 1 89  LEU 89  111 111 LEU LEU A . n 
A 1 90  VAL 90  112 112 VAL VAL A . n 
A 1 91  THR 91  113 113 THR THR A . n 
A 1 92  SER 92  114 114 SER SER A . n 
A 1 93  ASN 93  115 115 ASN ASN A . n 
A 1 94  THR 94  116 116 THR THR A . n 
A 1 95  SER 95  117 117 SER SER A . n 
A 1 96  HIS 96  118 118 HIS HIS A . n 
A 1 97  TYR 97  119 119 TYR TYR A . n 
A 1 98  ASP 98  120 120 ASP ASP A . n 
A 1 99  THR 99  121 121 THR THR A . n 
A 1 100 TYR 100 122 122 TYR TYR A . n 
A 1 101 CYS 101 123 123 CYS CYS A . n 
A 1 102 PHE 102 124 124 PHE PHE A . n 
A 1 103 ASN 103 125 125 ASN ASN A . n 
A 1 104 ALA 104 126 126 ALA ALA A . n 
A 1 105 SER 105 127 127 SER SER A . n 
A 1 106 ALA 106 128 128 ALA ALA A . n 
A 1 107 PRO 107 129 129 PRO PRO A . n 
A 1 108 PRO 108 130 130 PRO PRO A . n 
A 1 109 GLU 109 131 131 GLU GLU A . n 
A 1 110 GLU 110 132 132 GLU GLU A . n 
A 1 111 ASP 111 133 133 ASP ASP A . n 
A 1 112 CYS 112 134 134 CYS CYS A . n 
A 1 113 THR 113 135 135 THR THR A . n 
A 1 114 SER 114 136 136 SER SER A . n 
A 1 115 VAL 115 137 137 VAL VAL A . n 
A 1 116 THR 116 138 138 THR THR A . n 
A 1 117 ASP 117 139 139 ASP ASP A . n 
A 1 118 LEU 118 140 140 LEU LEU A . n 
A 1 119 PRO 119 141 141 PRO PRO A . n 
A 1 120 ASN 120 142 142 ASN ASN A . n 
A 1 121 SER 121 143 143 SER SER A . n 
A 1 122 PHE 122 144 144 PHE PHE A . n 
A 1 123 ASP 123 145 145 ASP ASP A . n 
A 1 124 GLY 124 146 146 GLY GLY A . n 
A 1 125 PRO 125 147 147 PRO PRO A . n 
A 1 126 VAL 126 148 148 VAL VAL A . n 
A 1 127 THR 127 149 149 THR THR A . n 
A 1 128 ILE 128 150 150 ILE ILE A . n 
A 1 129 THR 129 151 151 THR THR A . n 
A 1 130 ILE 130 152 152 ILE ILE A . n 
A 1 131 VAL 131 153 153 VAL VAL A . n 
A 1 132 ASN 132 154 154 ASN ASN A . n 
A 1 133 ARG 133 155 155 ARG ARG A . n 
A 1 134 ASP 134 156 156 ASP ASP A . n 
A 1 135 GLY 135 157 157 GLY GLY A . n 
A 1 136 THR 136 158 158 THR THR A . n 
A 1 137 ARG 137 159 159 ARG ARG A . n 
A 1 138 TYR 138 160 160 TYR TYR A . n 
A 1 139 SER 139 161 161 SER SER A . n 
A 1 140 LYS 140 162 162 LYS LYS A . n 
A 1 141 LYS 141 163 163 LYS LYS A . n 
A 1 142 GLY 142 164 164 GLY GLY A . n 
A 1 143 GLU 143 165 165 GLU GLU A . n 
A 1 144 TYR 144 166 166 TYR TYR A . n 
A 1 145 ARG 145 167 167 ARG ARG A . n 
A 1 146 THR 146 168 168 THR THR A . n 
A 1 147 HIS 147 169 169 HIS HIS A . n 
A 1 148 GLN 148 170 170 GLN GLN A . n 
A 1 149 GLU 149 171 171 GLU GLU A . n 
A 1 150 ASP 150 172 172 ASP ASP A . n 
A 1 151 ILE 151 173 173 ILE ILE A . n 
# 
loop_
_pdbx_nonpoly_scheme.asym_id 
_pdbx_nonpoly_scheme.entity_id 
_pdbx_nonpoly_scheme.mon_id 
_pdbx_nonpoly_scheme.ndb_seq_num 
_pdbx_nonpoly_scheme.pdb_seq_num 
_pdbx_nonpoly_scheme.auth_seq_num 
_pdbx_nonpoly_scheme.pdb_mon_id 
_pdbx_nonpoly_scheme.auth_mon_id 
_pdbx_nonpoly_scheme.pdb_strand_id 
_pdbx_nonpoly_scheme.pdb_ins_code 
B 2 DMS 1   201 1   DMS DMS A . 
C 3 4XM 1   202 1   4XM DRG A . 
D 4 GOL 1   203 1   GOL GOL A . 
E 5 HOH 1   301 49  HOH HOH A . 
E 5 HOH 2   302 101 HOH HOH A . 
E 5 HOH 3   303 36  HOH HOH A . 
E 5 HOH 4   304 46  HOH HOH A . 
E 5 HOH 5   305 11  HOH HOH A . 
E 5 HOH 6   306 76  HOH HOH A . 
E 5 HOH 7   307 85  HOH HOH A . 
E 5 HOH 8   308 4   HOH HOH A . 
E 5 HOH 9   309 89  HOH HOH A . 
E 5 HOH 10  310 68  HOH HOH A . 
E 5 HOH 11  311 64  HOH HOH A . 
E 5 HOH 12  312 32  HOH HOH A . 
E 5 HOH 13  313 8   HOH HOH A . 
E 5 HOH 14  314 95  HOH HOH A . 
E 5 HOH 15  315 6   HOH HOH A . 
E 5 HOH 16  316 28  HOH HOH A . 
E 5 HOH 17  317 117 HOH HOH A . 
E 5 HOH 18  318 97  HOH HOH A . 
E 5 HOH 19  319 111 HOH HOH A . 
E 5 HOH 20  320 17  HOH HOH A . 
E 5 HOH 21  321 2   HOH HOH A . 
E 5 HOH 22  322 18  HOH HOH A . 
E 5 HOH 23  323 86  HOH HOH A . 
E 5 HOH 24  324 81  HOH HOH A . 
E 5 HOH 25  325 51  HOH HOH A . 
E 5 HOH 26  326 24  HOH HOH A . 
E 5 HOH 27  327 113 HOH HOH A . 
E 5 HOH 28  328 1   HOH HOH A . 
E 5 HOH 29  329 61  HOH HOH A . 
E 5 HOH 30  330 23  HOH HOH A . 
E 5 HOH 31  331 87  HOH HOH A . 
E 5 HOH 32  332 54  HOH HOH A . 
E 5 HOH 33  333 31  HOH HOH A . 
E 5 HOH 34  334 104 HOH HOH A . 
E 5 HOH 35  335 39  HOH HOH A . 
E 5 HOH 36  336 9   HOH HOH A . 
E 5 HOH 37  337 88  HOH HOH A . 
E 5 HOH 38  338 56  HOH HOH A . 
E 5 HOH 39  339 84  HOH HOH A . 
E 5 HOH 40  340 7   HOH HOH A . 
E 5 HOH 41  341 110 HOH HOH A . 
E 5 HOH 42  342 29  HOH HOH A . 
E 5 HOH 43  343 42  HOH HOH A . 
E 5 HOH 44  344 3   HOH HOH A . 
E 5 HOH 45  345 50  HOH HOH A . 
E 5 HOH 46  346 57  HOH HOH A . 
E 5 HOH 47  347 47  HOH HOH A . 
E 5 HOH 48  348 75  HOH HOH A . 
E 5 HOH 49  349 79  HOH HOH A . 
E 5 HOH 50  350 106 HOH HOH A . 
E 5 HOH 51  351 26  HOH HOH A . 
E 5 HOH 52  352 10  HOH HOH A . 
E 5 HOH 53  353 37  HOH HOH A . 
E 5 HOH 54  354 19  HOH HOH A . 
E 5 HOH 55  355 91  HOH HOH A . 
E 5 HOH 56  356 43  HOH HOH A . 
E 5 HOH 57  357 71  HOH HOH A . 
E 5 HOH 58  358 5   HOH HOH A . 
E 5 HOH 59  359 35  HOH HOH A . 
E 5 HOH 60  360 94  HOH HOH A . 
E 5 HOH 61  361 65  HOH HOH A . 
E 5 HOH 62  362 22  HOH HOH A . 
E 5 HOH 63  363 73  HOH HOH A . 
E 5 HOH 64  364 70  HOH HOH A . 
E 5 HOH 65  365 25  HOH HOH A . 
E 5 HOH 66  366 114 HOH HOH A . 
E 5 HOH 67  367 33  HOH HOH A . 
E 5 HOH 68  368 109 HOH HOH A . 
E 5 HOH 69  369 45  HOH HOH A . 
E 5 HOH 70  370 16  HOH HOH A . 
E 5 HOH 71  371 27  HOH HOH A . 
E 5 HOH 72  372 21  HOH HOH A . 
E 5 HOH 73  373 60  HOH HOH A . 
E 5 HOH 74  374 14  HOH HOH A . 
E 5 HOH 75  375 83  HOH HOH A . 
E 5 HOH 76  376 82  HOH HOH A . 
E 5 HOH 77  377 34  HOH HOH A . 
E 5 HOH 78  378 116 HOH HOH A . 
E 5 HOH 79  379 53  HOH HOH A . 
E 5 HOH 80  380 15  HOH HOH A . 
E 5 HOH 81  381 115 HOH HOH A . 
E 5 HOH 82  382 90  HOH HOH A . 
E 5 HOH 83  383 93  HOH HOH A . 
E 5 HOH 84  384 100 HOH HOH A . 
E 5 HOH 85  385 55  HOH HOH A . 
E 5 HOH 86  386 112 HOH HOH A . 
E 5 HOH 87  387 58  HOH HOH A . 
E 5 HOH 88  388 72  HOH HOH A . 
E 5 HOH 89  389 63  HOH HOH A . 
E 5 HOH 90  390 102 HOH HOH A . 
E 5 HOH 91  391 99  HOH HOH A . 
E 5 HOH 92  392 13  HOH HOH A . 
E 5 HOH 93  393 20  HOH HOH A . 
E 5 HOH 94  394 108 HOH HOH A . 
E 5 HOH 95  395 103 HOH HOH A . 
E 5 HOH 96  396 40  HOH HOH A . 
E 5 HOH 97  397 96  HOH HOH A . 
E 5 HOH 98  398 105 HOH HOH A . 
E 5 HOH 99  399 69  HOH HOH A . 
E 5 HOH 100 400 78  HOH HOH A . 
E 5 HOH 101 401 92  HOH HOH A . 
E 5 HOH 102 402 48  HOH HOH A . 
E 5 HOH 103 403 80  HOH HOH A . 
E 5 HOH 104 404 38  HOH HOH A . 
E 5 HOH 105 405 67  HOH HOH A . 
E 5 HOH 106 406 107 HOH HOH A . 
E 5 HOH 107 407 98  HOH HOH A . 
E 5 HOH 108 408 41  HOH HOH A . 
E 5 HOH 109 409 74  HOH HOH A . 
E 5 HOH 110 410 66  HOH HOH A . 
E 5 HOH 111 411 59  HOH HOH A . 
E 5 HOH 112 412 44  HOH HOH A . 
E 5 HOH 113 413 12  HOH HOH A . 
E 5 HOH 114 414 77  HOH HOH A . 
E 5 HOH 115 415 30  HOH HOH A . 
E 5 HOH 116 416 62  HOH HOH A . 
E 5 HOH 117 417 52  HOH HOH A . 
# 
loop_
_software.citation_id 
_software.classification 
_software.compiler_name 
_software.compiler_version 
_software.contact_author 
_software.contact_author_email 
_software.date 
_software.description 
_software.dependencies 
_software.hardware 
_software.language 
_software.location 
_software.mods 
_software.name 
_software.os 
_software.os_version 
_software.type 
_software.version 
_software.pdbx_ordinal 
? 'data scaling'    ? ? ? ? ? ? ? ? ? ? ? SCALA       ? ? ? .     1 
? phasing           ? ? ? ? ? ? ? ? ? ? ? PHASER      ? ? ? 2.1.4 2 
? refinement        ? ? ? ? ? ? ? ? ? ? ? REFMAC      ? ? ? .     3 
? 'data extraction' ? ? ? ? ? ? ? ? ? ? ? PDB_EXTRACT ? ? ? 3.15  4 
# 
_cell.angle_alpha                  90.000 
_cell.angle_alpha_esd              ? 
_cell.angle_beta                   117.880 
_cell.angle_beta_esd               ? 
_cell.angle_gamma                  90.000 
_cell.angle_gamma_esd              ? 
_cell.entry_id                     5BZR 
_cell.details                      ? 
_cell.formula_units_Z              ? 
_cell.length_a                     30.890 
_cell.length_a_esd                 ? 
_cell.length_b                     81.713 
_cell.length_b_esd                 ? 
_cell.length_c                     32.143 
_cell.length_c_esd                 ? 
_cell.volume                       ? 
_cell.volume_esd                   ? 
_cell.Z_PDB                        2 
_cell.reciprocal_angle_alpha       ? 
_cell.reciprocal_angle_beta        ? 
_cell.reciprocal_angle_gamma       ? 
_cell.reciprocal_angle_alpha_esd   ? 
_cell.reciprocal_angle_beta_esd    ? 
_cell.reciprocal_angle_gamma_esd   ? 
_cell.reciprocal_length_a          ? 
_cell.reciprocal_length_b          ? 
_cell.reciprocal_length_c          ? 
_cell.reciprocal_length_a_esd      ? 
_cell.reciprocal_length_b_esd      ? 
_cell.reciprocal_length_c_esd      ? 
_cell.pdbx_unique_axis             ? 
# 
_symmetry.entry_id                         5BZR 
_symmetry.cell_setting                     ? 
_symmetry.Int_Tables_number                4 
_symmetry.space_group_name_Hall            ? 
_symmetry.space_group_name_H-M             'P 1 21 1' 
_symmetry.pdbx_full_space_group_name_H-M   ? 
# 
_exptl.absorpt_coefficient_mu     ? 
_exptl.absorpt_correction_T_max   ? 
_exptl.absorpt_correction_T_min   ? 
_exptl.absorpt_correction_type    ? 
_exptl.absorpt_process_details    ? 
_exptl.entry_id                   5BZR 
_exptl.crystals_number            1 
_exptl.details                    ? 
_exptl.method                     'X-RAY DIFFRACTION' 
_exptl.method_details             ? 
# 
_exptl_crystal.colour                      ? 
_exptl_crystal.density_diffrn              ? 
_exptl_crystal.density_Matthews            2.14 
_exptl_crystal.density_method              ? 
_exptl_crystal.density_percent_sol         42.63 
_exptl_crystal.description                 ? 
_exptl_crystal.F_000                       ? 
_exptl_crystal.id                          1 
_exptl_crystal.preparation                 ? 
_exptl_crystal.size_max                    ? 
_exptl_crystal.size_mid                    ? 
_exptl_crystal.size_min                    ? 
_exptl_crystal.size_rad                    ? 
_exptl_crystal.colour_lustre               ? 
_exptl_crystal.colour_modifier             ? 
_exptl_crystal.colour_primary              ? 
_exptl_crystal.density_meas                ? 
_exptl_crystal.density_meas_esd            ? 
_exptl_crystal.density_meas_gt             ? 
_exptl_crystal.density_meas_lt             ? 
_exptl_crystal.density_meas_temp           ? 
_exptl_crystal.density_meas_temp_esd       ? 
_exptl_crystal.density_meas_temp_gt        ? 
_exptl_crystal.density_meas_temp_lt        ? 
_exptl_crystal.pdbx_crystal_image_url      ? 
_exptl_crystal.pdbx_crystal_image_format   ? 
_exptl_crystal.pdbx_mosaicity              ? 
_exptl_crystal.pdbx_mosaicity_esd          ? 
# 
_exptl_crystal_grow.apparatus       ? 
_exptl_crystal_grow.atmosphere      ? 
_exptl_crystal_grow.crystal_id      1 
_exptl_crystal_grow.details         ? 
_exptl_crystal_grow.method          'VAPOR DIFFUSION, HANGING DROP' 
_exptl_crystal_grow.method_ref      ? 
_exptl_crystal_grow.pH              6.5 
_exptl_crystal_grow.pressure        ? 
_exptl_crystal_grow.pressure_esd    ? 
_exptl_crystal_grow.seeding         ? 
_exptl_crystal_grow.seeding_ref     ? 
_exptl_crystal_grow.temp            298 
_exptl_crystal_grow.temp_details    ? 
_exptl_crystal_grow.temp_esd        ? 
_exptl_crystal_grow.time            ? 
_exptl_crystal_grow.pdbx_details    'PEG MME 5000, MES, (NH4)2SO4' 
_exptl_crystal_grow.pdbx_pH_range   ? 
# 
_diffrn.ambient_environment    ? 
_diffrn.ambient_temp           100 
_diffrn.ambient_temp_details   ? 
_diffrn.ambient_temp_esd       ? 
_diffrn.crystal_id             1 
_diffrn.crystal_support        ? 
_diffrn.crystal_treatment      ? 
_diffrn.details                ? 
_diffrn.id                     1 
_diffrn.ambient_pressure       ? 
_diffrn.ambient_pressure_esd   ? 
_diffrn.ambient_pressure_gt    ? 
_diffrn.ambient_pressure_lt    ? 
_diffrn.ambient_temp_gt        ? 
_diffrn.ambient_temp_lt        ? 
# 
_diffrn_detector.details                      ? 
_diffrn_detector.detector                     PIXEL 
_diffrn_detector.diffrn_id                    1 
_diffrn_detector.type                         'DECTRIS PILATUS 6M' 
_diffrn_detector.area_resol_mean              ? 
_diffrn_detector.dtime                        ? 
_diffrn_detector.pdbx_frames_total            ? 
_diffrn_detector.pdbx_collection_time_total   ? 
_diffrn_detector.pdbx_collection_date         2013-12-15 
# 
_diffrn_radiation.collimation                      ? 
_diffrn_radiation.diffrn_id                        1 
_diffrn_radiation.filter_edge                      ? 
_diffrn_radiation.inhomogeneity                    ? 
_diffrn_radiation.monochromator                    'Si(111)' 
_diffrn_radiation.polarisn_norm                    ? 
_diffrn_radiation.polarisn_ratio                   ? 
_diffrn_radiation.probe                            ? 
_diffrn_radiation.type                             ? 
_diffrn_radiation.xray_symbol                      ? 
_diffrn_radiation.wavelength_id                    1 
_diffrn_radiation.pdbx_monochromatic_or_laue_m_l   M 
_diffrn_radiation.pdbx_wavelength_list             ? 
_diffrn_radiation.pdbx_wavelength                  ? 
_diffrn_radiation.pdbx_diffrn_protocol             'SINGLE WAVELENGTH' 
_diffrn_radiation.pdbx_analyzer                    ? 
_diffrn_radiation.pdbx_scattering_type             x-ray 
# 
_diffrn_radiation_wavelength.id           1 
_diffrn_radiation_wavelength.wavelength   1.000 
_diffrn_radiation_wavelength.wt           1.0 
# 
_diffrn_source.current                     ? 
_diffrn_source.details                     ? 
_diffrn_source.diffrn_id                   1 
_diffrn_source.power                       ? 
_diffrn_source.size                        ? 
_diffrn_source.source                      SYNCHROTRON 
_diffrn_source.target                      ? 
_diffrn_source.type                        'APS BEAMLINE 17-ID' 
_diffrn_source.voltage                     ? 
_diffrn_source.take-off_angle              ? 
_diffrn_source.pdbx_wavelength_list        1.000 
_diffrn_source.pdbx_wavelength             ? 
_diffrn_source.pdbx_synchrotron_beamline   17-ID 
_diffrn_source.pdbx_synchrotron_site       APS 
# 
_reflns.B_iso_Wilson_estimate            ? 
_reflns.entry_id                         5BZR 
_reflns.data_reduction_details           ? 
_reflns.data_reduction_method            ? 
_reflns.d_resolution_high                1.150 
_reflns.d_resolution_low                 40.856 
_reflns.details                          ? 
_reflns.limit_h_max                      ? 
_reflns.limit_h_min                      ? 
_reflns.limit_k_max                      ? 
_reflns.limit_k_min                      ? 
_reflns.limit_l_max                      ? 
_reflns.limit_l_min                      ? 
_reflns.number_all                       ? 
_reflns.number_obs                       47806 
_reflns.observed_criterion               ? 
_reflns.observed_criterion_F_max         ? 
_reflns.observed_criterion_F_min         ? 
_reflns.observed_criterion_I_max         ? 
_reflns.observed_criterion_I_min         ? 
_reflns.observed_criterion_sigma_F       ? 
_reflns.observed_criterion_sigma_I       ? 
_reflns.percent_possible_obs             95.800 
_reflns.R_free_details                   ? 
_reflns.Rmerge_F_all                     ? 
_reflns.Rmerge_F_obs                     ? 
_reflns.Friedel_coverage                 ? 
_reflns.number_gt                        ? 
_reflns.threshold_expression             ? 
_reflns.pdbx_redundancy                  3.400 
_reflns.pdbx_Rmerge_I_obs                0.059 
_reflns.pdbx_Rmerge_I_all                ? 
_reflns.pdbx_Rsym_value                  ? 
_reflns.pdbx_netI_over_av_sigmaI         ? 
_reflns.pdbx_netI_over_sigmaI            13.5 
_reflns.pdbx_res_netI_over_av_sigmaI_2   ? 
_reflns.pdbx_res_netI_over_sigmaI_2      ? 
_reflns.pdbx_chi_squared                 ? 
_reflns.pdbx_scaling_rejects             ? 
_reflns.pdbx_d_res_high_opt              ? 
_reflns.pdbx_d_res_low_opt               ? 
_reflns.pdbx_d_res_opt_method            ? 
_reflns.phase_calculation_details        ? 
_reflns.pdbx_Rrim_I_all                  ? 
_reflns.pdbx_Rpim_I_all                  ? 
_reflns.pdbx_d_opt                       ? 
_reflns.pdbx_number_measured_all         162378 
_reflns.pdbx_diffrn_id                   1 
_reflns.pdbx_ordinal                     1 
_reflns.pdbx_CC_half                     ? 
_reflns.pdbx_R_split                     ? 
# 
loop_
_reflns_shell.d_res_high 
_reflns_shell.d_res_low 
_reflns_shell.meanI_over_sigI_all 
_reflns_shell.meanI_over_sigI_obs 
_reflns_shell.number_measured_all 
_reflns_shell.number_measured_obs 
_reflns_shell.number_possible 
_reflns_shell.number_unique_all 
_reflns_shell.number_unique_obs 
_reflns_shell.percent_possible_all 
_reflns_shell.percent_possible_obs 
_reflns_shell.Rmerge_F_all 
_reflns_shell.Rmerge_F_obs 
_reflns_shell.Rmerge_I_all 
_reflns_shell.Rmerge_I_obs 
_reflns_shell.meanI_over_sigI_gt 
_reflns_shell.meanI_over_uI_all 
_reflns_shell.meanI_over_uI_gt 
_reflns_shell.number_measured_gt 
_reflns_shell.number_unique_gt 
_reflns_shell.percent_possible_gt 
_reflns_shell.Rmerge_F_gt 
_reflns_shell.Rmerge_I_gt 
_reflns_shell.pdbx_redundancy 
_reflns_shell.pdbx_Rsym_value 
_reflns_shell.pdbx_chi_squared 
_reflns_shell.pdbx_netI_over_sigmaI_all 
_reflns_shell.pdbx_netI_over_sigmaI_obs 
_reflns_shell.pdbx_Rrim_I_all 
_reflns_shell.pdbx_Rpim_I_all 
_reflns_shell.pdbx_rejects 
_reflns_shell.pdbx_ordinal 
_reflns_shell.pdbx_diffrn_id 
_reflns_shell.pdbx_CC_half 
_reflns_shell.pdbx_R_split 
1.150 1.154  ? ? 1476 ? ? 436 ? 87.200 ? ? ? ? 0.354 ? ? ? ? ? ? ? ? 3.400 ? ? ? ? ? ? 0 1 1 ? ? 
5.334 40.856 ? ? 1481 ? ? 505 ? 96.900 ? ? ? ? 0.037 ? ? ? ? ? ? ? ? 2.900 ? ? ? ? ? ? 0 2 1 ? ? 
# 
_refine.aniso_B[1][1]                            -0.1700 
_refine.aniso_B[1][2]                            -0.0000 
_refine.aniso_B[1][3]                            -0.2500 
_refine.aniso_B[2][2]                            0.1100 
_refine.aniso_B[2][3]                            -0.0000 
_refine.aniso_B[3][3]                            -0.1800 
_refine.B_iso_max                                36.600 
_refine.B_iso_mean                               11.0980 
_refine.B_iso_min                                2.880 
_refine.correlation_coeff_Fo_to_Fc               0.9640 
_refine.correlation_coeff_Fo_to_Fc_free          0.9580 
_refine.details                                  
'HYDROGENS HAVE BEEN ADDED IN THE RIDING POSITIONS U VALUES      : REFINED INDIVIDUALLY' 
_refine.diff_density_max                         ? 
_refine.diff_density_max_esd                     ? 
_refine.diff_density_min                         ? 
_refine.diff_density_min_esd                     ? 
_refine.diff_density_rms                         ? 
_refine.diff_density_rms_esd                     ? 
_refine.entry_id                                 5BZR 
_refine.pdbx_refine_id                           'X-RAY DIFFRACTION' 
_refine.ls_abs_structure_details                 ? 
_refine.ls_abs_structure_Flack                   ? 
_refine.ls_abs_structure_Flack_esd               ? 
_refine.ls_abs_structure_Rogers                  ? 
_refine.ls_abs_structure_Rogers_esd              ? 
_refine.ls_d_res_high                            1.1500 
_refine.ls_d_res_low                             40.856 
_refine.ls_extinction_coef                       ? 
_refine.ls_extinction_coef_esd                   ? 
_refine.ls_extinction_expression                 ? 
_refine.ls_extinction_method                     ? 
_refine.ls_goodness_of_fit_all                   ? 
_refine.ls_goodness_of_fit_all_esd               ? 
_refine.ls_goodness_of_fit_obs                   ? 
_refine.ls_goodness_of_fit_obs_esd               ? 
_refine.ls_hydrogen_treatment                    ? 
_refine.ls_matrix_type                           ? 
_refine.ls_number_constraints                    ? 
_refine.ls_number_parameters                     ? 
_refine.ls_number_reflns_all                     ? 
_refine.ls_number_reflns_obs                     45492 
_refine.ls_number_reflns_R_free                  2279 
_refine.ls_number_reflns_R_work                  ? 
_refine.ls_number_restraints                     ? 
_refine.ls_percent_reflns_obs                    95.7600 
_refine.ls_percent_reflns_R_free                 4.8000 
_refine.ls_R_factor_all                          ? 
_refine.ls_R_factor_obs                          0.1772 
_refine.ls_R_factor_R_free                       0.1880 
_refine.ls_R_factor_R_free_error                 ? 
_refine.ls_R_factor_R_free_error_details         ? 
_refine.ls_R_factor_R_work                       0.1767 
_refine.ls_R_Fsqd_factor_obs                     ? 
_refine.ls_R_I_factor_obs                        ? 
_refine.ls_redundancy_reflns_all                 ? 
_refine.ls_redundancy_reflns_obs                 ? 
_refine.ls_restrained_S_all                      ? 
_refine.ls_restrained_S_obs                      ? 
_refine.ls_shift_over_esd_max                    ? 
_refine.ls_shift_over_esd_mean                   ? 
_refine.ls_structure_factor_coef                 ? 
_refine.ls_weighting_details                     ? 
_refine.ls_weighting_scheme                      ? 
_refine.ls_wR_factor_all                         ? 
_refine.ls_wR_factor_obs                         ? 
_refine.ls_wR_factor_R_free                      0.1929 
_refine.ls_wR_factor_R_work                      0.1816 
_refine.occupancy_max                            ? 
_refine.occupancy_min                            ? 
_refine.solvent_model_details                    MASK 
_refine.solvent_model_param_bsol                 ? 
_refine.solvent_model_param_ksol                 ? 
_refine.ls_R_factor_gt                           ? 
_refine.ls_goodness_of_fit_gt                    ? 
_refine.ls_goodness_of_fit_ref                   ? 
_refine.ls_shift_over_su_max                     ? 
_refine.ls_shift_over_su_max_lt                  ? 
_refine.ls_shift_over_su_mean                    ? 
_refine.ls_shift_over_su_mean_lt                 ? 
_refine.pdbx_ls_sigma_I                          ? 
_refine.pdbx_ls_sigma_F                          0.000 
_refine.pdbx_ls_sigma_Fsqd                       ? 
_refine.pdbx_data_cutoff_high_absF               ? 
_refine.pdbx_data_cutoff_high_rms_absF           ? 
_refine.pdbx_data_cutoff_low_absF                ? 
_refine.pdbx_isotropic_thermal_model             ? 
_refine.pdbx_ls_cross_valid_method               THROUGHOUT 
_refine.pdbx_method_to_determine_struct          'MOLECULAR REPLACEMENT' 
_refine.pdbx_starting_model                      ? 
_refine.pdbx_stereochemistry_target_values       'MAXIMUM LIKELIHOOD' 
_refine.pdbx_R_Free_selection_details            RANDOM 
_refine.pdbx_stereochem_target_val_spec_case     ? 
_refine.pdbx_overall_ESU_R                       0.0390 
_refine.pdbx_overall_ESU_R_Free                  0.0390 
_refine.pdbx_solvent_vdw_probe_radii             1.4000 
_refine.pdbx_solvent_ion_probe_radii             0.8000 
_refine.pdbx_solvent_shrinkage_radii             0.8000 
_refine.pdbx_real_space_R                        ? 
_refine.pdbx_density_correlation                 ? 
_refine.pdbx_pd_number_of_powder_patterns        ? 
_refine.pdbx_pd_number_of_points                 ? 
_refine.pdbx_pd_meas_number_of_points            ? 
_refine.pdbx_pd_proc_ls_prof_R_factor            ? 
_refine.pdbx_pd_proc_ls_prof_wR_factor           ? 
_refine.pdbx_pd_Marquardt_correlation_coeff      ? 
_refine.pdbx_pd_Fsqrd_R_factor                   ? 
_refine.pdbx_pd_ls_matrix_band_width             ? 
_refine.pdbx_overall_phase_error                 ? 
_refine.pdbx_overall_SU_R_free_Cruickshank_DPI   ? 
_refine.pdbx_overall_SU_R_free_Blow_DPI          ? 
_refine.pdbx_overall_SU_R_Blow_DPI               ? 
_refine.pdbx_TLS_residual_ADP_flag               ? 
_refine.pdbx_diffrn_id                           1 
_refine.overall_SU_B                             0.5010 
_refine.overall_SU_ML                            0.0240 
_refine.overall_SU_R_Cruickshank_DPI             0.0392 
_refine.overall_SU_R_free                        0.0391 
_refine.overall_FOM_free_R_set                   ? 
_refine.overall_FOM_work_R_set                   0.8971 
_refine.pdbx_average_fsc_overall                 ? 
_refine.pdbx_average_fsc_work                    ? 
_refine.pdbx_average_fsc_free                    ? 
# 
_refine_hist.cycle_id                         final 
_refine_hist.pdbx_refine_id                   'X-RAY DIFFRACTION' 
_refine_hist.d_res_high                       1.1500 
_refine_hist.d_res_low                        40.856 
_refine_hist.pdbx_number_atoms_ligand         31 
_refine_hist.number_atoms_solvent             117 
_refine_hist.number_atoms_total               1319 
_refine_hist.pdbx_number_residues_total       150 
_refine_hist.pdbx_B_iso_mean_ligand           23.10 
_refine_hist.pdbx_B_iso_mean_solvent          18.63 
_refine_hist.pdbx_number_atoms_protein        1171 
_refine_hist.pdbx_number_atoms_nucleic_acid   0 
# 
loop_
_refine_ls_restr.pdbx_refine_id 
_refine_ls_restr.criterion 
_refine_ls_restr.dev_ideal 
_refine_ls_restr.dev_ideal_target 
_refine_ls_restr.number 
_refine_ls_restr.rejects 
_refine_ls_restr.type 
_refine_ls_restr.weight 
_refine_ls_restr.pdbx_restraint_function 
'X-RAY DIFFRACTION' ? 0.010  0.022  1317 ? r_bond_refined_d       ? ? 
'X-RAY DIFFRACTION' ? 1.359  1.959  1803 ? r_angle_refined_deg    ? ? 
'X-RAY DIFFRACTION' ? 7.029  5.000  167  ? r_dihedral_angle_1_deg ? ? 
'X-RAY DIFFRACTION' ? 32.675 24.000 65   ? r_dihedral_angle_2_deg ? ? 
'X-RAY DIFFRACTION' ? 10.618 15.000 205  ? r_dihedral_angle_3_deg ? ? 
'X-RAY DIFFRACTION' ? 20.066 15.000 10   ? r_dihedral_angle_4_deg ? ? 
'X-RAY DIFFRACTION' ? 0.090  0.200  196  ? r_chiral_restr         ? ? 
'X-RAY DIFFRACTION' ? 0.007  0.021  1039 ? r_gen_planes_refined   ? ? 
'X-RAY DIFFRACTION' ? 0.717  1.500  802  ? r_mcbond_it            ? ? 
'X-RAY DIFFRACTION' ? 1.319  2.000  1319 ? r_mcangle_it           ? ? 
'X-RAY DIFFRACTION' ? 2.027  3.000  515  ? r_scbond_it            ? ? 
'X-RAY DIFFRACTION' ? 3.234  4.500  484  ? r_scangle_it           ? ? 
# 
_refine_ls_shell.pdbx_refine_id                   'X-RAY DIFFRACTION' 
_refine_ls_shell.d_res_high                       1.1500 
_refine_ls_shell.d_res_low                        1.1800 
_refine_ls_shell.number_reflns_all                3345 
_refine_ls_shell.number_reflns_obs                ? 
_refine_ls_shell.number_reflns_R_free             169 
_refine_ls_shell.number_reflns_R_work             3176 
_refine_ls_shell.percent_reflns_obs               91.2700 
_refine_ls_shell.percent_reflns_R_free            ? 
_refine_ls_shell.R_factor_all                     ? 
_refine_ls_shell.R_factor_obs                     ? 
_refine_ls_shell.R_factor_R_free                  0.2460 
_refine_ls_shell.R_factor_R_free_error            ? 
_refine_ls_shell.R_factor_R_work                  0.2360 
_refine_ls_shell.redundancy_reflns_all            ? 
_refine_ls_shell.redundancy_reflns_obs            ? 
_refine_ls_shell.wR_factor_all                    ? 
_refine_ls_shell.wR_factor_obs                    ? 
_refine_ls_shell.wR_factor_R_free                 ? 
_refine_ls_shell.wR_factor_R_work                 ? 
_refine_ls_shell.pdbx_total_number_of_bins_used   20 
_refine_ls_shell.pdbx_phase_error                 ? 
_refine_ls_shell.pdbx_fsc_work                    ? 
_refine_ls_shell.pdbx_fsc_free                    ? 
# 
_struct.entry_id                     5BZR 
_struct.title                        'Crystal structure of the murine cd44 hyaluronan binding domain complex with a small molecule' 
_struct.pdbx_model_details           ? 
_struct.pdbx_formula_weight          ? 
_struct.pdbx_formula_weight_method   ? 
_struct.pdbx_model_type_details      ? 
_struct.pdbx_CASP_flag               ? 
# 
_struct_keywords.entry_id        5BZR 
_struct_keywords.text            'Link module, PROTEIN BINDING' 
_struct_keywords.pdbx_keywords   'PROTEIN BINDING' 
# 
loop_
_struct_asym.id 
_struct_asym.pdbx_blank_PDB_chainid_flag 
_struct_asym.pdbx_modified 
_struct_asym.entity_id 
_struct_asym.details 
A N N 1 ? 
B N N 2 ? 
C N N 3 ? 
D N N 4 ? 
E N N 5 ? 
# 
_struct_ref.id                         1 
_struct_ref.db_name                    UNP 
_struct_ref.db_code                    CD44_MOUSE 
_struct_ref.pdbx_db_accession          P15379 
_struct_ref.pdbx_db_isoform            ? 
_struct_ref.entity_id                  1 
_struct_ref.pdbx_seq_one_letter_code   
;HQQIDLNVTCRYAGVFHVEKNGRYSISRTEAADLCQAFNSTLPTMDQMKLALSKGFETCRYGFIEGNVVIPRIHPNAICA
ANHTGVYILVTSNTSHYDTYCFNASAPPEEDCTSVTDLPNSFDGPVTITIVNRDGTRYSKKGEYRTHQEDI
;
_struct_ref.pdbx_align_begin           21 
# 
_struct_ref_seq.align_id                      1 
_struct_ref_seq.ref_id                        1 
_struct_ref_seq.pdbx_PDB_id_code              5BZR 
_struct_ref_seq.pdbx_strand_id                A 
_struct_ref_seq.seq_align_beg                 1 
_struct_ref_seq.pdbx_seq_align_beg_ins_code   ? 
_struct_ref_seq.seq_align_end                 151 
_struct_ref_seq.pdbx_seq_align_end_ins_code   ? 
_struct_ref_seq.pdbx_db_accession             P15379 
_struct_ref_seq.db_align_beg                  21 
_struct_ref_seq.pdbx_db_align_beg_ins_code    ? 
_struct_ref_seq.db_align_end                  171 
_struct_ref_seq.pdbx_db_align_end_ins_code    ? 
_struct_ref_seq.pdbx_auth_seq_align_beg       23 
_struct_ref_seq.pdbx_auth_seq_align_end       173 
# 
loop_
_struct_ref_seq_dif.align_id 
_struct_ref_seq_dif.pdbx_pdb_id_code 
_struct_ref_seq_dif.mon_id 
_struct_ref_seq_dif.pdbx_pdb_strand_id 
_struct_ref_seq_dif.seq_num 
_struct_ref_seq_dif.pdbx_pdb_ins_code 
_struct_ref_seq_dif.pdbx_seq_db_name 
_struct_ref_seq_dif.pdbx_seq_db_accession_code 
_struct_ref_seq_dif.db_mon_id 
_struct_ref_seq_dif.pdbx_seq_db_seq_num 
_struct_ref_seq_dif.details 
_struct_ref_seq_dif.pdbx_auth_seq_num 
_struct_ref_seq_dif.pdbx_ordinal 
1 5BZR MET A 1 ? UNP P15379 HIS 21 'engineered mutation' 23 1 
1 5BZR ASN A 2 ? UNP P15379 GLN 22 'engineered mutation' 24 2 
# 
_pdbx_struct_assembly.id                   1 
_pdbx_struct_assembly.details              author_and_software_defined_assembly 
_pdbx_struct_assembly.method_details       PISA 
_pdbx_struct_assembly.oligomeric_details   monomeric 
_pdbx_struct_assembly.oligomeric_count     1 
# 
_pdbx_struct_assembly_gen.assembly_id       1 
_pdbx_struct_assembly_gen.oper_expression   1 
_pdbx_struct_assembly_gen.asym_id_list      A,B,C,D,E 
# 
_pdbx_struct_oper_list.id                   1 
_pdbx_struct_oper_list.type                 'identity operation' 
_pdbx_struct_oper_list.name                 1_555 
_pdbx_struct_oper_list.symmetry_operation   x,y,z 
_pdbx_struct_oper_list.matrix[1][1]         1.0000000000 
_pdbx_struct_oper_list.matrix[1][2]         0.0000000000 
_pdbx_struct_oper_list.matrix[1][3]         0.0000000000 
_pdbx_struct_oper_list.vector[1]            0.0000000000 
_pdbx_struct_oper_list.matrix[2][1]         0.0000000000 
_pdbx_struct_oper_list.matrix[2][2]         1.0000000000 
_pdbx_struct_oper_list.matrix[2][3]         0.0000000000 
_pdbx_struct_oper_list.vector[2]            0.0000000000 
_pdbx_struct_oper_list.matrix[3][1]         0.0000000000 
_pdbx_struct_oper_list.matrix[3][2]         0.0000000000 
_pdbx_struct_oper_list.matrix[3][3]         1.0000000000 
_pdbx_struct_oper_list.vector[3]            0.0000000000 
# 
loop_
_struct_conf.conf_type_id 
_struct_conf.id 
_struct_conf.pdbx_PDB_helix_id 
_struct_conf.beg_label_comp_id 
_struct_conf.beg_label_asym_id 
_struct_conf.beg_label_seq_id 
_struct_conf.pdbx_beg_PDB_ins_code 
_struct_conf.end_label_comp_id 
_struct_conf.end_label_asym_id 
_struct_conf.end_label_seq_id 
_struct_conf.pdbx_end_PDB_ins_code 
_struct_conf.beg_auth_comp_id 
_struct_conf.beg_auth_asym_id 
_struct_conf.beg_auth_seq_id 
_struct_conf.end_auth_comp_id 
_struct_conf.end_auth_asym_id 
_struct_conf.end_auth_seq_id 
_struct_conf.pdbx_PDB_helix_class 
_struct_conf.details 
_struct_conf.pdbx_PDB_helix_length 
HELX_P HELX_P1 AA1 SER A 27  ? PHE A 38  ? SER A 49  PHE A 60  1 ? 12 
HELX_P HELX_P2 AA2 THR A 44  ? LYS A 54  ? THR A 66  LYS A 76  1 ? 11 
HELX_P HELX_P3 AA3 CYS A 79  ? HIS A 83  ? CYS A 101 HIS A 105 5 ? 5  
HELX_P HELX_P4 AA4 HIS A 147 ? ILE A 151 ? HIS A 169 ILE A 173 5 ? 5  
# 
_struct_conf_type.id          HELX_P 
_struct_conf_type.criteria    ? 
_struct_conf_type.reference   ? 
# 
loop_
_struct_conn.id 
_struct_conn.conn_type_id 
_struct_conn.pdbx_leaving_atom_flag 
_struct_conn.pdbx_PDB_id 
_struct_conn.ptnr1_label_asym_id 
_struct_conn.ptnr1_label_comp_id 
_struct_conn.ptnr1_label_seq_id 
_struct_conn.ptnr1_label_atom_id 
_struct_conn.pdbx_ptnr1_label_alt_id 
_struct_conn.pdbx_ptnr1_PDB_ins_code 
_struct_conn.pdbx_ptnr1_standard_comp_id 
_struct_conn.ptnr1_symmetry 
_struct_conn.ptnr2_label_asym_id 
_struct_conn.ptnr2_label_comp_id 
_struct_conn.ptnr2_label_seq_id 
_struct_conn.ptnr2_label_atom_id 
_struct_conn.pdbx_ptnr2_label_alt_id 
_struct_conn.pdbx_ptnr2_PDB_ins_code 
_struct_conn.ptnr1_auth_asym_id 
_struct_conn.ptnr1_auth_comp_id 
_struct_conn.ptnr1_auth_seq_id 
_struct_conn.ptnr2_auth_asym_id 
_struct_conn.ptnr2_auth_comp_id 
_struct_conn.ptnr2_auth_seq_id 
_struct_conn.ptnr2_symmetry 
_struct_conn.pdbx_ptnr3_label_atom_id 
_struct_conn.pdbx_ptnr3_label_seq_id 
_struct_conn.pdbx_ptnr3_label_comp_id 
_struct_conn.pdbx_ptnr3_label_asym_id 
_struct_conn.pdbx_ptnr3_label_alt_id 
_struct_conn.pdbx_ptnr3_PDB_ins_code 
_struct_conn.details 
_struct_conn.pdbx_dist_value 
_struct_conn.pdbx_value_order 
_struct_conn.pdbx_role 
disulf1 disulf ? ? A CYS 10 SG ? ? ? 1_555 A CYS 112 SG ? ? A CYS 32 A CYS 134 1_555 ? ? ? ? ? ? ? 2.051 ? ? 
disulf2 disulf ? ? A CYS 35 SG ? ? ? 1_555 A CYS 101 SG ? ? A CYS 57 A CYS 123 1_555 ? ? ? ? ? ? ? 2.084 ? ? 
disulf3 disulf ? ? A CYS 59 SG ? ? ? 1_555 A CYS 79  SG ? ? A CYS 81 A CYS 101 1_555 ? ? ? ? ? ? ? 2.039 ? ? 
# 
_struct_conn_type.id          disulf 
_struct_conn_type.criteria    ? 
_struct_conn_type.reference   ? 
# 
loop_
_pdbx_modification_feature.ordinal 
_pdbx_modification_feature.label_comp_id 
_pdbx_modification_feature.label_asym_id 
_pdbx_modification_feature.label_seq_id 
_pdbx_modification_feature.label_alt_id 
_pdbx_modification_feature.modified_residue_label_comp_id 
_pdbx_modification_feature.modified_residue_label_asym_id 
_pdbx_modification_feature.modified_residue_label_seq_id 
_pdbx_modification_feature.modified_residue_label_alt_id 
_pdbx_modification_feature.auth_comp_id 
_pdbx_modification_feature.auth_asym_id 
_pdbx_modification_feature.auth_seq_id 
_pdbx_modification_feature.PDB_ins_code 
_pdbx_modification_feature.symmetry 
_pdbx_modification_feature.modified_residue_auth_comp_id 
_pdbx_modification_feature.modified_residue_auth_asym_id 
_pdbx_modification_feature.modified_residue_auth_seq_id 
_pdbx_modification_feature.modified_residue_PDB_ins_code 
_pdbx_modification_feature.modified_residue_symmetry 
_pdbx_modification_feature.comp_id_linking_atom 
_pdbx_modification_feature.modified_residue_id_linking_atom 
_pdbx_modification_feature.modified_residue_id 
_pdbx_modification_feature.ref_pcm_id 
_pdbx_modification_feature.ref_comp_id 
_pdbx_modification_feature.type 
_pdbx_modification_feature.category 
1 CYS A 10 ? CYS A 112 ? CYS A 32 ? 1_555 CYS A 134 ? 1_555 SG SG . . . None 'Disulfide bridge' 
2 CYS A 35 ? CYS A 101 ? CYS A 57 ? 1_555 CYS A 123 ? 1_555 SG SG . . . None 'Disulfide bridge' 
3 CYS A 59 ? CYS A 79  ? CYS A 81 ? 1_555 CYS A 101 ? 1_555 SG SG . . . None 'Disulfide bridge' 
# 
loop_
_struct_sheet.id 
_struct_sheet.type 
_struct_sheet.number_strands 
_struct_sheet.details 
AA1 ? 8 ? 
AA2 ? 2 ? 
# 
loop_
_struct_sheet_order.sheet_id 
_struct_sheet_order.range_id_1 
_struct_sheet_order.range_id_2 
_struct_sheet_order.offset 
_struct_sheet_order.sense 
AA1 1 2 ? anti-parallel 
AA1 2 3 ? anti-parallel 
AA1 3 4 ? parallel      
AA1 4 5 ? anti-parallel 
AA1 5 6 ? anti-parallel 
AA1 6 7 ? parallel      
AA1 7 8 ? anti-parallel 
AA2 1 2 ? anti-parallel 
# 
loop_
_struct_sheet_range.sheet_id 
_struct_sheet_range.id 
_struct_sheet_range.beg_label_comp_id 
_struct_sheet_range.beg_label_asym_id 
_struct_sheet_range.beg_label_seq_id 
_struct_sheet_range.pdbx_beg_PDB_ins_code 
_struct_sheet_range.end_label_comp_id 
_struct_sheet_range.end_label_asym_id 
_struct_sheet_range.end_label_seq_id 
_struct_sheet_range.pdbx_end_PDB_ins_code 
_struct_sheet_range.beg_auth_comp_id 
_struct_sheet_range.beg_auth_asym_id 
_struct_sheet_range.beg_auth_seq_id 
_struct_sheet_range.end_auth_comp_id 
_struct_sheet_range.end_auth_asym_id 
_struct_sheet_range.end_auth_seq_id 
AA1 1 GLY A 85  ? ILE A 88  ? GLY A 107 ILE A 110 
AA1 2 VAL A 68  ? ARG A 72  ? VAL A 90  ARG A 94  
AA1 3 GLY A 62  ? PHE A 63  ? GLY A 84  PHE A 85  
AA1 4 ASP A 98  ? PHE A 102 ? ASP A 120 PHE A 124 
AA1 5 VAL A 15  ? LYS A 20  ? VAL A 37  LYS A 42  
AA1 6 GLN A 3   ? VAL A 8   ? GLN A 25  VAL A 30  
AA1 7 PHE A 122 ? ASN A 132 ? PHE A 144 ASN A 154 
AA1 8 ARG A 137 ? GLU A 143 ? ARG A 159 GLU A 165 
AA2 1 ARG A 11  ? TYR A 12  ? ARG A 33  TYR A 34  
AA2 2 GLU A 110 ? ASP A 111 ? GLU A 132 ASP A 133 
# 
loop_
_pdbx_struct_sheet_hbond.sheet_id 
_pdbx_struct_sheet_hbond.range_id_1 
_pdbx_struct_sheet_hbond.range_id_2 
_pdbx_struct_sheet_hbond.range_1_label_atom_id 
_pdbx_struct_sheet_hbond.range_1_label_comp_id 
_pdbx_struct_sheet_hbond.range_1_label_asym_id 
_pdbx_struct_sheet_hbond.range_1_label_seq_id 
_pdbx_struct_sheet_hbond.range_1_PDB_ins_code 
_pdbx_struct_sheet_hbond.range_1_auth_atom_id 
_pdbx_struct_sheet_hbond.range_1_auth_comp_id 
_pdbx_struct_sheet_hbond.range_1_auth_asym_id 
_pdbx_struct_sheet_hbond.range_1_auth_seq_id 
_pdbx_struct_sheet_hbond.range_2_label_atom_id 
_pdbx_struct_sheet_hbond.range_2_label_comp_id 
_pdbx_struct_sheet_hbond.range_2_label_asym_id 
_pdbx_struct_sheet_hbond.range_2_label_seq_id 
_pdbx_struct_sheet_hbond.range_2_PDB_ins_code 
_pdbx_struct_sheet_hbond.range_2_auth_atom_id 
_pdbx_struct_sheet_hbond.range_2_auth_comp_id 
_pdbx_struct_sheet_hbond.range_2_auth_asym_id 
_pdbx_struct_sheet_hbond.range_2_auth_seq_id 
AA1 1 2 O GLY A 85  ? O GLY A 107 N ARG A 72  ? N ARG A 94  
AA1 2 3 O VAL A 69  ? O VAL A 91  N GLY A 62  ? N GLY A 84  
AA1 3 4 N PHE A 63  ? N PHE A 85  O TYR A 100 ? O TYR A 122 
AA1 4 5 O THR A 99  ? O THR A 121 N VAL A 18  ? N VAL A 40  
AA1 5 6 O GLU A 19  ? O GLU A 41  N ASN A 7   ? N ASN A 29  
AA1 6 7 N LEU A 6   ? N LEU A 28  O THR A 129 ? O THR A 151 
AA1 7 8 N ILE A 130 ? N ILE A 152 O TYR A 138 ? O TYR A 160 
AA2 1 2 N ARG A 11  ? N ARG A 33  O ASP A 111 ? O ASP A 133 
# 
loop_
_struct_site.id 
_struct_site.pdbx_evidence_code 
_struct_site.pdbx_auth_asym_id 
_struct_site.pdbx_auth_comp_id 
_struct_site.pdbx_auth_seq_id 
_struct_site.pdbx_auth_ins_code 
_struct_site.pdbx_num_residues 
_struct_site.details 
AC1 Software A DMS 201 ? 9  'binding site for residue DMS A 201' 
AC2 Software A 4XM 202 ? 13 'binding site for residue 4XM A 202' 
AC3 Software A GOL 203 ? 7  'binding site for residue GOL A 203' 
# 
loop_
_struct_site_gen.id 
_struct_site_gen.site_id 
_struct_site_gen.pdbx_num_res 
_struct_site_gen.label_comp_id 
_struct_site_gen.label_asym_id 
_struct_site_gen.label_seq_id 
_struct_site_gen.pdbx_auth_ins_code 
_struct_site_gen.auth_comp_id 
_struct_site_gen.auth_asym_id 
_struct_site_gen.auth_seq_id 
_struct_site_gen.label_atom_id 
_struct_site_gen.label_alt_id 
_struct_site_gen.symmetry 
_struct_site_gen.details 
1  AC1 9  CYS A 10  ? CYS A 32  . ? 1_555 ? 
2  AC1 9  ASN A 67  ? ASN A 89  . ? 1_554 ? 
3  AC1 9  CYS A 112 ? CYS A 134 . ? 1_555 ? 
4  AC1 9  THR A 113 ? THR A 135 . ? 1_555 ? 
5  AC1 9  SER A 114 ? SER A 136 . ? 1_555 ? 
6  AC1 9  ARG A 133 ? ARG A 155 . ? 1_555 ? 
7  AC1 9  ASP A 134 ? ASP A 156 . ? 1_555 ? 
8  AC1 9  HOH E .   ? HOH A 313 . ? 1_555 ? 
9  AC1 9  HOH E .   ? HOH A 336 . ? 1_555 ? 
10 AC2 13 ASN A 7   ? ASN A 29  . ? 1_555 ? 
11 AC2 13 VAL A 8   ? VAL A 30  . ? 1_555 ? 
12 AC2 13 THR A 9   ? THR A 31  . ? 1_555 ? 
13 AC2 13 GLU A 19  ? GLU A 41  . ? 1_555 ? 
14 AC2 13 ASP A 46  ? ASP A 68  . ? 1_655 ? 
15 AC2 13 CYS A 59  ? CYS A 81  . ? 1_555 ? 
16 AC2 13 VAL A 131 ? VAL A 153 . ? 1_555 ? 
17 AC2 13 ASN A 132 ? ASN A 154 . ? 1_555 ? 
18 AC2 13 ARG A 133 ? ARG A 155 . ? 1_555 ? 
19 AC2 13 HOH E .   ? HOH A 317 . ? 1_555 ? 
20 AC2 13 HOH E .   ? HOH A 358 . ? 1_555 ? 
21 AC2 13 HOH E .   ? HOH A 377 . ? 1_555 ? 
22 AC2 13 HOH E .   ? HOH A 404 . ? 1_555 ? 
23 AC3 7  TYR A 24  ? TYR A 46  . ? 1_555 ? 
24 AC3 7  CYS A 59  ? CYS A 81  . ? 1_555 ? 
25 AC3 7  ILE A 70  ? ILE A 92  . ? 1_555 ? 
26 AC3 7  ILE A 78  ? ILE A 100 . ? 1_555 ? 
27 AC3 7  ALA A 80  ? ALA A 102 . ? 1_555 ? 
28 AC3 7  GLU A 109 ? GLU A 131 . ? 1_656 ? 
29 AC3 7  HOH E .   ? HOH A 310 . ? 1_555 ? 
# 
_pdbx_entry_details.entry_id                   5BZR 
_pdbx_entry_details.compound_details           ? 
_pdbx_entry_details.source_details             ? 
_pdbx_entry_details.nonpolymer_details         ? 
_pdbx_entry_details.sequence_details           ? 
_pdbx_entry_details.has_ligand_of_interest     ? 
_pdbx_entry_details.has_protein_modification   Y 
# 
_pdbx_validate_close_contact.id               1 
_pdbx_validate_close_contact.PDB_model_num    1 
_pdbx_validate_close_contact.auth_atom_id_1   O 
_pdbx_validate_close_contact.auth_asym_id_1   A 
_pdbx_validate_close_contact.auth_comp_id_1   HOH 
_pdbx_validate_close_contact.auth_seq_id_1    345 
_pdbx_validate_close_contact.PDB_ins_code_1   ? 
_pdbx_validate_close_contact.label_alt_id_1   ? 
_pdbx_validate_close_contact.auth_atom_id_2   O 
_pdbx_validate_close_contact.auth_asym_id_2   A 
_pdbx_validate_close_contact.auth_comp_id_2   HOH 
_pdbx_validate_close_contact.auth_seq_id_2    363 
_pdbx_validate_close_contact.PDB_ins_code_2   ? 
_pdbx_validate_close_contact.label_alt_id_2   ? 
_pdbx_validate_close_contact.dist             2.06 
# 
loop_
_pdbx_validate_torsion.id 
_pdbx_validate_torsion.PDB_model_num 
_pdbx_validate_torsion.auth_comp_id 
_pdbx_validate_torsion.auth_asym_id 
_pdbx_validate_torsion.auth_seq_id 
_pdbx_validate_torsion.PDB_ins_code 
_pdbx_validate_torsion.label_alt_id 
_pdbx_validate_torsion.phi 
_pdbx_validate_torsion.psi 
1 1 CYS A 32  ? ? -47.51  152.07  
2 1 SER A 47  ? ? -156.64 13.11   
3 1 GLU A 131 ? ? -118.98 -131.39 
# 
_phasing.method   MR 
# 
_pdbx_unobs_or_zero_occ_residues.id               1 
_pdbx_unobs_or_zero_occ_residues.PDB_model_num    1 
_pdbx_unobs_or_zero_occ_residues.polymer_flag     Y 
_pdbx_unobs_or_zero_occ_residues.occupancy_flag   1 
_pdbx_unobs_or_zero_occ_residues.auth_asym_id     A 
_pdbx_unobs_or_zero_occ_residues.auth_comp_id     MET 
_pdbx_unobs_or_zero_occ_residues.auth_seq_id      23 
_pdbx_unobs_or_zero_occ_residues.PDB_ins_code     ? 
_pdbx_unobs_or_zero_occ_residues.label_asym_id    A 
_pdbx_unobs_or_zero_occ_residues.label_comp_id    MET 
_pdbx_unobs_or_zero_occ_residues.label_seq_id     1 
# 
loop_
_chem_comp_atom.comp_id 
_chem_comp_atom.atom_id 
_chem_comp_atom.type_symbol 
_chem_comp_atom.pdbx_aromatic_flag 
_chem_comp_atom.pdbx_stereo_config 
_chem_comp_atom.pdbx_ordinal 
4XM CAM  C N N 1   
4XM CAI  C N N 2   
4XM CAR  C Y N 3   
4XM CAD  C Y N 4   
4XM CAB  C Y N 5   
4XM CAC  C Y N 6   
4XM CAQ  C Y N 7   
4XM NAA  N N N 8   
4XM CAS  C Y N 9   
4XM CAN  C N N 10  
4XM NAU  N N N 11  
4XM CAL  C N N 12  
4XM CAE  C N N 13  
4XM CAF  C N N 14  
4XM OAP  O N N 15  
4XM CAT  C N N 16  
4XM CAJ  C N N 17  
4XM CAG  C N N 18  
4XM OAO  O N N 19  
4XM CAH  C N N 20  
4XM CAK  C N N 21  
4XM H1   H N N 22  
4XM H2   H N N 23  
4XM H3   H N N 24  
4XM H4   H N N 25  
4XM H5   H N N 26  
4XM H6   H N N 27  
4XM H7   H N N 28  
4XM H8   H N N 29  
4XM H9   H N N 30  
4XM H10  H N N 31  
4XM H11  H N N 32  
4XM H13  H N N 33  
4XM H14  H N N 34  
4XM H15  H N N 35  
4XM H16  H N N 36  
4XM H17  H N N 37  
4XM H18  H N N 38  
4XM H19  H N N 39  
4XM H20  H N N 40  
4XM H21  H N N 41  
4XM H22  H N N 42  
4XM H23  H N N 43  
4XM H24  H N N 44  
4XM H25  H N N 45  
4XM H26  H N N 46  
4XM H27  H N N 47  
ALA N    N N N 48  
ALA CA   C N S 49  
ALA C    C N N 50  
ALA O    O N N 51  
ALA CB   C N N 52  
ALA OXT  O N N 53  
ALA H    H N N 54  
ALA H2   H N N 55  
ALA HA   H N N 56  
ALA HB1  H N N 57  
ALA HB2  H N N 58  
ALA HB3  H N N 59  
ALA HXT  H N N 60  
ARG N    N N N 61  
ARG CA   C N S 62  
ARG C    C N N 63  
ARG O    O N N 64  
ARG CB   C N N 65  
ARG CG   C N N 66  
ARG CD   C N N 67  
ARG NE   N N N 68  
ARG CZ   C N N 69  
ARG NH1  N N N 70  
ARG NH2  N N N 71  
ARG OXT  O N N 72  
ARG H    H N N 73  
ARG H2   H N N 74  
ARG HA   H N N 75  
ARG HB2  H N N 76  
ARG HB3  H N N 77  
ARG HG2  H N N 78  
ARG HG3  H N N 79  
ARG HD2  H N N 80  
ARG HD3  H N N 81  
ARG HE   H N N 82  
ARG HH11 H N N 83  
ARG HH12 H N N 84  
ARG HH21 H N N 85  
ARG HH22 H N N 86  
ARG HXT  H N N 87  
ASN N    N N N 88  
ASN CA   C N S 89  
ASN C    C N N 90  
ASN O    O N N 91  
ASN CB   C N N 92  
ASN CG   C N N 93  
ASN OD1  O N N 94  
ASN ND2  N N N 95  
ASN OXT  O N N 96  
ASN H    H N N 97  
ASN H2   H N N 98  
ASN HA   H N N 99  
ASN HB2  H N N 100 
ASN HB3  H N N 101 
ASN HD21 H N N 102 
ASN HD22 H N N 103 
ASN HXT  H N N 104 
ASP N    N N N 105 
ASP CA   C N S 106 
ASP C    C N N 107 
ASP O    O N N 108 
ASP CB   C N N 109 
ASP CG   C N N 110 
ASP OD1  O N N 111 
ASP OD2  O N N 112 
ASP OXT  O N N 113 
ASP H    H N N 114 
ASP H2   H N N 115 
ASP HA   H N N 116 
ASP HB2  H N N 117 
ASP HB3  H N N 118 
ASP HD2  H N N 119 
ASP HXT  H N N 120 
CYS N    N N N 121 
CYS CA   C N R 122 
CYS C    C N N 123 
CYS O    O N N 124 
CYS CB   C N N 125 
CYS SG   S N N 126 
CYS OXT  O N N 127 
CYS H    H N N 128 
CYS H2   H N N 129 
CYS HA   H N N 130 
CYS HB2  H N N 131 
CYS HB3  H N N 132 
CYS HG   H N N 133 
CYS HXT  H N N 134 
DMS S    S N N 135 
DMS O    O N N 136 
DMS C1   C N N 137 
DMS C2   C N N 138 
DMS H11  H N N 139 
DMS H12  H N N 140 
DMS H13  H N N 141 
DMS H21  H N N 142 
DMS H22  H N N 143 
DMS H23  H N N 144 
GLN N    N N N 145 
GLN CA   C N S 146 
GLN C    C N N 147 
GLN O    O N N 148 
GLN CB   C N N 149 
GLN CG   C N N 150 
GLN CD   C N N 151 
GLN OE1  O N N 152 
GLN NE2  N N N 153 
GLN OXT  O N N 154 
GLN H    H N N 155 
GLN H2   H N N 156 
GLN HA   H N N 157 
GLN HB2  H N N 158 
GLN HB3  H N N 159 
GLN HG2  H N N 160 
GLN HG3  H N N 161 
GLN HE21 H N N 162 
GLN HE22 H N N 163 
GLN HXT  H N N 164 
GLU N    N N N 165 
GLU CA   C N S 166 
GLU C    C N N 167 
GLU O    O N N 168 
GLU CB   C N N 169 
GLU CG   C N N 170 
GLU CD   C N N 171 
GLU OE1  O N N 172 
GLU OE2  O N N 173 
GLU OXT  O N N 174 
GLU H    H N N 175 
GLU H2   H N N 176 
GLU HA   H N N 177 
GLU HB2  H N N 178 
GLU HB3  H N N 179 
GLU HG2  H N N 180 
GLU HG3  H N N 181 
GLU HE2  H N N 182 
GLU HXT  H N N 183 
GLY N    N N N 184 
GLY CA   C N N 185 
GLY C    C N N 186 
GLY O    O N N 187 
GLY OXT  O N N 188 
GLY H    H N N 189 
GLY H2   H N N 190 
GLY HA2  H N N 191 
GLY HA3  H N N 192 
GLY HXT  H N N 193 
GOL C1   C N N 194 
GOL O1   O N N 195 
GOL C2   C N N 196 
GOL O2   O N N 197 
GOL C3   C N N 198 
GOL O3   O N N 199 
GOL H11  H N N 200 
GOL H12  H N N 201 
GOL HO1  H N N 202 
GOL H2   H N N 203 
GOL HO2  H N N 204 
GOL H31  H N N 205 
GOL H32  H N N 206 
GOL HO3  H N N 207 
HIS N    N N N 208 
HIS CA   C N S 209 
HIS C    C N N 210 
HIS O    O N N 211 
HIS CB   C N N 212 
HIS CG   C Y N 213 
HIS ND1  N Y N 214 
HIS CD2  C Y N 215 
HIS CE1  C Y N 216 
HIS NE2  N Y N 217 
HIS OXT  O N N 218 
HIS H    H N N 219 
HIS H2   H N N 220 
HIS HA   H N N 221 
HIS HB2  H N N 222 
HIS HB3  H N N 223 
HIS HD1  H N N 224 
HIS HD2  H N N 225 
HIS HE1  H N N 226 
HIS HE2  H N N 227 
HIS HXT  H N N 228 
HOH O    O N N 229 
HOH H1   H N N 230 
HOH H2   H N N 231 
ILE N    N N N 232 
ILE CA   C N S 233 
ILE C    C N N 234 
ILE O    O N N 235 
ILE CB   C N S 236 
ILE CG1  C N N 237 
ILE CG2  C N N 238 
ILE CD1  C N N 239 
ILE OXT  O N N 240 
ILE H    H N N 241 
ILE H2   H N N 242 
ILE HA   H N N 243 
ILE HB   H N N 244 
ILE HG12 H N N 245 
ILE HG13 H N N 246 
ILE HG21 H N N 247 
ILE HG22 H N N 248 
ILE HG23 H N N 249 
ILE HD11 H N N 250 
ILE HD12 H N N 251 
ILE HD13 H N N 252 
ILE HXT  H N N 253 
LEU N    N N N 254 
LEU CA   C N S 255 
LEU C    C N N 256 
LEU O    O N N 257 
LEU CB   C N N 258 
LEU CG   C N N 259 
LEU CD1  C N N 260 
LEU CD2  C N N 261 
LEU OXT  O N N 262 
LEU H    H N N 263 
LEU H2   H N N 264 
LEU HA   H N N 265 
LEU HB2  H N N 266 
LEU HB3  H N N 267 
LEU HG   H N N 268 
LEU HD11 H N N 269 
LEU HD12 H N N 270 
LEU HD13 H N N 271 
LEU HD21 H N N 272 
LEU HD22 H N N 273 
LEU HD23 H N N 274 
LEU HXT  H N N 275 
LYS N    N N N 276 
LYS CA   C N S 277 
LYS C    C N N 278 
LYS O    O N N 279 
LYS CB   C N N 280 
LYS CG   C N N 281 
LYS CD   C N N 282 
LYS CE   C N N 283 
LYS NZ   N N N 284 
LYS OXT  O N N 285 
LYS H    H N N 286 
LYS H2   H N N 287 
LYS HA   H N N 288 
LYS HB2  H N N 289 
LYS HB3  H N N 290 
LYS HG2  H N N 291 
LYS HG3  H N N 292 
LYS HD2  H N N 293 
LYS HD3  H N N 294 
LYS HE2  H N N 295 
LYS HE3  H N N 296 
LYS HZ1  H N N 297 
LYS HZ2  H N N 298 
LYS HZ3  H N N 299 
LYS HXT  H N N 300 
MET N    N N N 301 
MET CA   C N S 302 
MET C    C N N 303 
MET O    O N N 304 
MET CB   C N N 305 
MET CG   C N N 306 
MET SD   S N N 307 
MET CE   C N N 308 
MET OXT  O N N 309 
MET H    H N N 310 
MET H2   H N N 311 
MET HA   H N N 312 
MET HB2  H N N 313 
MET HB3  H N N 314 
MET HG2  H N N 315 
MET HG3  H N N 316 
MET HE1  H N N 317 
MET HE2  H N N 318 
MET HE3  H N N 319 
MET HXT  H N N 320 
PHE N    N N N 321 
PHE CA   C N S 322 
PHE C    C N N 323 
PHE O    O N N 324 
PHE CB   C N N 325 
PHE CG   C Y N 326 
PHE CD1  C Y N 327 
PHE CD2  C Y N 328 
PHE CE1  C Y N 329 
PHE CE2  C Y N 330 
PHE CZ   C Y N 331 
PHE OXT  O N N 332 
PHE H    H N N 333 
PHE H2   H N N 334 
PHE HA   H N N 335 
PHE HB2  H N N 336 
PHE HB3  H N N 337 
PHE HD1  H N N 338 
PHE HD2  H N N 339 
PHE HE1  H N N 340 
PHE HE2  H N N 341 
PHE HZ   H N N 342 
PHE HXT  H N N 343 
PRO N    N N N 344 
PRO CA   C N S 345 
PRO C    C N N 346 
PRO O    O N N 347 
PRO CB   C N N 348 
PRO CG   C N N 349 
PRO CD   C N N 350 
PRO OXT  O N N 351 
PRO H    H N N 352 
PRO HA   H N N 353 
PRO HB2  H N N 354 
PRO HB3  H N N 355 
PRO HG2  H N N 356 
PRO HG3  H N N 357 
PRO HD2  H N N 358 
PRO HD3  H N N 359 
PRO HXT  H N N 360 
SER N    N N N 361 
SER CA   C N S 362 
SER C    C N N 363 
SER O    O N N 364 
SER CB   C N N 365 
SER OG   O N N 366 
SER OXT  O N N 367 
SER H    H N N 368 
SER H2   H N N 369 
SER HA   H N N 370 
SER HB2  H N N 371 
SER HB3  H N N 372 
SER HG   H N N 373 
SER HXT  H N N 374 
THR N    N N N 375 
THR CA   C N S 376 
THR C    C N N 377 
THR O    O N N 378 
THR CB   C N R 379 
THR OG1  O N N 380 
THR CG2  C N N 381 
THR OXT  O N N 382 
THR H    H N N 383 
THR H2   H N N 384 
THR HA   H N N 385 
THR HB   H N N 386 
THR HG1  H N N 387 
THR HG21 H N N 388 
THR HG22 H N N 389 
THR HG23 H N N 390 
THR HXT  H N N 391 
TYR N    N N N 392 
TYR CA   C N S 393 
TYR C    C N N 394 
TYR O    O N N 395 
TYR CB   C N N 396 
TYR CG   C Y N 397 
TYR CD1  C Y N 398 
TYR CD2  C Y N 399 
TYR CE1  C Y N 400 
TYR CE2  C Y N 401 
TYR CZ   C Y N 402 
TYR OH   O N N 403 
TYR OXT  O N N 404 
TYR H    H N N 405 
TYR H2   H N N 406 
TYR HA   H N N 407 
TYR HB2  H N N 408 
TYR HB3  H N N 409 
TYR HD1  H N N 410 
TYR HD2  H N N 411 
TYR HE1  H N N 412 
TYR HE2  H N N 413 
TYR HH   H N N 414 
TYR HXT  H N N 415 
VAL N    N N N 416 
VAL CA   C N S 417 
VAL C    C N N 418 
VAL O    O N N 419 
VAL CB   C N N 420 
VAL CG1  C N N 421 
VAL CG2  C N N 422 
VAL OXT  O N N 423 
VAL H    H N N 424 
VAL H2   H N N 425 
VAL HA   H N N 426 
VAL HB   H N N 427 
VAL HG11 H N N 428 
VAL HG12 H N N 429 
VAL HG13 H N N 430 
VAL HG21 H N N 431 
VAL HG22 H N N 432 
VAL HG23 H N N 433 
VAL HXT  H N N 434 
# 
loop_
_chem_comp_bond.comp_id 
_chem_comp_bond.atom_id_1 
_chem_comp_bond.atom_id_2 
_chem_comp_bond.value_order 
_chem_comp_bond.pdbx_aromatic_flag 
_chem_comp_bond.pdbx_stereo_config 
_chem_comp_bond.pdbx_ordinal 
4XM CAC CAB  doub Y N 1   
4XM CAC CAQ  sing Y N 2   
4XM CAB CAD  sing Y N 3   
4XM NAA CAQ  sing N N 4   
4XM CAQ CAS  doub Y N 5   
4XM CAD CAR  doub Y N 6   
4XM CAS CAR  sing Y N 7   
4XM CAS CAN  sing N N 8   
4XM CAR CAI  sing N N 9   
4XM CAN NAU  sing N N 10  
4XM CAI CAM  sing N N 11  
4XM CAM NAU  sing N N 12  
4XM NAU CAL  sing N N 13  
4XM CAL CAE  sing N N 14  
4XM CAE CAF  sing N N 15  
4XM CAF OAP  sing N N 16  
4XM OAP CAT  sing N N 17  
4XM CAK CAT  sing N N 18  
4XM CAK CAH  sing N N 19  
4XM CAT CAJ  sing N N 20  
4XM CAH OAO  sing N N 21  
4XM CAJ CAG  sing N N 22  
4XM OAO CAG  sing N N 23  
4XM CAM H1   sing N N 24  
4XM CAM H2   sing N N 25  
4XM CAI H3   sing N N 26  
4XM CAI H4   sing N N 27  
4XM CAD H5   sing N N 28  
4XM CAB H6   sing N N 29  
4XM CAC H7   sing N N 30  
4XM NAA H8   sing N N 31  
4XM NAA H9   sing N N 32  
4XM CAN H10  sing N N 33  
4XM CAN H11  sing N N 34  
4XM CAL H13  sing N N 35  
4XM CAL H14  sing N N 36  
4XM CAE H15  sing N N 37  
4XM CAE H16  sing N N 38  
4XM CAF H17  sing N N 39  
4XM CAF H18  sing N N 40  
4XM CAT H19  sing N N 41  
4XM CAJ H20  sing N N 42  
4XM CAJ H21  sing N N 43  
4XM CAG H22  sing N N 44  
4XM CAG H23  sing N N 45  
4XM CAH H24  sing N N 46  
4XM CAH H25  sing N N 47  
4XM CAK H26  sing N N 48  
4XM CAK H27  sing N N 49  
ALA N   CA   sing N N 50  
ALA N   H    sing N N 51  
ALA N   H2   sing N N 52  
ALA CA  C    sing N N 53  
ALA CA  CB   sing N N 54  
ALA CA  HA   sing N N 55  
ALA C   O    doub N N 56  
ALA C   OXT  sing N N 57  
ALA CB  HB1  sing N N 58  
ALA CB  HB2  sing N N 59  
ALA CB  HB3  sing N N 60  
ALA OXT HXT  sing N N 61  
ARG N   CA   sing N N 62  
ARG N   H    sing N N 63  
ARG N   H2   sing N N 64  
ARG CA  C    sing N N 65  
ARG CA  CB   sing N N 66  
ARG CA  HA   sing N N 67  
ARG C   O    doub N N 68  
ARG C   OXT  sing N N 69  
ARG CB  CG   sing N N 70  
ARG CB  HB2  sing N N 71  
ARG CB  HB3  sing N N 72  
ARG CG  CD   sing N N 73  
ARG CG  HG2  sing N N 74  
ARG CG  HG3  sing N N 75  
ARG CD  NE   sing N N 76  
ARG CD  HD2  sing N N 77  
ARG CD  HD3  sing N N 78  
ARG NE  CZ   sing N N 79  
ARG NE  HE   sing N N 80  
ARG CZ  NH1  sing N N 81  
ARG CZ  NH2  doub N N 82  
ARG NH1 HH11 sing N N 83  
ARG NH1 HH12 sing N N 84  
ARG NH2 HH21 sing N N 85  
ARG NH2 HH22 sing N N 86  
ARG OXT HXT  sing N N 87  
ASN N   CA   sing N N 88  
ASN N   H    sing N N 89  
ASN N   H2   sing N N 90  
ASN CA  C    sing N N 91  
ASN CA  CB   sing N N 92  
ASN CA  HA   sing N N 93  
ASN C   O    doub N N 94  
ASN C   OXT  sing N N 95  
ASN CB  CG   sing N N 96  
ASN CB  HB2  sing N N 97  
ASN CB  HB3  sing N N 98  
ASN CG  OD1  doub N N 99  
ASN CG  ND2  sing N N 100 
ASN ND2 HD21 sing N N 101 
ASN ND2 HD22 sing N N 102 
ASN OXT HXT  sing N N 103 
ASP N   CA   sing N N 104 
ASP N   H    sing N N 105 
ASP N   H2   sing N N 106 
ASP CA  C    sing N N 107 
ASP CA  CB   sing N N 108 
ASP CA  HA   sing N N 109 
ASP C   O    doub N N 110 
ASP C   OXT  sing N N 111 
ASP CB  CG   sing N N 112 
ASP CB  HB2  sing N N 113 
ASP CB  HB3  sing N N 114 
ASP CG  OD1  doub N N 115 
ASP CG  OD2  sing N N 116 
ASP OD2 HD2  sing N N 117 
ASP OXT HXT  sing N N 118 
CYS N   CA   sing N N 119 
CYS N   H    sing N N 120 
CYS N   H2   sing N N 121 
CYS CA  C    sing N N 122 
CYS CA  CB   sing N N 123 
CYS CA  HA   sing N N 124 
CYS C   O    doub N N 125 
CYS C   OXT  sing N N 126 
CYS CB  SG   sing N N 127 
CYS CB  HB2  sing N N 128 
CYS CB  HB3  sing N N 129 
CYS SG  HG   sing N N 130 
CYS OXT HXT  sing N N 131 
DMS S   O    doub N N 132 
DMS S   C1   sing N N 133 
DMS S   C2   sing N N 134 
DMS C1  H11  sing N N 135 
DMS C1  H12  sing N N 136 
DMS C1  H13  sing N N 137 
DMS C2  H21  sing N N 138 
DMS C2  H22  sing N N 139 
DMS C2  H23  sing N N 140 
GLN N   CA   sing N N 141 
GLN N   H    sing N N 142 
GLN N   H2   sing N N 143 
GLN CA  C    sing N N 144 
GLN CA  CB   sing N N 145 
GLN CA  HA   sing N N 146 
GLN C   O    doub N N 147 
GLN C   OXT  sing N N 148 
GLN CB  CG   sing N N 149 
GLN CB  HB2  sing N N 150 
GLN CB  HB3  sing N N 151 
GLN CG  CD   sing N N 152 
GLN CG  HG2  sing N N 153 
GLN CG  HG3  sing N N 154 
GLN CD  OE1  doub N N 155 
GLN CD  NE2  sing N N 156 
GLN NE2 HE21 sing N N 157 
GLN NE2 HE22 sing N N 158 
GLN OXT HXT  sing N N 159 
GLU N   CA   sing N N 160 
GLU N   H    sing N N 161 
GLU N   H2   sing N N 162 
GLU CA  C    sing N N 163 
GLU CA  CB   sing N N 164 
GLU CA  HA   sing N N 165 
GLU C   O    doub N N 166 
GLU C   OXT  sing N N 167 
GLU CB  CG   sing N N 168 
GLU CB  HB2  sing N N 169 
GLU CB  HB3  sing N N 170 
GLU CG  CD   sing N N 171 
GLU CG  HG2  sing N N 172 
GLU CG  HG3  sing N N 173 
GLU CD  OE1  doub N N 174 
GLU CD  OE2  sing N N 175 
GLU OE2 HE2  sing N N 176 
GLU OXT HXT  sing N N 177 
GLY N   CA   sing N N 178 
GLY N   H    sing N N 179 
GLY N   H2   sing N N 180 
GLY CA  C    sing N N 181 
GLY CA  HA2  sing N N 182 
GLY CA  HA3  sing N N 183 
GLY C   O    doub N N 184 
GLY C   OXT  sing N N 185 
GLY OXT HXT  sing N N 186 
GOL C1  O1   sing N N 187 
GOL C1  C2   sing N N 188 
GOL C1  H11  sing N N 189 
GOL C1  H12  sing N N 190 
GOL O1  HO1  sing N N 191 
GOL C2  O2   sing N N 192 
GOL C2  C3   sing N N 193 
GOL C2  H2   sing N N 194 
GOL O2  HO2  sing N N 195 
GOL C3  O3   sing N N 196 
GOL C3  H31  sing N N 197 
GOL C3  H32  sing N N 198 
GOL O3  HO3  sing N N 199 
HIS N   CA   sing N N 200 
HIS N   H    sing N N 201 
HIS N   H2   sing N N 202 
HIS CA  C    sing N N 203 
HIS CA  CB   sing N N 204 
HIS CA  HA   sing N N 205 
HIS C   O    doub N N 206 
HIS C   OXT  sing N N 207 
HIS CB  CG   sing N N 208 
HIS CB  HB2  sing N N 209 
HIS CB  HB3  sing N N 210 
HIS CG  ND1  sing Y N 211 
HIS CG  CD2  doub Y N 212 
HIS ND1 CE1  doub Y N 213 
HIS ND1 HD1  sing N N 214 
HIS CD2 NE2  sing Y N 215 
HIS CD2 HD2  sing N N 216 
HIS CE1 NE2  sing Y N 217 
HIS CE1 HE1  sing N N 218 
HIS NE2 HE2  sing N N 219 
HIS OXT HXT  sing N N 220 
HOH O   H1   sing N N 221 
HOH O   H2   sing N N 222 
ILE N   CA   sing N N 223 
ILE N   H    sing N N 224 
ILE N   H2   sing N N 225 
ILE CA  C    sing N N 226 
ILE CA  CB   sing N N 227 
ILE CA  HA   sing N N 228 
ILE C   O    doub N N 229 
ILE C   OXT  sing N N 230 
ILE CB  CG1  sing N N 231 
ILE CB  CG2  sing N N 232 
ILE CB  HB   sing N N 233 
ILE CG1 CD1  sing N N 234 
ILE CG1 HG12 sing N N 235 
ILE CG1 HG13 sing N N 236 
ILE CG2 HG21 sing N N 237 
ILE CG2 HG22 sing N N 238 
ILE CG2 HG23 sing N N 239 
ILE CD1 HD11 sing N N 240 
ILE CD1 HD12 sing N N 241 
ILE CD1 HD13 sing N N 242 
ILE OXT HXT  sing N N 243 
LEU N   CA   sing N N 244 
LEU N   H    sing N N 245 
LEU N   H2   sing N N 246 
LEU CA  C    sing N N 247 
LEU CA  CB   sing N N 248 
LEU CA  HA   sing N N 249 
LEU C   O    doub N N 250 
LEU C   OXT  sing N N 251 
LEU CB  CG   sing N N 252 
LEU CB  HB2  sing N N 253 
LEU CB  HB3  sing N N 254 
LEU CG  CD1  sing N N 255 
LEU CG  CD2  sing N N 256 
LEU CG  HG   sing N N 257 
LEU CD1 HD11 sing N N 258 
LEU CD1 HD12 sing N N 259 
LEU CD1 HD13 sing N N 260 
LEU CD2 HD21 sing N N 261 
LEU CD2 HD22 sing N N 262 
LEU CD2 HD23 sing N N 263 
LEU OXT HXT  sing N N 264 
LYS N   CA   sing N N 265 
LYS N   H    sing N N 266 
LYS N   H2   sing N N 267 
LYS CA  C    sing N N 268 
LYS CA  CB   sing N N 269 
LYS CA  HA   sing N N 270 
LYS C   O    doub N N 271 
LYS C   OXT  sing N N 272 
LYS CB  CG   sing N N 273 
LYS CB  HB2  sing N N 274 
LYS CB  HB3  sing N N 275 
LYS CG  CD   sing N N 276 
LYS CG  HG2  sing N N 277 
LYS CG  HG3  sing N N 278 
LYS CD  CE   sing N N 279 
LYS CD  HD2  sing N N 280 
LYS CD  HD3  sing N N 281 
LYS CE  NZ   sing N N 282 
LYS CE  HE2  sing N N 283 
LYS CE  HE3  sing N N 284 
LYS NZ  HZ1  sing N N 285 
LYS NZ  HZ2  sing N N 286 
LYS NZ  HZ3  sing N N 287 
LYS OXT HXT  sing N N 288 
MET N   CA   sing N N 289 
MET N   H    sing N N 290 
MET N   H2   sing N N 291 
MET CA  C    sing N N 292 
MET CA  CB   sing N N 293 
MET CA  HA   sing N N 294 
MET C   O    doub N N 295 
MET C   OXT  sing N N 296 
MET CB  CG   sing N N 297 
MET CB  HB2  sing N N 298 
MET CB  HB3  sing N N 299 
MET CG  SD   sing N N 300 
MET CG  HG2  sing N N 301 
MET CG  HG3  sing N N 302 
MET SD  CE   sing N N 303 
MET CE  HE1  sing N N 304 
MET CE  HE2  sing N N 305 
MET CE  HE3  sing N N 306 
MET OXT HXT  sing N N 307 
PHE N   CA   sing N N 308 
PHE N   H    sing N N 309 
PHE N   H2   sing N N 310 
PHE CA  C    sing N N 311 
PHE CA  CB   sing N N 312 
PHE CA  HA   sing N N 313 
PHE C   O    doub N N 314 
PHE C   OXT  sing N N 315 
PHE CB  CG   sing N N 316 
PHE CB  HB2  sing N N 317 
PHE CB  HB3  sing N N 318 
PHE CG  CD1  doub Y N 319 
PHE CG  CD2  sing Y N 320 
PHE CD1 CE1  sing Y N 321 
PHE CD1 HD1  sing N N 322 
PHE CD2 CE2  doub Y N 323 
PHE CD2 HD2  sing N N 324 
PHE CE1 CZ   doub Y N 325 
PHE CE1 HE1  sing N N 326 
PHE CE2 CZ   sing Y N 327 
PHE CE2 HE2  sing N N 328 
PHE CZ  HZ   sing N N 329 
PHE OXT HXT  sing N N 330 
PRO N   CA   sing N N 331 
PRO N   CD   sing N N 332 
PRO N   H    sing N N 333 
PRO CA  C    sing N N 334 
PRO CA  CB   sing N N 335 
PRO CA  HA   sing N N 336 
PRO C   O    doub N N 337 
PRO C   OXT  sing N N 338 
PRO CB  CG   sing N N 339 
PRO CB  HB2  sing N N 340 
PRO CB  HB3  sing N N 341 
PRO CG  CD   sing N N 342 
PRO CG  HG2  sing N N 343 
PRO CG  HG3  sing N N 344 
PRO CD  HD2  sing N N 345 
PRO CD  HD3  sing N N 346 
PRO OXT HXT  sing N N 347 
SER N   CA   sing N N 348 
SER N   H    sing N N 349 
SER N   H2   sing N N 350 
SER CA  C    sing N N 351 
SER CA  CB   sing N N 352 
SER CA  HA   sing N N 353 
SER C   O    doub N N 354 
SER C   OXT  sing N N 355 
SER CB  OG   sing N N 356 
SER CB  HB2  sing N N 357 
SER CB  HB3  sing N N 358 
SER OG  HG   sing N N 359 
SER OXT HXT  sing N N 360 
THR N   CA   sing N N 361 
THR N   H    sing N N 362 
THR N   H2   sing N N 363 
THR CA  C    sing N N 364 
THR CA  CB   sing N N 365 
THR CA  HA   sing N N 366 
THR C   O    doub N N 367 
THR C   OXT  sing N N 368 
THR CB  OG1  sing N N 369 
THR CB  CG2  sing N N 370 
THR CB  HB   sing N N 371 
THR OG1 HG1  sing N N 372 
THR CG2 HG21 sing N N 373 
THR CG2 HG22 sing N N 374 
THR CG2 HG23 sing N N 375 
THR OXT HXT  sing N N 376 
TYR N   CA   sing N N 377 
TYR N   H    sing N N 378 
TYR N   H2   sing N N 379 
TYR CA  C    sing N N 380 
TYR CA  CB   sing N N 381 
TYR CA  HA   sing N N 382 
TYR C   O    doub N N 383 
TYR C   OXT  sing N N 384 
TYR CB  CG   sing N N 385 
TYR CB  HB2  sing N N 386 
TYR CB  HB3  sing N N 387 
TYR CG  CD1  doub Y N 388 
TYR CG  CD2  sing Y N 389 
TYR CD1 CE1  sing Y N 390 
TYR CD1 HD1  sing N N 391 
TYR CD2 CE2  doub Y N 392 
TYR CD2 HD2  sing N N 393 
TYR CE1 CZ   doub Y N 394 
TYR CE1 HE1  sing N N 395 
TYR CE2 CZ   sing Y N 396 
TYR CE2 HE2  sing N N 397 
TYR CZ  OH   sing N N 398 
TYR OH  HH   sing N N 399 
TYR OXT HXT  sing N N 400 
VAL N   CA   sing N N 401 
VAL N   H    sing N N 402 
VAL N   H2   sing N N 403 
VAL CA  C    sing N N 404 
VAL CA  CB   sing N N 405 
VAL CA  HA   sing N N 406 
VAL C   O    doub N N 407 
VAL C   OXT  sing N N 408 
VAL CB  CG1  sing N N 409 
VAL CB  CG2  sing N N 410 
VAL CB  HB   sing N N 411 
VAL CG1 HG11 sing N N 412 
VAL CG1 HG12 sing N N 413 
VAL CG1 HG13 sing N N 414 
VAL CG2 HG21 sing N N 415 
VAL CG2 HG22 sing N N 416 
VAL CG2 HG23 sing N N 417 
VAL OXT HXT  sing N N 418 
# 
_atom_sites.entry_id                    5BZR 
_atom_sites.fract_transf_matrix[1][1]   0.02934746 
_atom_sites.fract_transf_matrix[1][2]   -0.02189826 
_atom_sites.fract_transf_matrix[1][3]   0.00075670 
_atom_sites.fract_transf_matrix[2][1]   -0.00490608 
_atom_sites.fract_transf_matrix[2][2]   -0.00625344 
_atom_sites.fract_transf_matrix[2][3]   0.00930556 
_atom_sites.fract_transf_matrix[3][1]   -0.00062617 
_atom_sites.fract_transf_matrix[3][2]   -0.02905507 
_atom_sites.fract_transf_matrix[3][3]   -0.01985547 
_atom_sites.fract_transf_vector[1]      0.091097 
_atom_sites.fract_transf_vector[2]      -0.003944 
_atom_sites.fract_transf_vector[3]      0.075455 
# 
loop_
_atom_type.symbol 
C 
N 
O 
S 
# 
loop_
_atom_site.group_PDB 
_atom_site.id 
_atom_site.type_symbol 
_atom_site.label_atom_id 
_atom_site.label_alt_id 
_atom_site.label_comp_id 
_atom_site.label_asym_id 
_atom_site.label_entity_id 
_atom_site.label_seq_id 
_atom_site.pdbx_PDB_ins_code 
_atom_site.Cartn_x 
_atom_site.Cartn_y 
_atom_site.Cartn_z 
_atom_site.occupancy 
_atom_site.B_iso_or_equiv 
_atom_site.pdbx_formal_charge 
_atom_site.auth_seq_id 
_atom_site.auth_comp_id 
_atom_site.auth_asym_id 
_atom_site.auth_atom_id 
_atom_site.pdbx_PDB_model_num 
ATOM   1    N N   . ASN A 1 2   ? 8.675   -13.203 15.482  1.00 20.76 ? 24  ASN A N   1 
ATOM   2    C CA  . ASN A 1 2   ? 7.425   -13.035 14.692  1.00 20.07 ? 24  ASN A CA  1 
ATOM   3    C C   . ASN A 1 2   ? 7.240   -11.556 14.358  1.00 18.98 ? 24  ASN A C   1 
ATOM   4    O O   . ASN A 1 2   ? 6.695   -10.802 15.161  1.00 18.15 ? 24  ASN A O   1 
ATOM   5    C CB  . ASN A 1 2   ? 6.227   -13.570 15.488  1.00 20.94 ? 24  ASN A CB  1 
ATOM   6    C CG  . ASN A 1 2   ? 5.044   -13.926 14.605  1.00 21.72 ? 24  ASN A CG  1 
ATOM   7    O OD1 . ASN A 1 2   ? 4.975   -13.540 13.434  1.00 24.80 ? 24  ASN A OD1 1 
ATOM   8    N ND2 . ASN A 1 2   ? 4.102   -14.672 15.167  1.00 22.55 ? 24  ASN A ND2 1 
ATOM   9    N N   . GLN A 1 3   ? 7.724   -11.154 13.183  1.00 17.83 ? 25  GLN A N   1 
ATOM   10   C CA  . GLN A 1 3   ? 7.843   -9.737  12.831  1.00 16.82 ? 25  GLN A CA  1 
ATOM   11   C C   . GLN A 1 3   ? 7.428   -9.466  11.385  1.00 15.50 ? 25  GLN A C   1 
ATOM   12   O O   . GLN A 1 3   ? 7.785   -10.218 10.480  1.00 15.91 ? 25  GLN A O   1 
ATOM   13   C CB  . GLN A 1 3   ? 9.280   -9.245  13.079  1.00 17.76 ? 25  GLN A CB  1 
ATOM   14   C CG  . GLN A 1 3   ? 9.601   -7.839  12.566  1.00 20.33 ? 25  GLN A CG  1 
ATOM   15   C CD  . GLN A 1 3   ? 9.251   -6.753  13.562  1.00 22.08 ? 25  GLN A CD  1 
ATOM   16   O OE1 . GLN A 1 3   ? 9.754   -6.749  14.689  1.00 24.68 ? 25  GLN A OE1 1 
ATOM   17   N NE2 . GLN A 1 3   ? 8.399   -5.809  13.147  1.00 17.34 ? 25  GLN A NE2 1 
ATOM   18   N N   . ILE A 1 4   ? 6.654   -8.398  11.194  1.00 12.97 ? 26  ILE A N   1 
ATOM   19   C CA  . ILE A 1 4   ? 6.303   -7.887  9.865   1.00 11.85 ? 26  ILE A CA  1 
ATOM   20   C C   . ILE A 1 4   ? 6.655   -6.409  9.805   1.00 10.92 ? 26  ILE A C   1 
ATOM   21   O O   . ILE A 1 4   ? 6.300   -5.632  10.694  1.00 10.63 ? 26  ILE A O   1 
ATOM   22   C CB  . ILE A 1 4   ? 4.800   -8.073  9.570   1.00 11.74 ? 26  ILE A CB  1 
ATOM   23   C CG1 . ILE A 1 4   ? 4.453   -9.562  9.451   1.00 12.02 ? 26  ILE A CG1 1 
ATOM   24   C CG2 . ILE A 1 4   ? 4.395   -7.351  8.282   1.00 11.77 ? 26  ILE A CG2 1 
ATOM   25   C CD1 . ILE A 1 4   ? 2.967   -9.846  9.384   1.00 14.81 ? 26  ILE A CD1 1 
ATOM   26   N N   . ASP A 1 5   ? 7.375   -6.022  8.761   1.00 10.19 ? 27  ASP A N   1 
ATOM   27   C CA  . ASP A 1 5   ? 7.647   -4.612  8.491   1.00 9.64  ? 27  ASP A CA  1 
ATOM   28   C C   . ASP A 1 5   ? 6.820   -4.154  7.316   1.00 7.39  ? 27  ASP A C   1 
ATOM   29   O O   . ASP A 1 5   ? 6.720   -4.849  6.296   1.00 7.98  ? 27  ASP A O   1 
ATOM   30   C CB  . ASP A 1 5   ? 9.128   -4.355  8.257   1.00 11.49 ? 27  ASP A CB  1 
ATOM   31   C CG  . ASP A 1 5   ? 9.944   -4.429  9.555   1.00 14.91 ? 27  ASP A CG  1 
ATOM   32   O OD1 . ASP A 1 5   ? 9.484   -5.062  10.536  1.00 17.27 ? 27  ASP A OD1 1 
ATOM   33   O OD2 . ASP A 1 5   ? 11.037  -3.846  9.592   1.00 20.87 ? 27  ASP A OD2 1 
ATOM   34   N N   . LEU A 1 6   ? 6.237   -2.974  7.468   1.00 6.58  ? 28  LEU A N   1 
ATOM   35   C CA  . LEU A 1 6   ? 5.381   -2.371  6.445   1.00 5.87  ? 28  LEU A CA  1 
ATOM   36   C C   . LEU A 1 6   ? 5.943   -1.020  6.079   1.00 6.24  ? 28  LEU A C   1 
ATOM   37   O O   . LEU A 1 6   ? 5.872   -0.070  6.882   1.00 6.85  ? 28  LEU A O   1 
ATOM   38   C CB  . LEU A 1 6   ? 3.961   -2.215  6.971   1.00 7.07  ? 28  LEU A CB  1 
ATOM   39   C CG  . LEU A 1 6   ? 3.276   -3.497  7.444   1.00 6.65  ? 28  LEU A CG  1 
ATOM   40   C CD1 . LEU A 1 6   ? 1.947   -3.154  8.092   1.00 8.96  ? 28  LEU A CD1 1 
ATOM   41   C CD2 . LEU A 1 6   ? 3.084   -4.499  6.299   1.00 8.28  ? 28  LEU A CD2 1 
ATOM   42   N N   . ASN A 1 7   ? 6.519   -0.931  4.887   1.00 5.57  ? 29  ASN A N   1 
ATOM   43   C CA  . ASN A 1 7   ? 7.083   0.326   4.438   1.00 6.08  ? 29  ASN A CA  1 
ATOM   44   C C   . ASN A 1 7   ? 5.968   1.104   3.743   1.00 5.18  ? 29  ASN A C   1 
ATOM   45   O O   . ASN A 1 7   ? 5.340   0.592   2.802   1.00 6.29  ? 29  ASN A O   1 
ATOM   46   C CB  . ASN A 1 7   ? 8.170   0.094   3.390   1.00 6.38  ? 29  ASN A CB  1 
ATOM   47   C CG  . ASN A 1 7   ? 9.341   -0.760  3.880   1.00 12.14 ? 29  ASN A CG  1 
ATOM   48   O OD1 . ASN A 1 7   ? 9.668   -0.810  5.051   1.00 13.51 ? 29  ASN A OD1 1 
ATOM   49   N ND2 . ASN A 1 7   ? 9.970   -1.462  2.934   1.00 15.11 ? 29  ASN A ND2 1 
ATOM   50   N N   . VAL A 1 8   ? 5.712   2.325   4.199   1.00 4.78  ? 30  VAL A N   1 
ATOM   51   C CA  . VAL A 1 8   ? 4.590   3.123   3.695   1.00 5.78  ? 30  VAL A CA  1 
ATOM   52   C C   . VAL A 1 8   ? 5.064   4.432   3.065   1.00 5.61  ? 30  VAL A C   1 
ATOM   53   O O   . VAL A 1 8   ? 6.104   4.992   3.467   1.00 6.70  ? 30  VAL A O   1 
ATOM   54   C CB  . VAL A 1 8   ? 3.556   3.401   4.797   1.00 6.26  ? 30  VAL A CB  1 
ATOM   55   C CG1 . VAL A 1 8   ? 3.042   2.098   5.409   1.00 8.16  ? 30  VAL A CG1 1 
ATOM   56   C CG2 . VAL A 1 8   ? 4.121   4.285   5.884   1.00 8.01  ? 30  VAL A CG2 1 
ATOM   57   N N   . THR A 1 9   ? 4.281   4.948   2.124   1.00 5.86  ? 31  THR A N   1 
ATOM   58   C CA  . THR A 1 9   ? 4.587   6.204   1.464   1.00 5.68  ? 31  THR A CA  1 
ATOM   59   C C   . THR A 1 9   ? 3.746   7.356   2.006   1.00 5.53  ? 31  THR A C   1 
ATOM   60   O O   . THR A 1 9   ? 2.815   7.174   2.786   1.00 5.73  ? 31  THR A O   1 
ATOM   61   C CB  . THR A 1 9   ? 4.313   6.107   -0.055  1.00 5.69  ? 31  THR A CB  1 
ATOM   62   O OG1 . THR A 1 9   ? 2.912   5.901   -0.280  1.00 5.09  ? 31  THR A OG1 1 
ATOM   63   C CG2 . THR A 1 9   ? 5.087   4.963   -0.675  1.00 6.78  ? 31  THR A CG2 1 
ATOM   64   N N   . CYS A 1 10  ? 4.083   8.553   1.550   1.00 5.40  ? 32  CYS A N   1 
ATOM   65   C CA  . CYS A 1 10  ? 3.156   9.677   1.562   1.00 5.24  ? 32  CYS A CA  1 
ATOM   66   C C   . CYS A 1 10  ? 1.799   9.263   1.004   1.00 4.90  ? 32  CYS A C   1 
ATOM   67   O O   . CYS A 1 10  ? 1.699   8.334   0.184   1.00 5.03  ? 32  CYS A O   1 
ATOM   68   C CB  . CYS A 1 10  ? 3.695   10.767  0.625   1.00 6.11  ? 32  CYS A CB  1 
ATOM   69   S SG  . CYS A 1 10  ? 5.278   11.455  0.975   1.00 8.58  ? 32  CYS A SG  1 
ATOM   70   N N   . ARG A 1 11  ? 0.756   9.941   1.462   1.00 4.66  ? 33  ARG A N   1 
ATOM   71   C CA  . ARG A 1 11  ? -0.578  9.793   0.890   1.00 4.93  ? 33  ARG A CA  1 
ATOM   72   C C   . ARG A 1 11  ? -0.844  10.897  -0.115  1.00 5.21  ? 33  ARG A C   1 
ATOM   73   O O   . ARG A 1 11  ? -0.452  12.057  0.093   1.00 6.34  ? 33  ARG A O   1 
ATOM   74   C CB  . ARG A 1 11  ? -1.661  9.862   1.965   1.00 5.32  ? 33  ARG A CB  1 
ATOM   75   C CG  . ARG A 1 11  ? -1.888  8.556   2.759   1.00 6.17  ? 33  ARG A CG  1 
ATOM   76   C CD  . ARG A 1 11  ? -0.684  8.170   3.628   1.00 5.15  ? 33  ARG A CD  1 
ATOM   77   N NE  . ARG A 1 11  ? -0.510  9.179   4.672   1.00 5.59  ? 33  ARG A NE  1 
ATOM   78   C CZ  . ARG A 1 11  ? 0.651   9.588   5.189   1.00 5.95  ? 33  ARG A CZ  1 
ATOM   79   N NH1 . ARG A 1 11  ? 0.628   10.533  6.124   1.00 8.15  ? 33  ARG A NH1 1 
ATOM   80   N NH2 . ARG A 1 11  ? 1.815   9.099   4.789   1.00 6.45  ? 33  ARG A NH2 1 
ATOM   81   N N   . TYR A 1 12  ? -1.524  10.546  -1.195  1.00 4.98  ? 34  TYR A N   1 
ATOM   82   C CA  . TYR A 1 12  ? -1.913  11.516  -2.208  1.00 4.87  ? 34  TYR A CA  1 
ATOM   83   C C   . TYR A 1 12  ? -3.394  11.335  -2.444  1.00 4.46  ? 34  TYR A C   1 
ATOM   84   O O   . TYR A 1 12  ? -3.823  10.265  -2.901  1.00 4.40  ? 34  TYR A O   1 
ATOM   85   C CB  . TYR A 1 12  ? -1.151  11.247  -3.510  1.00 5.91  ? 34  TYR A CB  1 
ATOM   86   C CG  . TYR A 1 12  ? 0.284   11.644  -3.419  1.00 7.73  ? 34  TYR A CG  1 
ATOM   87   C CD1 . TYR A 1 12  ? 0.670   12.912  -3.814  1.00 10.21 ? 34  TYR A CD1 1 
ATOM   88   C CD2 . TYR A 1 12  ? 1.255   10.782  -2.913  1.00 8.80  ? 34  TYR A CD2 1 
ATOM   89   C CE1 . TYR A 1 12  ? 1.971   13.321  -3.728  1.00 13.43 ? 34  TYR A CE1 1 
ATOM   90   C CE2 . TYR A 1 12  ? 2.591   11.187  -2.827  1.00 11.09 ? 34  TYR A CE2 1 
ATOM   91   C CZ  . TYR A 1 12  ? 2.919   12.462  -3.232  1.00 11.09 ? 34  TYR A CZ  1 
ATOM   92   O OH  . TYR A 1 12  ? 4.220   12.917  -3.157  1.00 15.44 ? 34  TYR A OH  1 
ATOM   93   N N   . ALA A 1 13  ? -4.201  12.332  -2.070  1.00 4.81  ? 35  ALA A N   1 
ATOM   94   C CA  . ALA A 1 13  ? -5.648  12.178  -2.115  1.00 4.86  ? 35  ALA A CA  1 
ATOM   95   C C   . ALA A 1 13  ? -6.069  10.866  -1.425  1.00 5.04  ? 35  ALA A C   1 
ATOM   96   O O   . ALA A 1 13  ? -6.950  10.140  -1.894  1.00 4.68  ? 35  ALA A O   1 
ATOM   97   C CB  . ALA A 1 13  ? -6.174  12.254  -3.530  1.00 6.25  ? 35  ALA A CB  1 
ATOM   98   N N   . GLY A 1 14  ? -5.413  10.582  -0.305  1.00 4.86  ? 36  GLY A N   1 
ATOM   99   C CA  . GLY A 1 14  ? -5.715  9.399   0.490   1.00 5.52  ? 36  GLY A CA  1 
ATOM   100  C C   . GLY A 1 14  ? -5.079  8.094   0.083   1.00 4.17  ? 36  GLY A C   1 
ATOM   101  O O   . GLY A 1 14  ? -5.170  7.113   0.831   1.00 5.33  ? 36  GLY A O   1 
ATOM   102  N N   . VAL A 1 15  ? -4.449  8.053   -1.080  1.00 3.82  ? 37  VAL A N   1 
ATOM   103  C CA  . VAL A 1 15  ? -3.871  6.822   -1.604  1.00 3.80  ? 37  VAL A CA  1 
ATOM   104  C C   . VAL A 1 15  ? -2.406  6.717   -1.214  1.00 4.21  ? 37  VAL A C   1 
ATOM   105  O O   . VAL A 1 15  ? -1.667  7.696   -1.315  1.00 4.11  ? 37  VAL A O   1 
ATOM   106  C CB  . VAL A 1 15  ? -4.025  6.736   -3.150  1.00 3.96  ? 37  VAL A CB  1 
ATOM   107  C CG1 . VAL A 1 15  ? -3.425  5.444   -3.678  1.00 5.56  ? 37  VAL A CG1 1 
ATOM   108  C CG2 . VAL A 1 15  ? -5.484  6.809   -3.541  1.00 4.65  ? 37  VAL A CG2 1 
ATOM   109  N N   . PHE A 1 16  ? -1.991  5.535   -0.761  1.00 3.99  ? 38  PHE A N   1 
ATOM   110  C CA  . PHE A 1 16  ? -0.601  5.282   -0.415  1.00 4.02  ? 38  PHE A CA  1 
ATOM   111  C C   . PHE A 1 16  ? -0.207  3.871   -0.800  1.00 4.44  ? 38  PHE A C   1 
ATOM   112  O O   . PHE A 1 16  ? -1.059  3.006   -1.078  1.00 5.05  ? 38  PHE A O   1 
ATOM   113  C CB  . PHE A 1 16  ? -0.314  5.578   1.070   1.00 5.54  ? 38  PHE A CB  1 
ATOM   114  C CG  . PHE A 1 16  ? -1.129  4.773   2.055   1.00 6.01  ? 38  PHE A CG  1 
ATOM   115  C CD1 . PHE A 1 16  ? -0.525  3.777   2.826   1.00 7.70  ? 38  PHE A CD1 1 
ATOM   116  C CD2 . PHE A 1 16  ? -2.473  5.043   2.284   1.00 5.66  ? 38  PHE A CD2 1 
ATOM   117  C CE1 . PHE A 1 16  ? -1.250  3.057   3.772   1.00 8.30  ? 38  PHE A CE1 1 
ATOM   118  C CE2 . PHE A 1 16  ? -3.198  4.314   3.224   1.00 6.20  ? 38  PHE A CE2 1 
ATOM   119  C CZ  . PHE A 1 16  ? -2.574  3.322   3.970   1.00 8.18  ? 38  PHE A CZ  1 
ATOM   120  N N   . HIS A 1 17  ? 1.103   3.633   -0.824  1.00 4.33  ? 39  HIS A N   1 
ATOM   121  C CA  . HIS A 1 17  ? 1.693   2.338   -1.163  1.00 4.29  ? 39  HIS A CA  1 
ATOM   122  C C   . HIS A 1 17  ? 2.281   1.685   0.093   1.00 4.49  ? 39  HIS A C   1 
ATOM   123  O O   . HIS A 1 17  ? 2.849   2.379   0.957   1.00 4.76  ? 39  HIS A O   1 
ATOM   124  C CB  . HIS A 1 17  ? 2.770   2.612   -2.212  1.00 5.36  ? 39  HIS A CB  1 
ATOM   125  C CG  . HIS A 1 17  ? 3.708   1.476   -2.470  1.00 4.94  ? 39  HIS A CG  1 
ATOM   126  N ND1 . HIS A 1 17  ? 4.992   1.459   -1.979  1.00 8.14  ? 39  HIS A ND1 1 
ATOM   127  C CD2 . HIS A 1 17  ? 3.547   0.326   -3.163  1.00 6.95  ? 39  HIS A CD2 1 
ATOM   128  C CE1 . HIS A 1 17  ? 5.588   0.347   -2.373  1.00 7.60  ? 39  HIS A CE1 1 
ATOM   129  N NE2 . HIS A 1 17  ? 4.739   -0.349  -3.101  1.00 6.22  ? 39  HIS A NE2 1 
ATOM   130  N N   . VAL A 1 18  ? 2.083   0.371   0.203   1.00 4.45  ? 40  VAL A N   1 
ATOM   131  C CA  . VAL A 1 18  ? 2.622   -0.423  1.289   1.00 5.43  ? 40  VAL A CA  1 
ATOM   132  C C   . VAL A 1 18  ? 3.384   -1.614  0.705   1.00 5.02  ? 40  VAL A C   1 
ATOM   133  O O   . VAL A 1 18  ? 2.857   -2.389  -0.108  1.00 5.30  ? 40  VAL A O   1 
ATOM   134  C CB  . VAL A 1 18  ? 1.504   -0.950  2.207   1.00 5.57  ? 40  VAL A CB  1 
ATOM   135  C CG1 . VAL A 1 18  ? 2.107   -1.637  3.428   1.00 7.27  ? 40  VAL A CG1 1 
ATOM   136  C CG2 . VAL A 1 18  ? 0.557   0.167   2.651   1.00 6.76  ? 40  VAL A CG2 1 
ATOM   137  N N   A GLU A 1 19  ? 4.626   -1.769  1.153   0.50 5.27  ? 41  GLU A N   1 
ATOM   138  N N   B GLU A 1 19  ? 4.646   -1.734  1.132   0.50 5.61  ? 41  GLU A N   1 
ATOM   139  C CA  A GLU A 1 19  ? 5.456   -2.910  0.792   0.50 6.11  ? 41  GLU A CA  1 
ATOM   140  C CA  B GLU A 1 19  ? 5.492   -2.899  0.862   0.50 6.77  ? 41  GLU A CA  1 
ATOM   141  C C   A GLU A 1 19  ? 5.758   -3.701  2.069   0.50 6.37  ? 41  GLU A C   1 
ATOM   142  C C   B GLU A 1 19  ? 5.651   -3.699  2.144   0.50 6.72  ? 41  GLU A C   1 
ATOM   143  O O   A GLU A 1 19  ? 6.215   -3.119  3.064   0.50 6.94  ? 41  GLU A O   1 
ATOM   144  O O   B GLU A 1 19  ? 5.971   -3.141  3.199   0.50 7.02  ? 41  GLU A O   1 
ATOM   145  C CB  A GLU A 1 19  ? 6.739   -2.418  0.115   0.50 7.00  ? 41  GLU A CB  1 
ATOM   146  C CB  B GLU A 1 19  ? 6.900   -2.485  0.445   0.50 8.02  ? 41  GLU A CB  1 
ATOM   147  C CG  A GLU A 1 19  ? 7.800   -3.472  -0.089  0.50 8.19  ? 41  GLU A CG  1 
ATOM   148  C CG  B GLU A 1 19  ? 6.997   -1.612  -0.754  0.50 10.81 ? 41  GLU A CG  1 
ATOM   149  C CD  A GLU A 1 19  ? 9.141   -2.864  -0.435  0.50 12.53 ? 41  GLU A CD  1 
ATOM   150  C CD  B GLU A 1 19  ? 8.419   -1.487  -1.255  0.50 12.26 ? 41  GLU A CD  1 
ATOM   151  O OE1 A GLU A 1 19  ? 9.376   -1.682  -0.080  0.50 14.46 ? 41  GLU A OE1 1 
ATOM   152  O OE1 B GLU A 1 19  ? 9.146   -2.494  -1.213  0.50 14.75 ? 41  GLU A OE1 1 
ATOM   153  O OE2 A GLU A 1 19  ? 9.967   -3.568  -1.053  0.50 11.28 ? 41  GLU A OE2 1 
ATOM   154  O OE2 B GLU A 1 19  ? 8.799   -0.382  -1.695  0.50 15.73 ? 41  GLU A OE2 1 
ATOM   155  N N   . LYS A 1 20  ? 5.469   -5.001  2.049   1.00 6.73  ? 42  LYS A N   1 
ATOM   156  C CA  . LYS A 1 20  ? 5.669   -5.883  3.204   1.00 7.58  ? 42  LYS A CA  1 
ATOM   157  C C   . LYS A 1 20  ? 7.043   -6.535  3.147   1.00 8.60  ? 42  LYS A C   1 
ATOM   158  O O   . LYS A 1 20  ? 7.397   -7.202  2.165   1.00 8.47  ? 42  LYS A O   1 
ATOM   159  C CB  . LYS A 1 20  ? 4.591   -6.954  3.240   1.00 7.98  ? 42  LYS A CB  1 
ATOM   160  C CG  . LYS A 1 20  ? 4.739   -7.938  4.387   1.00 9.44  ? 42  LYS A CG  1 
ATOM   161  C CD  . LYS A 1 20  ? 3.707   -9.035  4.290   1.00 12.06 ? 42  LYS A CD  1 
ATOM   162  C CE  . LYS A 1 20  ? 3.869   -10.017 5.431   1.00 13.13 ? 42  LYS A CE  1 
ATOM   163  N NZ  . LYS A 1 20  ? 3.051   -11.227 5.191   1.00 15.17 ? 42  LYS A NZ  1 
ATOM   164  N N   . ASN A 1 21  ? 7.831   -6.330  4.204   1.00 9.34  ? 43  ASN A N   1 
ATOM   165  C CA  . ASN A 1 21  ? 9.137   -6.998  4.375   1.00 11.79 ? 43  ASN A CA  1 
ATOM   166  C C   . ASN A 1 21  ? 10.111  -6.796  3.248   1.00 12.80 ? 43  ASN A C   1 
ATOM   167  O O   . ASN A 1 21  ? 10.945  -7.661  2.973   1.00 13.99 ? 43  ASN A O   1 
ATOM   168  C CB  . ASN A 1 21  ? 8.952   -8.493  4.623   1.00 12.47 ? 43  ASN A CB  1 
ATOM   169  C CG  . ASN A 1 21  ? 8.327   -8.769  5.961   1.00 12.99 ? 43  ASN A CG  1 
ATOM   170  O OD1 . ASN A 1 21  ? 8.508   -7.995  6.910   1.00 14.20 ? 43  ASN A OD1 1 
ATOM   171  N ND2 . ASN A 1 21  ? 7.573   -9.849  6.052   1.00 14.19 ? 43  ASN A ND2 1 
ATOM   172  N N   . GLY A 1 22  ? 10.000  -5.667  2.589   1.00 12.86 ? 44  GLY A N   1 
ATOM   173  C CA  . GLY A 1 22  ? 11.012  -5.278  1.633   1.00 13.07 ? 44  GLY A CA  1 
ATOM   174  C C   . GLY A 1 22  ? 11.037  -6.099  0.361   1.00 12.74 ? 44  GLY A C   1 
ATOM   175  O O   . GLY A 1 22  ? 12.051  -6.089  -0.345  1.00 14.47 ? 44  GLY A O   1 
ATOM   176  N N   . ARG A 1 23  ? 9.941   -6.792  0.053   1.00 11.80 ? 45  ARG A N   1 
ATOM   177  C CA  . ARG A 1 23  ? 9.867   -7.595  -1.163  1.00 11.09 ? 45  ARG A CA  1 
ATOM   178  C C   . ARG A 1 23  ? 8.420   -7.802  -1.569  1.00 9.75  ? 45  ARG A C   1 
ATOM   179  O O   . ARG A 1 23  ? 7.523   -7.687  -0.735  1.00 9.87  ? 45  ARG A O   1 
ATOM   180  C CB  . ARG A 1 23  ? 10.558  -8.949  -0.959  1.00 12.89 ? 45  ARG A CB  1 
ATOM   181  C CG  . ARG A 1 23  ? 9.945   -9.801  0.134   1.00 16.21 ? 45  ARG A CG  1 
ATOM   182  C CD  . ARG A 1 23  ? 10.878  -10.933 0.561   1.00 21.87 ? 45  ARG A CD  1 
ATOM   183  N NE  . ARG A 1 23  ? 10.371  -11.626 1.748   1.00 25.35 ? 45  ARG A NE  1 
ATOM   184  C CZ  . ARG A 1 23  ? 10.790  -11.412 2.995   1.00 27.35 ? 45  ARG A CZ  1 
ATOM   185  N NH1 . ARG A 1 23  ? 11.745  -10.522 3.252   1.00 28.63 ? 45  ARG A NH1 1 
ATOM   186  N NH2 . ARG A 1 23  ? 10.254  -12.100 3.997   1.00 29.14 ? 45  ARG A NH2 1 
ATOM   187  N N   . TYR A 1 24  ? 8.192   -8.145  -2.838  1.00 8.78  ? 46  TYR A N   1 
ATOM   188  C CA  . TYR A 1 24  ? 6.841   -8.460  -3.297  1.00 8.41  ? 46  TYR A CA  1 
ATOM   189  C C   . TYR A 1 24  ? 6.356   -9.681  -2.531  1.00 8.53  ? 46  TYR A C   1 
ATOM   190  O O   . TYR A 1 24  ? 6.933   -10.775 -2.683  1.00 9.81  ? 46  TYR A O   1 
ATOM   191  C CB  . TYR A 1 24  ? 6.826   -8.751  -4.805  1.00 7.58  ? 46  TYR A CB  1 
ATOM   192  C CG  . TYR A 1 24  ? 6.994   -7.540  -5.695  1.00 6.73  ? 46  TYR A CG  1 
ATOM   193  C CD1 . TYR A 1 24  ? 6.116   -6.453  -5.609  1.00 6.97  ? 46  TYR A CD1 1 
ATOM   194  C CD2 . TYR A 1 24  ? 8.008   -7.500  -6.649  1.00 8.35  ? 46  TYR A CD2 1 
ATOM   195  C CE1 . TYR A 1 24  ? 6.252   -5.366  -6.431  1.00 7.14  ? 46  TYR A CE1 1 
ATOM   196  C CE2 . TYR A 1 24  ? 8.162   -6.402  -7.489  1.00 8.45  ? 46  TYR A CE2 1 
ATOM   197  C CZ  . TYR A 1 24  ? 7.274   -5.333  -7.366  1.00 7.50  ? 46  TYR A CZ  1 
ATOM   198  O OH  . TYR A 1 24  ? 7.371   -4.220  -8.187  1.00 8.06  ? 46  TYR A OH  1 
ATOM   199  N N   . SER A 1 25  ? 5.334   -9.542  -1.695  1.00 7.92  ? 47  SER A N   1 
ATOM   200  C CA  . SER A 1 25  ? 4.998   -10.653 -0.795  1.00 7.87  ? 47  SER A CA  1 
ATOM   201  C C   . SER A 1 25  ? 3.561   -10.646 -0.311  1.00 7.72  ? 47  SER A C   1 
ATOM   202  O O   . SER A 1 25  ? 3.231   -11.392 0.614   1.00 8.30  ? 47  SER A O   1 
ATOM   203  C CB  . SER A 1 25  ? 5.964   -10.688 0.395   1.00 9.32  ? 47  SER A CB  1 
ATOM   204  O OG  . SER A 1 25  ? 5.843   -9.516  1.174   1.00 11.08 ? 47  SER A OG  1 
ATOM   205  N N   . ILE A 1 26  ? 2.709   -9.834  -0.935  1.00 6.64  ? 48  ILE A N   1 
ATOM   206  C CA  . ILE A 1 26  ? 1.337   -9.704  -0.494  1.00 7.21  ? 48  ILE A CA  1 
ATOM   207  C C   . ILE A 1 26  ? 0.388   -10.342 -1.501  1.00 7.16  ? 48  ILE A C   1 
ATOM   208  O O   . ILE A 1 26  ? 0.435   -10.025 -2.678  1.00 7.07  ? 48  ILE A O   1 
ATOM   209  C CB  . ILE A 1 26  ? 0.957   -8.209  -0.267  1.00 6.57  ? 48  ILE A CB  1 
ATOM   210  C CG1 . ILE A 1 26  ? 1.972   -7.523  0.650   1.00 7.48  ? 48  ILE A CG1 1 
ATOM   211  C CG2 . ILE A 1 26  ? -0.455  -8.100  0.304   1.00 9.16  ? 48  ILE A CG2 1 
ATOM   212  C CD1 . ILE A 1 26  ? 1.807   -5.980  0.732   1.00 7.62  ? 48  ILE A CD1 1 
ATOM   213  N N   . SER A 1 27  ? -0.456  -11.261 -1.056  1.00 7.42  ? 49  SER A N   1 
ATOM   214  C CA  . SER A 1 27  ? -1.532  -11.787 -1.892  1.00 7.97  ? 49  SER A CA  1 
ATOM   215  C C   . SER A 1 27  ? -2.699  -10.807 -1.967  1.00 7.95  ? 49  SER A C   1 
ATOM   216  O O   . SER A 1 27  ? -2.797  -9.882  -1.158  1.00 7.54  ? 49  SER A O   1 
ATOM   217  C CB  . SER A 1 27  ? -2.038  -13.104 -1.321  1.00 9.36  ? 49  SER A CB  1 
ATOM   218  O OG  . SER A 1 27  ? -2.722  -12.854 -0.113  1.00 10.86 ? 49  SER A OG  1 
ATOM   219  N N   A ARG A 1 28  ? -3.610  -10.997 -2.914  0.50 8.40  ? 50  ARG A N   1 
ATOM   220  N N   B ARG A 1 28  ? -3.593  -11.043 -2.922  0.50 8.85  ? 50  ARG A N   1 
ATOM   221  C CA  A ARG A 1 28  ? -4.767  -10.107 -2.979  0.50 8.79  ? 50  ARG A CA  1 
ATOM   222  C CA  B ARG A 1 28  ? -4.810  -10.253 -3.099  0.50 9.56  ? 50  ARG A CA  1 
ATOM   223  C C   A ARG A 1 28  ? -5.588  -10.135 -1.682  0.50 9.13  ? 50  ARG A C   1 
ATOM   224  C C   B ARG A 1 28  ? -5.680  -10.203 -1.817  0.50 9.79  ? 50  ARG A C   1 
ATOM   225  O O   A ARG A 1 28  ? -6.016  -9.082  -1.194  0.50 8.99  ? 50  ARG A O   1 
ATOM   226  O O   B ARG A 1 28  ? -6.196  -9.149  -1.456  0.50 9.91  ? 50  ARG A O   1 
ATOM   227  C CB  A ARG A 1 28  ? -5.643  -10.423 -4.183  0.50 8.94  ? 50  ARG A CB  1 
ATOM   228  C CB  B ARG A 1 28  ? -5.551  -10.791 -4.342  0.50 10.45 ? 50  ARG A CB  1 
ATOM   229  C CG  A ARG A 1 28  ? -6.930  -9.685  -4.199  0.50 10.55 ? 50  ARG A CG  1 
ATOM   230  C CG  B ARG A 1 28  ? -7.019  -10.446 -4.548  0.50 10.99 ? 50  ARG A CG  1 
ATOM   231  C CD  A ARG A 1 28  ? -6.737  -8.250  -4.545  0.50 13.06 ? 50  ARG A CD  1 
ATOM   232  C CD  B ARG A 1 28  ? -7.288  -8.984  -4.862  0.50 12.57 ? 50  ARG A CD  1 
ATOM   233  N NE  A ARG A 1 28  ? -8.047  -7.655  -4.723  0.50 14.15 ? 50  ARG A NE  1 
ATOM   234  N NE  B ARG A 1 28  ? -6.847  -8.495  -6.175  0.50 11.86 ? 50  ARG A NE  1 
ATOM   235  C CZ  A ARG A 1 28  ? -8.963  -7.627  -3.765  0.50 14.91 ? 50  ARG A CZ  1 
ATOM   236  C CZ  B ARG A 1 28  ? -6.961  -7.211  -6.512  0.50 8.35  ? 50  ARG A CZ  1 
ATOM   237  N NH1 A ARG A 1 28  ? -8.691  -8.158  -2.580  0.50 14.55 ? 50  ARG A NH1 1 
ATOM   238  N NH1 B ARG A 1 28  ? -7.501  -6.390  -5.633  0.50 9.51  ? 50  ARG A NH1 1 
ATOM   239  N NH2 A ARG A 1 28  ? -10.144 -7.076  -3.989  0.50 14.86 ? 50  ARG A NH2 1 
ATOM   240  N NH2 B ARG A 1 28  ? -6.549  -6.733  -7.680  0.50 2.88  ? 50  ARG A NH2 1 
ATOM   241  N N   . THR A 1 29  ? -5.784  -11.327 -1.106  1.00 9.72  ? 51  THR A N   1 
ATOM   242  C CA  . THR A 1 29  ? -6.531  -11.399 0.171   1.00 10.48 ? 51  THR A CA  1 
ATOM   243  C C   . THR A 1 29  ? -5.807  -10.684 1.308   1.00 9.36  ? 51  THR A C   1 
ATOM   244  O O   . THR A 1 29  ? -6.432  -9.951  2.068   1.00 10.19 ? 51  THR A O   1 
ATOM   245  C CB  . THR A 1 29  ? -6.914  -12.834 0.587   1.00 11.81 ? 51  THR A CB  1 
ATOM   246  O OG1 . THR A 1 29  ? -5.752  -13.657 0.604   1.00 13.45 ? 51  THR A OG1 1 
ATOM   247  C CG2 . THR A 1 29  ? -7.964  -13.408 -0.351  1.00 13.91 ? 51  THR A CG2 1 
ATOM   248  N N   . GLU A 1 30  ? -4.502  -10.881 1.415   1.00 8.58  ? 52  GLU A N   1 
ATOM   249  C CA  . GLU A 1 30  ? -3.728  -10.183 2.420   1.00 8.72  ? 52  GLU A CA  1 
ATOM   250  C C   . GLU A 1 30  ? -3.759  -8.667  2.201   1.00 8.64  ? 52  GLU A C   1 
ATOM   251  O O   . GLU A 1 30  ? -3.801  -7.907  3.167   1.00 8.27  ? 52  GLU A O   1 
ATOM   252  C CB  . GLU A 1 30  ? -2.293  -10.707 2.514   1.00 9.64  ? 52  GLU A CB  1 
ATOM   253  C CG  . GLU A 1 30  ? -1.534  -10.044 3.648   1.00 10.23 ? 52  GLU A CG  1 
ATOM   254  C CD  . GLU A 1 30  ? -0.266  -10.758 4.078   1.00 12.64 ? 52  GLU A CD  1 
ATOM   255  O OE1 . GLU A 1 30  ? -0.040  -11.940 3.706   1.00 14.22 ? 52  GLU A OE1 1 
ATOM   256  O OE2 . GLU A 1 30  ? 0.502   -10.143 4.841   1.00 12.05 ? 52  GLU A OE2 1 
ATOM   257  N N   . ALA A 1 31  ? -3.750  -8.225  0.938   1.00 7.72  ? 53  ALA A N   1 
ATOM   258  C CA  . ALA A 1 31  ? -3.798  -6.805  0.616   1.00 7.22  ? 53  ALA A CA  1 
ATOM   259  C C   . ALA A 1 31  ? -5.044  -6.146  1.190   1.00 7.05  ? 53  ALA A C   1 
ATOM   260  O O   . ALA A 1 31  ? -4.965  -5.084  1.813   1.00 6.95  ? 53  ALA A O   1 
ATOM   261  C CB  . ALA A 1 31  ? -3.719  -6.596  -0.889  1.00 6.57  ? 53  ALA A CB  1 
ATOM   262  N N   . ALA A 1 32  ? -6.198  -6.766  0.965   1.00 7.42  ? 54  ALA A N   1 
ATOM   263  C CA  . ALA A 1 32  ? -7.444  -6.241  1.487   1.00 8.26  ? 54  ALA A CA  1 
ATOM   264  C C   . ALA A 1 32  ? -7.412  -6.146  3.014   1.00 8.04  ? 54  ALA A C   1 
ATOM   265  O O   . ALA A 1 32  ? -7.842  -5.157  3.601   1.00 8.63  ? 54  ALA A O   1 
ATOM   266  C CB  . ALA A 1 32  ? -8.616  -7.104  1.013   1.00 8.85  ? 54  ALA A CB  1 
ATOM   267  N N   . ASP A 1 33  ? -6.899  -7.196  3.649   1.00 7.94  ? 55  ASP A N   1 
ATOM   268  C CA  . ASP A 1 33  ? -6.797  -7.221  5.099   1.00 7.84  ? 55  ASP A CA  1 
ATOM   269  C C   . ASP A 1 33  ? -5.838  -6.168  5.645   1.00 7.01  ? 55  ASP A C   1 
ATOM   270  O O   . ASP A 1 33  ? -6.100  -5.549  6.689   1.00 7.19  ? 55  ASP A O   1 
ATOM   271  C CB  . ASP A 1 33  ? -6.390  -8.614  5.570   1.00 9.36  ? 55  ASP A CB  1 
ATOM   272  C CG  . ASP A 1 33  ? -7.521  -9.641  5.456   1.00 10.76 ? 55  ASP A CG  1 
ATOM   273  O OD1 . ASP A 1 33  ? -8.670  -9.263  5.169   1.00 14.01 ? 55  ASP A OD1 1 
ATOM   274  O OD2 . ASP A 1 33  ? -7.242  -10.841 5.642   1.00 12.82 ? 55  ASP A OD2 1 
ATOM   275  N N   . LEU A 1 34  ? -4.735  -5.967  4.929   1.00 6.71  ? 56  LEU A N   1 
ATOM   276  C CA  . LEU A 1 34  ? -3.756  -4.996  5.324   1.00 6.95  ? 56  LEU A CA  1 
ATOM   277  C C   . LEU A 1 34  ? -4.338  -3.588  5.242   1.00 6.67  ? 56  LEU A C   1 
ATOM   278  O O   . LEU A 1 34  ? -4.216  -2.808  6.181   1.00 6.98  ? 56  LEU A O   1 
ATOM   279  C CB  . LEU A 1 34  ? -2.520  -5.156  4.448   1.00 7.36  ? 56  LEU A CB  1 
ATOM   280  C CG  . LEU A 1 34  ? -1.327  -4.276  4.765   1.00 9.19  ? 56  LEU A CG  1 
ATOM   281  C CD1 . LEU A 1 34  ? -0.940  -4.351  6.237   1.00 12.92 ? 56  LEU A CD1 1 
ATOM   282  C CD2 . LEU A 1 34  ? -0.172  -4.688  3.869   1.00 9.86  ? 56  LEU A CD2 1 
ATOM   283  N N   . CYS A 1 35  ? -4.996  -3.263  4.128   1.00 6.53  ? 57  CYS A N   1 
ATOM   284  C CA  . CYS A 1 35  ? -5.635  -1.952  4.056   1.00 7.02  ? 57  CYS A CA  1 
ATOM   285  C C   . CYS A 1 35  ? -6.655  -1.758  5.171   1.00 7.49  ? 57  CYS A C   1 
ATOM   286  O O   . CYS A 1 35  ? -6.709  -0.680  5.765   1.00 6.98  ? 57  CYS A O   1 
ATOM   287  C CB  . CYS A 1 35  ? -6.254  -1.682  2.693   1.00 7.54  ? 57  CYS A CB  1 
ATOM   288  S SG  . CYS A 1 35  ? -5.069  -1.657  1.322   1.00 7.72  ? 57  CYS A SG  1 
ATOM   289  N N   A GLN A 1 36  ? -7.441  -2.793  5.458   0.50 7.80  ? 58  GLN A N   1 
ATOM   290  N N   B GLN A 1 36  ? -7.446  -2.797  5.449   0.50 7.78  ? 58  GLN A N   1 
ATOM   291  C CA  A GLN A 1 36  ? -8.414  -2.717  6.545   0.50 8.72  ? 58  GLN A CA  1 
ATOM   292  C CA  B GLN A 1 36  ? -8.414  -2.761  6.548   0.50 8.69  ? 58  GLN A CA  1 
ATOM   293  C C   A GLN A 1 36  ? -7.763  -2.337  7.879   0.50 8.62  ? 58  GLN A C   1 
ATOM   294  C C   B GLN A 1 36  ? -7.766  -2.346  7.873   0.50 8.61  ? 58  GLN A C   1 
ATOM   295  O O   A GLN A 1 36  ? -8.363  -1.607  8.675   0.50 8.79  ? 58  GLN A O   1 
ATOM   296  O O   B GLN A 1 36  ? -8.367  -1.600  8.653   0.50 8.78  ? 58  GLN A O   1 
ATOM   297  C CB  A GLN A 1 36  ? -9.206  -4.017  6.679   0.50 9.08  ? 58  GLN A CB  1 
ATOM   298  C CB  B GLN A 1 36  ? -9.134  -4.109  6.701   0.50 9.07  ? 58  GLN A CB  1 
ATOM   299  C CG  A GLN A 1 36  ? -10.362 -3.910  7.656   0.50 11.93 ? 58  GLN A CG  1 
ATOM   300  C CG  B GLN A 1 36  ? -10.090 -4.178  7.897   0.50 11.73 ? 58  GLN A CG  1 
ATOM   301  C CD  A GLN A 1 36  ? -11.417 -4.965  7.434   0.50 14.91 ? 58  GLN A CD  1 
ATOM   302  C CD  B GLN A 1 36  ? -11.297 -3.258  7.763   0.50 14.68 ? 58  GLN A CD  1 
ATOM   303  O OE1 A GLN A 1 36  ? -12.301 -5.151  8.265   0.50 17.97 ? 58  GLN A OE1 1 
ATOM   304  O OE1 B GLN A 1 36  ? -11.968 -2.948  8.749   0.50 17.44 ? 58  GLN A OE1 1 
ATOM   305  N NE2 A GLN A 1 36  ? -11.339 -5.657  6.302   0.50 16.72 ? 58  GLN A NE2 1 
ATOM   306  N NE2 B GLN A 1 36  ? -11.583 -2.827  6.545   0.50 16.41 ? 58  GLN A NE2 1 
ATOM   307  N N   . ALA A 1 37  ? -6.539  -2.805  8.113   1.00 8.07  ? 59  ALA A N   1 
ATOM   308  C CA  . ALA A 1 37  ? -5.836  -2.494  9.357   1.00 8.51  ? 59  ALA A CA  1 
ATOM   309  C C   . ALA A 1 37  ? -5.449  -1.017  9.457   1.00 8.33  ? 59  ALA A C   1 
ATOM   310  O O   . ALA A 1 37  ? -5.321  -0.484  10.565  1.00 8.22  ? 59  ALA A O   1 
ATOM   311  C CB  . ALA A 1 37  ? -4.613  -3.413  9.540   1.00 8.81  ? 59  ALA A CB  1 
ATOM   312  N N   . PHE A 1 38  ? -5.306  -0.357  8.294   1.00 7.81  ? 60  PHE A N   1 
ATOM   313  C CA  . PHE A 1 38  ? -5.121  1.087   8.203   1.00 8.13  ? 60  PHE A CA  1 
ATOM   314  C C   . PHE A 1 38  ? -6.449  1.859   8.072   1.00 8.14  ? 60  PHE A C   1 
ATOM   315  O O   . PHE A 1 38  ? -6.430  3.029   7.662   1.00 8.72  ? 60  PHE A O   1 
ATOM   316  C CB  . PHE A 1 38  ? -4.246  1.433   6.981   1.00 8.02  ? 60  PHE A CB  1 
ATOM   317  C CG  . PHE A 1 38  ? -2.784  1.069   7.118   1.00 8.13  ? 60  PHE A CG  1 
ATOM   318  C CD1 . PHE A 1 38  ? -1.921  1.857   7.874   1.00 10.04 ? 60  PHE A CD1 1 
ATOM   319  C CD2 . PHE A 1 38  ? -2.253  -0.029  6.456   1.00 9.18  ? 60  PHE A CD2 1 
ATOM   320  C CE1 . PHE A 1 38  ? -0.549  1.549   7.973   1.00 10.67 ? 60  PHE A CE1 1 
ATOM   321  C CE2 . PHE A 1 38  ? -0.890  -0.343  6.558   1.00 8.40  ? 60  PHE A CE2 1 
ATOM   322  C CZ  . PHE A 1 38  ? -0.047  0.442   7.323   1.00 9.49  ? 60  PHE A CZ  1 
ATOM   323  N N   A ASN A 1 39  ? -7.573  1.238   8.437   0.50 8.37  ? 61  ASN A N   1 
ATOM   324  N N   B ASN A 1 39  ? -7.576  1.210   8.382   0.50 8.65  ? 61  ASN A N   1 
ATOM   325  C CA  A ASN A 1 39  ? -8.885  1.851   8.196   0.50 8.61  ? 61  ASN A CA  1 
ATOM   326  C CA  B ASN A 1 39  ? -8.900  1.823   8.200   0.50 9.20  ? 61  ASN A CA  1 
ATOM   327  C C   A ASN A 1 39  ? -8.949  2.379   6.771   0.50 8.13  ? 61  ASN A C   1 
ATOM   328  C C   B ASN A 1 39  ? -9.131  2.282   6.755   0.50 8.51  ? 61  ASN A C   1 
ATOM   329  O O   A ASN A 1 39  ? -9.335  3.528   6.533   0.50 8.27  ? 61  ASN A O   1 
ATOM   330  O O   B ASN A 1 39  ? -9.821  3.275   6.487   0.50 8.40  ? 61  ASN A O   1 
ATOM   331  C CB  A ASN A 1 39  ? -9.180  2.982   9.192   0.50 9.33  ? 61  ASN A CB  1 
ATOM   332  C CB  B ASN A 1 39  ? -9.097  2.992   9.171   0.50 10.24 ? 61  ASN A CB  1 
ATOM   333  C CG  A ASN A 1 39  ? -9.591  2.471   10.558  0.50 9.66  ? 61  ASN A CG  1 
ATOM   334  C CG  B ASN A 1 39  ? -10.540 3.389   9.304   0.50 12.11 ? 61  ASN A CG  1 
ATOM   335  O OD1 A ASN A 1 39  ? -10.236 1.433   10.668  0.50 11.21 ? 61  ASN A OD1 1 
ATOM   336  O OD1 B ASN A 1 39  ? -11.423 2.533   9.337   0.50 15.54 ? 61  ASN A OD1 1 
ATOM   337  N ND2 A ASN A 1 39  ? -9.218  3.200   11.600  0.50 12.81 ? 61  ASN A ND2 1 
ATOM   338  N ND2 B ASN A 1 39  ? -10.796 4.688   9.378   0.50 15.25 ? 61  ASN A ND2 1 
ATOM   339  N N   . SER A 1 40  ? -8.551  1.521   5.833   1.00 7.82  ? 62  SER A N   1 
ATOM   340  C CA  . SER A 1 40  ? -8.468  1.875   4.429   1.00 7.34  ? 62  SER A CA  1 
ATOM   341  C C   . SER A 1 40  ? -9.019  0.752   3.580   1.00 7.25  ? 62  SER A C   1 
ATOM   342  O O   . SER A 1 40  ? -9.316  -0.332  4.082   1.00 8.33  ? 62  SER A O   1 
ATOM   343  C CB  . SER A 1 40  ? -7.010  2.157   4.077   1.00 6.83  ? 62  SER A CB  1 
ATOM   344  O OG  . SER A 1 40  ? -6.529  3.321   4.733   1.00 7.51  ? 62  SER A OG  1 
ATOM   345  N N   . THR A 1 41  ? -9.128  0.999   2.286   1.00 6.70  ? 63  THR A N   1 
ATOM   346  C CA  . THR A 1 41  ? -9.626  0.020   1.342   1.00 7.26  ? 63  THR A CA  1 
ATOM   347  C C   . THR A 1 41  ? -8.678  -0.019  0.161   1.00 6.59  ? 63  THR A C   1 
ATOM   348  O O   . THR A 1 41  ? -7.876  0.910   -0.038  1.00 7.36  ? 63  THR A O   1 
ATOM   349  C CB  . THR A 1 41  ? -11.022 0.432   0.816   1.00 7.52  ? 63  THR A CB  1 
ATOM   350  O OG1 . THR A 1 41  ? -11.003 1.808   0.409   1.00 9.19  ? 63  THR A OG1 1 
ATOM   351  C CG2 . THR A 1 41  ? -12.086 0.236   1.889   1.00 10.19 ? 63  THR A CG2 1 
ATOM   352  N N   A LEU A 1 42  ? -8.746  -1.076  -0.636  0.50 6.30  ? 64  LEU A N   1 
ATOM   353  N N   B LEU A 1 42  ? -8.783  -1.056  -0.659  0.50 6.26  ? 64  LEU A N   1 
ATOM   354  C CA  A LEU A 1 42  ? -8.039  -1.040  -1.910  0.50 5.86  ? 64  LEU A CA  1 
ATOM   355  C CA  B LEU A 1 42  ? -8.064  -1.066  -1.938  0.50 5.72  ? 64  LEU A CA  1 
ATOM   356  C C   A LEU A 1 42  ? -8.605  0.132   -2.713  0.50 5.25  ? 64  LEU A C   1 
ATOM   357  C C   B LEU A 1 42  ? -8.609  0.031   -2.857  0.50 5.38  ? 64  LEU A C   1 
ATOM   358  O O   A LEU A 1 42  ? -9.826  0.317   -2.746  0.50 5.31  ? 64  LEU A O   1 
ATOM   359  O O   B LEU A 1 42  ? -9.817  0.041   -3.141  0.50 4.84  ? 64  LEU A O   1 
ATOM   360  C CB  A LEU A 1 42  ? -8.224  -2.346  -2.676  0.50 6.22  ? 64  LEU A CB  1 
ATOM   361  C CB  B LEU A 1 42  ? -8.236  -2.409  -2.628  0.50 5.99  ? 64  LEU A CB  1 
ATOM   362  C CG  A LEU A 1 42  ? -7.366  -3.499  -2.165  0.50 7.36  ? 64  LEU A CG  1 
ATOM   363  C CG  B LEU A 1 42  ? -7.605  -3.602  -1.927  0.50 6.64  ? 64  LEU A CG  1 
ATOM   364  C CD1 A LEU A 1 42  ? -5.916  -3.281  -2.520  0.50 7.57  ? 64  LEU A CD1 1 
ATOM   365  C CD1 B LEU A 1 42  ? -7.832  -4.832  -2.766  0.50 7.66  ? 64  LEU A CD1 1 
ATOM   366  C CD2 A LEU A 1 42  ? -7.523  -3.632  -0.682  0.50 10.29 ? 64  LEU A CD2 1 
ATOM   367  C CD2 B LEU A 1 42  ? -6.132  -3.369  -1.759  0.50 7.18  ? 64  LEU A CD2 1 
ATOM   368  N N   . PRO A 1 43  ? -7.739  0.931   -3.359  1.00 5.34  ? 65  PRO A N   1 
ATOM   369  C CA  . PRO A 1 43  ? -8.257  2.051   -4.146  1.00 5.40  ? 65  PRO A CA  1 
ATOM   370  C C   . PRO A 1 43  ? -9.005  1.587   -5.391  1.00 5.18  ? 65  PRO A C   1 
ATOM   371  O O   . PRO A 1 43  ? -8.666  0.557   -5.997  1.00 6.26  ? 65  PRO A O   1 
ATOM   372  C CB  . PRO A 1 43  ? -6.989  2.817   -4.552  1.00 5.46  ? 65  PRO A CB  1 
ATOM   373  C CG  . PRO A 1 43  ? -5.950  2.409   -3.567  1.00 6.69  ? 65  PRO A CG  1 
ATOM   374  C CD  . PRO A 1 43  ? -6.272  0.964   -3.257  1.00 5.16  ? 65  PRO A CD  1 
ATOM   375  N N   . THR A 1 44  ? -10.004 2.366   -5.803  1.00 5.95  ? 66  THR A N   1 
ATOM   376  C CA  . THR A 1 44  ? -10.549 2.180   -7.137  1.00 6.38  ? 66  THR A CA  1 
ATOM   377  C C   . THR A 1 44  ? -9.587  2.808   -8.149  1.00 5.95  ? 66  THR A C   1 
ATOM   378  O O   . THR A 1 44  ? -8.714  3.621   -7.789  1.00 6.12  ? 66  THR A O   1 
ATOM   379  C CB  . THR A 1 44  ? -11.912 2.848   -7.296  1.00 6.44  ? 66  THR A CB  1 
ATOM   380  O OG1 . THR A 1 44  ? -11.744 4.261   -7.164  1.00 7.08  ? 66  THR A OG1 1 
ATOM   381  C CG2 . THR A 1 44  ? -12.903 2.334   -6.251  1.00 8.74  ? 66  THR A CG2 1 
ATOM   382  N N   . MET A 1 45  ? -9.766  2.454   -9.417  1.00 6.44  ? 67  MET A N   1 
ATOM   383  C CA  . MET A 1 45  ? -8.979  3.056   -10.463 1.00 6.79  ? 67  MET A CA  1 
ATOM   384  C C   . MET A 1 45  ? -9.161  4.586   -10.475 1.00 6.66  ? 67  MET A C   1 
ATOM   385  O O   . MET A 1 45  ? -8.185  5.318   -10.612 1.00 6.88  ? 67  MET A O   1 
ATOM   386  C CB  . MET A 1 45  ? -9.330  2.457   -11.820 1.00 7.82  ? 67  MET A CB  1 
ATOM   387  C CG  . MET A 1 45  ? -8.551  3.081   -12.979 1.00 9.76  ? 67  MET A CG  1 
ATOM   388  S SD  . MET A 1 45  ? -6.781  2.854   -12.867 1.00 12.94 ? 67  MET A SD  1 
ATOM   389  C CE  . MET A 1 45  ? -6.622  1.173   -13.426 1.00 16.27 ? 67  MET A CE  1 
ATOM   390  N N   . ASP A 1 46  ? -10.392 5.070   -10.308 1.00 6.62  ? 68  ASP A N   1 
ATOM   391  C CA  . ASP A 1 46  ? -10.605 6.514   -10.255 1.00 7.00  ? 68  ASP A CA  1 
ATOM   392  C C   . ASP A 1 46  ? -9.880  7.183   -9.080  1.00 6.18  ? 68  ASP A C   1 
ATOM   393  O O   . ASP A 1 46  ? -9.315  8.260   -9.235  1.00 6.65  ? 68  ASP A O   1 
ATOM   394  C CB  . ASP A 1 46  ? -12.105 6.841   -10.220 1.00 9.08  ? 68  ASP A CB  1 
ATOM   395  C CG  . ASP A 1 46  ? -12.785 6.679   -11.587 1.00 13.23 ? 68  ASP A CG  1 
ATOM   396  O OD1 . ASP A 1 46  ? -12.094 6.555   -12.624 1.00 16.53 ? 68  ASP A OD1 1 
ATOM   397  O OD2 . ASP A 1 46  ? -14.037 6.678   -11.607 1.00 17.68 ? 68  ASP A OD2 1 
ATOM   398  N N   . GLN A 1 47  ? -9.885  6.539   -7.914  1.00 5.45  ? 69  GLN A N   1 
ATOM   399  C CA  . GLN A 1 47  ? -9.156  7.093   -6.774  1.00 5.19  ? 69  GLN A CA  1 
ATOM   400  C C   . GLN A 1 47  ? -7.661  7.144   -7.054  1.00 5.23  ? 69  GLN A C   1 
ATOM   401  O O   . GLN A 1 47  ? -7.005  8.128   -6.726  1.00 4.85  ? 69  GLN A O   1 
ATOM   402  C CB  . GLN A 1 47  ? -9.433  6.266   -5.518  1.00 4.99  ? 69  GLN A CB  1 
ATOM   403  C CG  . GLN A 1 47  ? -10.835 6.497   -4.964  1.00 5.69  ? 69  GLN A CG  1 
ATOM   404  C CD  . GLN A 1 47  ? -11.261 5.459   -3.955  1.00 6.09  ? 69  GLN A CD  1 
ATOM   405  O OE1 . GLN A 1 47  ? -10.701 4.378   -3.829  1.00 6.77  ? 69  GLN A OE1 1 
ATOM   406  N NE2 . GLN A 1 47  ? -12.280 5.804   -3.209  1.00 7.21  ? 69  GLN A NE2 1 
ATOM   407  N N   . MET A 1 48  ? -7.133  6.101   -7.692  1.00 4.71  ? 70  MET A N   1 
ATOM   408  C CA  . MET A 1 48  ? -5.728  6.072   -8.041  1.00 5.17  ? 70  MET A CA  1 
ATOM   409  C C   . MET A 1 48  ? -5.397  7.150   -9.081  1.00 5.34  ? 70  MET A C   1 
ATOM   410  O O   . MET A 1 48  ? -4.357  7.794   -9.002  1.00 5.60  ? 70  MET A O   1 
ATOM   411  C CB  . MET A 1 48  ? -5.359  4.684   -8.561  1.00 5.52  ? 70  MET A CB  1 
ATOM   412  C CG  . MET A 1 48  ? -3.921  4.539   -9.004  1.00 6.73  ? 70  MET A CG  1 
ATOM   413  S SD  . MET A 1 48  ? -2.668  4.870   -7.757  1.00 5.87  ? 70  MET A SD  1 
ATOM   414  C CE  . MET A 1 48  ? -2.621  3.291   -6.944  1.00 7.80  ? 70  MET A CE  1 
ATOM   415  N N   . LYS A 1 49  ? -6.270  7.342   -10.063 1.00 5.53  ? 71  LYS A N   1 
ATOM   416  C CA  . LYS A 1 49  ? -6.011  8.370   -11.062 1.00 5.63  ? 71  LYS A CA  1 
ATOM   417  C C   . LYS A 1 49  ? -5.956  9.747   -10.425 1.00 5.51  ? 71  LYS A C   1 
ATOM   418  O O   . LYS A 1 49  ? -5.112  10.567  -10.781 1.00 5.86  ? 71  LYS A O   1 
ATOM   419  C CB  . LYS A 1 49  ? -7.044  8.317   -12.177 1.00 6.22  ? 71  LYS A CB  1 
ATOM   420  C CG  . LYS A 1 49  ? -6.837  7.141   -13.111 1.00 7.47  ? 71  LYS A CG  1 
ATOM   421  C CD  . LYS A 1 49  ? -7.886  7.052   -14.195 1.00 10.77 ? 71  LYS A CD  1 
ATOM   422  C CE  . LYS A 1 49  ? -7.540  5.997   -15.229 1.00 13.96 ? 71  LYS A CE  1 
ATOM   423  N NZ  . LYS A 1 49  ? -8.637  5.797   -16.220 1.00 16.78 ? 71  LYS A NZ  1 
ATOM   424  N N   . LEU A 1 50  ? -6.837  10.014  -9.468  1.00 5.58  ? 72  LEU A N   1 
ATOM   425  C CA  . LEU A 1 50  ? -6.794  11.312  -8.811  1.00 5.50  ? 72  LEU A CA  1 
ATOM   426  C C   . LEU A 1 50  ? -5.497  11.452  -8.002  1.00 4.96  ? 72  LEU A C   1 
ATOM   427  O O   . LEU A 1 50  ? -4.865  12.496  -8.018  1.00 5.81  ? 72  LEU A O   1 
ATOM   428  C CB  . LEU A 1 50  ? -8.027  11.556  -7.943  1.00 6.46  ? 72  LEU A CB  1 
ATOM   429  C CG  . LEU A 1 50  ? -8.142  13.015  -7.460  1.00 7.36  ? 72  LEU A CG  1 
ATOM   430  C CD1 . LEU A 1 50  ? -8.433  14.016  -8.583  1.00 10.49 ? 72  LEU A CD1 1 
ATOM   431  C CD2 . LEU A 1 50  ? -9.135  13.147  -6.326  1.00 9.90  ? 72  LEU A CD2 1 
ATOM   432  N N   . ALA A 1 51  ? -5.092  10.395  -7.301  1.00 4.31  ? 73  ALA A N   1 
ATOM   433  C CA  . ALA A 1 51  ? -3.839  10.422  -6.559  1.00 4.78  ? 73  ALA A CA  1 
ATOM   434  C C   . ALA A 1 51  ? -2.654  10.731  -7.469  1.00 5.28  ? 73  ALA A C   1 
ATOM   435  O O   . ALA A 1 51  ? -1.807  11.558  -7.142  1.00 5.40  ? 73  ALA A O   1 
ATOM   436  C CB  . ALA A 1 51  ? -3.616  9.116   -5.833  1.00 5.17  ? 73  ALA A CB  1 
ATOM   437  N N   . LEU A 1 52  ? -2.596  10.051  -8.610  1.00 5.45  ? 74  LEU A N   1 
ATOM   438  C CA  . LEU A 1 52  ? -1.570  10.314  -9.610  1.00 6.90  ? 74  LEU A CA  1 
ATOM   439  C C   . LEU A 1 52  ? -1.543  11.796  -10.002 1.00 6.84  ? 74  LEU A C   1 
ATOM   440  O O   . LEU A 1 52  ? -0.473  12.411  -10.068 1.00 7.64  ? 74  LEU A O   1 
ATOM   441  C CB  . LEU A 1 52  ? -1.833  9.424   -10.819 1.00 7.22  ? 74  LEU A CB  1 
ATOM   442  C CG  . LEU A 1 52  ? -0.988  9.671   -12.069 1.00 10.49 ? 74  LEU A CG  1 
ATOM   443  C CD1 . LEU A 1 52  ? 0.353   9.050   -11.884 1.00 14.50 ? 74  LEU A CD1 1 
ATOM   444  C CD2 . LEU A 1 52  ? -1.686  9.102   -13.301 1.00 12.04 ? 74  LEU A CD2 1 
ATOM   445  N N   . SER A 1 53  ? -2.726  12.381  -10.191 1.00 7.03  ? 75  SER A N   1 
ATOM   446  C CA  . SER A 1 53  ? -2.820  13.797  -10.579 1.00 8.21  ? 75  SER A CA  1 
ATOM   447  C C   . SER A 1 53  ? -2.304  14.756  -9.514  1.00 8.84  ? 75  SER A C   1 
ATOM   448  O O   . SER A 1 53  ? -1.936  15.898  -9.834  1.00 10.13 ? 75  SER A O   1 
ATOM   449  C CB  . SER A 1 53  ? -4.242  14.151  -10.998 1.00 9.00  ? 75  SER A CB  1 
ATOM   450  O OG  . SER A 1 53  ? -5.054  14.385  -9.870  1.00 9.57  ? 75  SER A OG  1 
ATOM   451  N N   . LYS A 1 54  ? -2.264  14.305  -8.262  1.00 7.82  ? 76  LYS A N   1 
ATOM   452  C CA  . LYS A 1 54  ? -1.757  15.107  -7.152  1.00 8.78  ? 76  LYS A CA  1 
ATOM   453  C C   . LYS A 1 54  ? -0.276  14.889  -6.884  1.00 8.52  ? 76  LYS A C   1 
ATOM   454  O O   . LYS A 1 54  ? 0.289   15.519  -5.993  1.00 9.26  ? 76  LYS A O   1 
ATOM   455  C CB  . LYS A 1 54  ? -2.534  14.803  -5.861  1.00 9.59  ? 76  LYS A CB  1 
ATOM   456  C CG  . LYS A 1 54  ? -4.044  14.985  -5.914  1.00 11.42 ? 76  LYS A CG  1 
ATOM   457  C CD  . LYS A 1 54  ? -4.443  16.389  -6.260  1.00 12.87 ? 76  LYS A CD  1 
ATOM   458  C CE  . LYS A 1 54  ? -5.956  16.534  -6.182  1.00 15.33 ? 76  LYS A CE  1 
ATOM   459  N NZ  . LYS A 1 54  ? -6.374  17.931  -6.431  1.00 17.21 ? 76  LYS A NZ  1 
ATOM   460  N N   . GLY A 1 55  ? 0.358   14.001  -7.643  1.00 7.50  ? 77  GLY A N   1 
ATOM   461  C CA  . GLY A 1 55  ? 1.792   13.804  -7.520  1.00 7.57  ? 77  GLY A CA  1 
ATOM   462  C C   . GLY A 1 55  ? 2.270   12.411  -7.133  1.00 6.59  ? 77  GLY A C   1 
ATOM   463  O O   . GLY A 1 55  ? 3.470   12.229  -6.913  1.00 7.75  ? 77  GLY A O   1 
ATOM   464  N N   . PHE A 1 56  ? 1.366   11.432  -7.067  1.00 5.97  ? 78  PHE A N   1 
ATOM   465  C CA  . PHE A 1 56  ? 1.729   10.071  -6.667  1.00 5.72  ? 78  PHE A CA  1 
ATOM   466  C C   . PHE A 1 56  ? 2.367   9.270   -7.783  1.00 5.98  ? 78  PHE A C   1 
ATOM   467  O O   . PHE A 1 56  ? 1.746   9.080   -8.822  1.00 6.16  ? 78  PHE A O   1 
ATOM   468  C CB  . PHE A 1 56  ? 0.476   9.336   -6.203  1.00 6.08  ? 78  PHE A CB  1 
ATOM   469  C CG  . PHE A 1 56  ? 0.725   8.024   -5.495  1.00 4.70  ? 78  PHE A CG  1 
ATOM   470  C CD1 . PHE A 1 56  ? 1.765   7.854   -4.587  1.00 6.77  ? 78  PHE A CD1 1 
ATOM   471  C CD2 . PHE A 1 56  ? -0.144  6.972   -5.694  1.00 5.74  ? 78  PHE A CD2 1 
ATOM   472  C CE1 . PHE A 1 56  ? 1.921   6.643   -3.888  1.00 6.82  ? 78  PHE A CE1 1 
ATOM   473  C CE2 . PHE A 1 56  ? 0.025   5.766   -5.021  1.00 5.24  ? 78  PHE A CE2 1 
ATOM   474  C CZ  . PHE A 1 56  ? 1.054   5.614   -4.104  1.00 6.02  ? 78  PHE A CZ  1 
ATOM   475  N N   . GLU A 1 57  ? 3.573   8.760   -7.538  1.00 5.95  ? 79  GLU A N   1 
ATOM   476  C CA  . GLU A 1 57  ? 4.146   7.742   -8.382  1.00 6.16  ? 79  GLU A CA  1 
ATOM   477  C C   . GLU A 1 57  ? 5.006   6.806   -7.554  1.00 5.45  ? 79  GLU A C   1 
ATOM   478  O O   . GLU A 1 57  ? 5.553   7.194   -6.522  1.00 5.69  ? 79  GLU A O   1 
ATOM   479  C CB  . GLU A 1 57  ? 4.928   8.326   -9.563  1.00 6.92  ? 79  GLU A CB  1 
ATOM   480  C CG  . GLU A 1 57  ? 6.152   9.122   -9.193  1.00 9.47  ? 79  GLU A CG  1 
ATOM   481  C CD  . GLU A 1 57  ? 6.971   9.566   -10.416 1.00 10.30 ? 79  GLU A CD  1 
ATOM   482  O OE1 . GLU A 1 57  ? 6.695   9.164   -11.567 1.00 9.35  ? 79  GLU A OE1 1 
ATOM   483  O OE2 . GLU A 1 57  ? 7.951   10.305  -10.230 1.00 9.22  ? 79  GLU A OE2 1 
ATOM   484  N N   . THR A 1 58  ? 5.101   5.562   -8.013  1.00 5.56  ? 80  THR A N   1 
ATOM   485  C CA  . THR A 1 58  ? 6.000   4.578   -7.398  1.00 5.81  ? 80  THR A CA  1 
ATOM   486  C C   . THR A 1 58  ? 6.710   3.826   -8.520  1.00 5.78  ? 80  THR A C   1 
ATOM   487  O O   . THR A 1 58  ? 6.406   3.997   -9.697  1.00 5.93  ? 80  THR A O   1 
ATOM   488  C CB  . THR A 1 58  ? 5.254   3.547   -6.532  1.00 6.06  ? 80  THR A CB  1 
ATOM   489  O OG1 . THR A 1 58  ? 4.650   2.591   -7.403  1.00 6.54  ? 80  THR A OG1 1 
ATOM   490  C CG2 . THR A 1 58  ? 4.223   4.194   -5.599  1.00 7.21  ? 80  THR A CG2 1 
ATOM   491  N N   . CYS A 1 59  ? 7.611   2.932   -8.137  1.00 6.28  ? 81  CYS A N   1 
ATOM   492  C CA  . CYS A 1 59  ? 8.221   2.041   -9.098  1.00 7.28  ? 81  CYS A CA  1 
ATOM   493  C C   . CYS A 1 59  ? 7.947   0.596   -8.704  1.00 6.91  ? 81  CYS A C   1 
ATOM   494  O O   . CYS A 1 59  ? 8.808   -0.274  -8.853  1.00 8.34  ? 81  CYS A O   1 
ATOM   495  C CB  . CYS A 1 59  ? 9.714   2.309   -9.188  1.00 8.78  ? 81  CYS A CB  1 
ATOM   496  S SG  . CYS A 1 59  ? 10.558  1.523   -10.588 1.00 12.27 ? 81  CYS A SG  1 
ATOM   497  N N   . ARG A 1 60  ? 6.748   0.340   -8.182  1.00 6.43  ? 82  ARG A N   1 
ATOM   498  C CA  . ARG A 1 60  ? 6.415   -0.986  -7.670  1.00 6.58  ? 82  ARG A CA  1 
ATOM   499  C C   . ARG A 1 60  ? 5.001   -1.387  -8.045  1.00 5.94  ? 82  ARG A C   1 
ATOM   500  O O   . ARG A 1 60  ? 4.067   -0.584  -7.910  1.00 6.87  ? 82  ARG A O   1 
ATOM   501  C CB  . ARG A 1 60  ? 6.459   -0.982  -6.140  1.00 7.88  ? 82  ARG A CB  1 
ATOM   502  C CG  . ARG A 1 60  ? 7.777   -0.638  -5.502  1.00 8.55  ? 82  ARG A CG  1 
ATOM   503  C CD  . ARG A 1 60  ? 8.739   -1.821  -5.553  1.00 11.15 ? 82  ARG A CD  1 
ATOM   504  N NE  . ARG A 1 60  ? 8.316   -2.909  -4.652  1.00 10.90 ? 82  ARG A NE  1 
ATOM   505  C CZ  . ARG A 1 60  ? 8.970   -4.059  -4.494  1.00 10.31 ? 82  ARG A CZ  1 
ATOM   506  N NH1 . ARG A 1 60  ? 10.106  -4.276  -5.146  1.00 11.46 ? 82  ARG A NH1 1 
ATOM   507  N NH2 . ARG A 1 60  ? 8.493   -4.997  -3.682  1.00 9.67  ? 82  ARG A NH2 1 
ATOM   508  N N   . TYR A 1 61  ? 4.824   -2.636  -8.477  1.00 5.60  ? 83  TYR A N   1 
ATOM   509  C CA  . TYR A 1 61  ? 3.498   -3.202  -8.699  1.00 5.67  ? 83  TYR A CA  1 
ATOM   510  C C   . TYR A 1 61  ? 2.742   -3.359  -7.396  1.00 4.91  ? 83  TYR A C   1 
ATOM   511  O O   . TYR A 1 61  ? 3.291   -3.879  -6.416  1.00 5.46  ? 83  TYR A O   1 
ATOM   512  C CB  . TYR A 1 61  ? 3.636   -4.582  -9.312  1.00 6.20  ? 83  TYR A CB  1 
ATOM   513  C CG  . TYR A 1 61  ? 4.136   -4.589  -10.715 1.00 7.93  ? 83  TYR A CG  1 
ATOM   514  C CD1 . TYR A 1 61  ? 3.370   -4.056  -11.748 1.00 9.16  ? 83  TYR A CD1 1 
ATOM   515  C CD2 . TYR A 1 61  ? 5.359   -5.168  -11.021 1.00 11.19 ? 83  TYR A CD2 1 
ATOM   516  C CE1 . TYR A 1 61  ? 3.826   -4.070  -13.060 1.00 12.41 ? 83  TYR A CE1 1 
ATOM   517  C CE2 . TYR A 1 61  ? 5.833   -5.193  -12.332 1.00 15.78 ? 83  TYR A CE2 1 
ATOM   518  C CZ  . TYR A 1 61  ? 5.056   -4.640  -13.337 1.00 13.53 ? 83  TYR A CZ  1 
ATOM   519  O OH  . TYR A 1 61  ? 5.512   -4.657  -14.642 1.00 18.84 ? 83  TYR A OH  1 
ATOM   520  N N   . GLY A 1 62  ? 1.481   -2.949  -7.404  1.00 4.98  ? 84  GLY A N   1 
ATOM   521  C CA  . GLY A 1 62  ? 0.645   -3.180  -6.252  1.00 4.67  ? 84  GLY A CA  1 
ATOM   522  C C   . GLY A 1 62  ? -0.812  -3.289  -6.592  1.00 4.78  ? 84  GLY A C   1 
ATOM   523  O O   . GLY A 1 62  ? -1.283  -2.718  -7.584  1.00 4.56  ? 84  GLY A O   1 
ATOM   524  N N   . PHE A 1 63  ? -1.540  -4.012  -5.747  1.00 4.46  ? 85  PHE A N   1 
ATOM   525  C CA  . PHE A 1 63  ? -2.967  -4.168  -5.935  1.00 5.31  ? 85  PHE A CA  1 
ATOM   526  C C   . PHE A 1 63  ? -3.717  -2.859  -5.769  1.00 4.81  ? 85  PHE A C   1 
ATOM   527  O O   . PHE A 1 63  ? -3.469  -2.069  -4.842  1.00 5.01  ? 85  PHE A O   1 
ATOM   528  C CB  . PHE A 1 63  ? -3.569  -5.136  -4.920  1.00 6.06  ? 85  PHE A CB  1 
ATOM   529  C CG  . PHE A 1 63  ? -2.978  -6.466  -4.951  1.00 6.33  ? 85  PHE A CG  1 
ATOM   530  C CD1 . PHE A 1 63  ? -3.346  -7.400  -5.888  1.00 8.33  ? 85  PHE A CD1 1 
ATOM   531  C CD2 . PHE A 1 63  ? -2.047  -6.800  -3.984  1.00 9.25  ? 85  PHE A CD2 1 
ATOM   532  C CE1 . PHE A 1 63  ? -2.746  -8.676  -5.843  1.00 10.17 ? 85  PHE A CE1 1 
ATOM   533  C CE2 . PHE A 1 63  ? -1.459  -8.027  -3.939  1.00 11.46 ? 85  PHE A CE2 1 
ATOM   534  C CZ  . PHE A 1 63  ? -1.788  -8.949  -4.864  1.00 7.20  ? 85  PHE A CZ  1 
ATOM   535  N N   . ILE A 1 64  ? -4.696  -2.688  -6.644  1.00 4.96  ? 86  ILE A N   1 
ATOM   536  C CA  . ILE A 1 64  ? -5.830  -1.819  -6.387  1.00 5.15  ? 86  ILE A CA  1 
ATOM   537  C C   . ILE A 1 64  ? -7.060  -2.722  -6.515  1.00 5.73  ? 86  ILE A C   1 
ATOM   538  O O   . ILE A 1 64  ? -6.923  -3.936  -6.686  1.00 6.68  ? 86  ILE A O   1 
ATOM   539  C CB  . ILE A 1 64  ? -5.913  -0.605  -7.336  1.00 5.13  ? 86  ILE A CB  1 
ATOM   540  C CG1 . ILE A 1 64  ? -6.066  -1.031  -8.801  1.00 5.99  ? 86  ILE A CG1 1 
ATOM   541  C CG2 . ILE A 1 64  ? -4.741  0.334   -7.116  1.00 6.30  ? 86  ILE A CG2 1 
ATOM   542  C CD1 . ILE A 1 64  ? -6.440  0.121   -9.739  1.00 7.82  ? 86  ILE A CD1 1 
ATOM   543  N N   . GLU A 1 65  ? -8.265  -2.172  -6.416  1.00 5.69  ? 87  GLU A N   1 
ATOM   544  C CA  . GLU A 1 65  ? -9.465  -2.968  -6.665  1.00 8.11  ? 87  GLU A CA  1 
ATOM   545  C C   . GLU A 1 65  ? -9.491  -3.365  -8.138  1.00 8.74  ? 87  GLU A C   1 
ATOM   546  O O   . GLU A 1 65  ? -9.570  -2.497  -9.017  1.00 10.30 ? 87  GLU A O   1 
ATOM   547  C CB  . GLU A 1 65  ? -10.714 -2.181  -6.286  1.00 8.40  ? 87  GLU A CB  1 
ATOM   548  C CG  . GLU A 1 65  ? -11.984 -3.020  -6.264  1.00 12.02 ? 87  GLU A CG  1 
ATOM   549  C CD  . GLU A 1 65  ? -11.960 -4.123  -5.216  1.00 16.44 ? 87  GLU A CD  1 
ATOM   550  O OE1 . GLU A 1 65  ? -11.628 -3.853  -4.043  1.00 18.31 ? 87  GLU A OE1 1 
ATOM   551  O OE2 . GLU A 1 65  ? -12.273 -5.280  -5.567  1.00 22.77 ? 87  GLU A OE2 1 
ATOM   552  N N   . GLY A 1 66  ? -9.360  -4.656  -8.401  1.00 8.16  ? 88  GLY A N   1 
ATOM   553  C CA  . GLY A 1 66  ? -9.476  -5.150  -9.756  1.00 7.40  ? 88  GLY A CA  1 
ATOM   554  C C   . GLY A 1 66  ? -8.207  -5.385  -10.555 1.00 6.84  ? 88  GLY A C   1 
ATOM   555  O O   . GLY A 1 66  ? -8.203  -6.211  -11.440 1.00 7.64  ? 88  GLY A O   1 
ATOM   556  N N   . ASN A 1 67  ? -7.128  -4.666  -10.268 1.00 5.81  ? 89  ASN A N   1 
ATOM   557  C CA  . ASN A 1 67  ? -5.948  -4.763  -11.091 1.00 5.24  ? 89  ASN A CA  1 
ATOM   558  C C   . ASN A 1 67  ? -4.716  -4.609  -10.239 1.00 4.79  ? 89  ASN A C   1 
ATOM   559  O O   . ASN A 1 67  ? -4.817  -4.305  -9.039  1.00 5.78  ? 89  ASN A O   1 
ATOM   560  C CB  . ASN A 1 67  ? -5.962  -3.675  -12.181 1.00 6.14  ? 89  ASN A CB  1 
ATOM   561  C CG  . ASN A 1 67  ? -6.880  -4.021  -13.354 1.00 6.19  ? 89  ASN A CG  1 
ATOM   562  O OD1 . ASN A 1 67  ? -6.547  -4.880  -14.197 1.00 8.54  ? 89  ASN A OD1 1 
ATOM   563  N ND2 . ASN A 1 67  ? -8.025  -3.353  -13.424 1.00 6.12  ? 89  ASN A ND2 1 
ATOM   564  N N   . VAL A 1 68  ? -3.571  -4.850  -10.864 1.00 4.84  ? 90  VAL A N   1 
ATOM   565  C CA  . VAL A 1 68  ? -2.260  -4.613  -10.279 1.00 5.01  ? 90  VAL A CA  1 
ATOM   566  C C   . VAL A 1 68  ? -1.629  -3.510  -11.129 1.00 4.72  ? 90  VAL A C   1 
ATOM   567  O O   . VAL A 1 68  ? -1.613  -3.611  -12.363 1.00 5.71  ? 90  VAL A O   1 
ATOM   568  C CB  . VAL A 1 68  ? -1.386  -5.899  -10.305 1.00 5.07  ? 90  VAL A CB  1 
ATOM   569  C CG1 . VAL A 1 68  ? 0.035   -5.623  -9.870  1.00 5.90  ? 90  VAL A CG1 1 
ATOM   570  C CG2 . VAL A 1 68  ? -2.016  -6.980  -9.426  1.00 7.40  ? 90  VAL A CG2 1 
ATOM   571  N N   . VAL A 1 69  ? -1.132  -2.450  -10.490 1.00 4.72  ? 91  VAL A N   1 
ATOM   572  C CA  . VAL A 1 69  ? -0.745  -1.237  -11.220 1.00 5.04  ? 91  VAL A CA  1 
ATOM   573  C C   . VAL A 1 69  ? 0.527   -0.608  -10.684 1.00 5.54  ? 91  VAL A C   1 
ATOM   574  O O   . VAL A 1 69  ? 0.993   -0.931  -9.582  1.00 5.42  ? 91  VAL A O   1 
ATOM   575  C CB  . VAL A 1 69  ? -1.887  -0.170  -11.177 1.00 5.27  ? 91  VAL A CB  1 
ATOM   576  C CG1 . VAL A 1 69  ? -3.203  -0.754  -11.698 1.00 5.78  ? 91  VAL A CG1 1 
ATOM   577  C CG2 . VAL A 1 69  ? -2.038  0.422   -9.782  1.00 6.06  ? 91  VAL A CG2 1 
ATOM   578  N N   . ILE A 1 70  ? 1.056   0.330   -11.466 1.00 5.74  ? 92  ILE A N   1 
ATOM   579  C CA  . ILE A 1 70  ? 2.106   1.247   -11.034 1.00 6.25  ? 92  ILE A CA  1 
ATOM   580  C C   . ILE A 1 70  ? 1.724   2.647   -11.502 1.00 5.70  ? 92  ILE A C   1 
ATOM   581  O O   . ILE A 1 70  ? 1.646   2.877   -12.712 1.00 6.04  ? 92  ILE A O   1 
ATOM   582  C CB  . ILE A 1 70  ? 3.498   0.907   -11.636 1.00 6.37  ? 92  ILE A CB  1 
ATOM   583  C CG1 . ILE A 1 70  ? 3.875   -0.557  -11.368 1.00 8.09  ? 92  ILE A CG1 1 
ATOM   584  C CG2 . ILE A 1 70  ? 4.559   1.836   -11.077 1.00 7.47  ? 92  ILE A CG2 1 
ATOM   585  C CD1 . ILE A 1 70  ? 5.243   -0.962  -11.916 1.00 10.24 ? 92  ILE A CD1 1 
ATOM   586  N N   . PRO A 1 71  ? 1.500   3.594   -10.571 1.00 5.56  ? 93  PRO A N   1 
ATOM   587  C CA  . PRO A 1 71  ? 1.276   4.971   -11.009 1.00 5.37  ? 93  PRO A CA  1 
ATOM   588  C C   . PRO A 1 71  ? 2.606   5.608   -11.389 1.00 4.78  ? 93  PRO A C   1 
ATOM   589  O O   . PRO A 1 71  ? 3.576   5.552   -10.637 1.00 5.16  ? 93  PRO A O   1 
ATOM   590  C CB  . PRO A 1 71  ? 0.679   5.646   -9.775  1.00 5.45  ? 93  PRO A CB  1 
ATOM   591  C CG  . PRO A 1 71  ? 1.246   4.864   -8.598  1.00 6.18  ? 93  PRO A CG  1 
ATOM   592  C CD  . PRO A 1 71  ? 1.470   3.454   -9.102  1.00 6.32  ? 93  PRO A CD  1 
ATOM   593  N N   . ARG A 1 72  ? 2.623   6.227   -12.561 1.00 5.51  ? 94  ARG A N   1 
ATOM   594  C CA  . ARG A 1 72  ? 3.842   6.842   -13.090 1.00 6.77  ? 94  ARG A CA  1 
ATOM   595  C C   . ARG A 1 72  ? 3.566   8.259   -13.569 1.00 6.74  ? 94  ARG A C   1 
ATOM   596  O O   . ARG A 1 72  ? 2.648   8.492   -14.361 1.00 7.80  ? 94  ARG A O   1 
ATOM   597  C CB  . ARG A 1 72  ? 4.392   6.038   -14.274 1.00 7.51  ? 94  ARG A CB  1 
ATOM   598  C CG  . ARG A 1 72  ? 4.962   4.673   -13.931 1.00 8.82  ? 94  ARG A CG  1 
ATOM   599  C CD  . ARG A 1 72  ? 6.059   4.730   -12.872 1.00 8.08  ? 94  ARG A CD  1 
ATOM   600  N NE  . ARG A 1 72  ? 7.159   5.608   -13.267 1.00 8.84  ? 94  ARG A NE  1 
ATOM   601  C CZ  . ARG A 1 72  ? 8.069   6.070   -12.423 1.00 9.93  ? 94  ARG A CZ  1 
ATOM   602  N NH1 . ARG A 1 72  ? 8.014   5.740   -11.134 1.00 12.03 ? 94  ARG A NH1 1 
ATOM   603  N NH2 . ARG A 1 72  ? 9.052   6.857   -12.862 1.00 12.95 ? 94  ARG A NH2 1 
ATOM   604  N N   . ILE A 1 73  ? 4.367   9.189   -13.095 1.00 7.33  ? 95  ILE A N   1 
ATOM   605  C CA  . ILE A 1 73  ? 4.333   10.549  -13.604 1.00 8.64  ? 95  ILE A CA  1 
ATOM   606  C C   . ILE A 1 73  ? 5.455   10.785  -14.615 1.00 9.60  ? 95  ILE A C   1 
ATOM   607  O O   . ILE A 1 73  ? 5.199   11.252  -15.733 1.00 10.21 ? 95  ILE A O   1 
ATOM   608  C CB  . ILE A 1 73  ? 4.390   11.559  -12.452 1.00 8.73  ? 95  ILE A CB  1 
ATOM   609  C CG1 . ILE A 1 73  ? 3.114   11.450  -11.620 1.00 9.40  ? 95  ILE A CG1 1 
ATOM   610  C CG2 . ILE A 1 73  ? 4.570   12.996  -12.991 1.00 9.48  ? 95  ILE A CG2 1 
ATOM   611  C CD1 . ILE A 1 73  ? 3.150   12.180  -10.331 1.00 10.61 ? 95  ILE A CD1 1 
ATOM   612  N N   . HIS A 1 74  ? 6.686   10.451  -14.227 1.00 11.07 ? 96  HIS A N   1 
ATOM   613  C CA  . HIS A 1 74  ? 7.858   10.679  -15.075 1.00 13.07 ? 96  HIS A CA  1 
ATOM   614  C C   . HIS A 1 74  ? 8.266   9.382   -15.758 1.00 13.94 ? 96  HIS A C   1 
ATOM   615  O O   . HIS A 1 74  ? 8.317   8.327   -15.113 1.00 15.20 ? 96  HIS A O   1 
ATOM   616  C CB  . HIS A 1 74  ? 9.020   11.245  -14.253 1.00 13.73 ? 96  HIS A CB  1 
ATOM   617  C CG  . HIS A 1 74  ? 8.622   12.370  -13.349 1.00 14.72 ? 96  HIS A CG  1 
ATOM   618  N ND1 . HIS A 1 74  ? 8.570   13.686  -13.762 1.00 16.84 ? 96  HIS A ND1 1 
ATOM   619  C CD2 . HIS A 1 74  ? 8.221   12.369  -12.054 1.00 15.11 ? 96  HIS A CD2 1 
ATOM   620  C CE1 . HIS A 1 74  ? 8.165   14.444  -12.758 1.00 14.91 ? 96  HIS A CE1 1 
ATOM   621  N NE2 . HIS A 1 74  ? 7.944   13.668  -11.711 1.00 18.63 ? 96  HIS A NE2 1 
ATOM   622  N N   . PRO A 1 75  ? 8.526   9.431   -17.076 1.00 14.17 ? 97  PRO A N   1 
ATOM   623  C CA  . PRO A 1 75  ? 8.990   8.230   -17.764 1.00 15.40 ? 97  PRO A CA  1 
ATOM   624  C C   . PRO A 1 75  ? 10.324  7.766   -17.194 1.00 16.16 ? 97  PRO A C   1 
ATOM   625  O O   . PRO A 1 75  ? 11.256  8.569   -17.048 1.00 16.68 ? 97  PRO A O   1 
ATOM   626  C CB  . PRO A 1 75  ? 9.191   8.692   -19.214 1.00 15.64 ? 97  PRO A CB  1 
ATOM   627  C CG  . PRO A 1 75  ? 8.522   9.967   -19.342 1.00 14.94 ? 97  PRO A CG  1 
ATOM   628  C CD  . PRO A 1 75  ? 8.340   10.574  -17.990 1.00 13.96 ? 97  PRO A CD  1 
ATOM   629  N N   . ASN A 1 76  ? 10.400  6.489   -16.836 1.00 16.86 ? 98  ASN A N   1 
ATOM   630  C CA  . ASN A 1 76  ? 11.642  5.879   -16.368 1.00 17.94 ? 98  ASN A CA  1 
ATOM   631  C C   . ASN A 1 76  ? 11.701  4.490   -16.963 1.00 18.13 ? 98  ASN A C   1 
ATOM   632  O O   . ASN A 1 76  ? 10.750  3.711   -16.826 1.00 17.86 ? 98  ASN A O   1 
ATOM   633  C CB  . ASN A 1 76  ? 11.661  5.813   -14.836 1.00 18.43 ? 98  ASN A CB  1 
ATOM   634  C CG  . ASN A 1 76  ? 12.995  5.332   -14.272 1.00 20.50 ? 98  ASN A CG  1 
ATOM   635  O OD1 . ASN A 1 76  ? 13.604  4.396   -14.784 1.00 23.09 ? 98  ASN A OD1 1 
ATOM   636  N ND2 . ASN A 1 76  ? 13.431  5.957   -13.186 1.00 23.40 ? 98  ASN A ND2 1 
ATOM   637  N N   . ALA A 1 77  ? 12.816  4.181   -17.622 1.00 18.56 ? 99  ALA A N   1 
ATOM   638  C CA  . ALA A 1 77  ? 12.962  2.927   -18.345 1.00 19.06 ? 99  ALA A CA  1 
ATOM   639  C C   . ALA A 1 77  ? 12.814  1.679   -17.471 1.00 18.85 ? 99  ALA A C   1 
ATOM   640  O O   . ALA A 1 77  ? 12.353  0.646   -17.956 1.00 19.77 ? 99  ALA A O   1 
ATOM   641  C CB  . ALA A 1 77  ? 14.286  2.903   -19.098 1.00 19.29 ? 99  ALA A CB  1 
ATOM   642  N N   . ILE A 1 78  ? 13.185  1.781   -16.197 1.00 18.97 ? 100 ILE A N   1 
ATOM   643  C CA  . ILE A 1 78  ? 13.105  0.640   -15.270 1.00 18.68 ? 100 ILE A CA  1 
ATOM   644  C C   . ILE A 1 78  ? 11.836  0.632   -14.395 1.00 17.71 ? 100 ILE A C   1 
ATOM   645  O O   . ILE A 1 78  ? 11.697  -0.209  -13.503 1.00 17.97 ? 100 ILE A O   1 
ATOM   646  C CB  . ILE A 1 78  ? 14.396  0.485   -14.397 1.00 19.07 ? 100 ILE A CB  1 
ATOM   647  C CG1 . ILE A 1 78  ? 14.546  1.640   -13.394 1.00 20.48 ? 100 ILE A CG1 1 
ATOM   648  C CG2 . ILE A 1 78  ? 15.636  0.304   -15.295 1.00 19.89 ? 100 ILE A CG2 1 
ATOM   649  C CD1 . ILE A 1 78  ? 15.670  1.452   -12.378 1.00 22.58 ? 100 ILE A CD1 1 
ATOM   650  N N   . CYS A 1 79  ? 10.911  1.558   -14.659 1.00 16.05 ? 101 CYS A N   1 
ATOM   651  C CA  . CYS A 1 79  ? 9.630   1.610   -13.945 1.00 15.15 ? 101 CYS A CA  1 
ATOM   652  C C   . CYS A 1 79  ? 8.481   1.584   -14.935 1.00 15.22 ? 101 CYS A C   1 
ATOM   653  O O   . CYS A 1 79  ? 8.232   2.580   -15.631 1.00 15.22 ? 101 CYS A O   1 
ATOM   654  C CB  . CYS A 1 79  ? 9.531   2.867   -13.089 1.00 15.07 ? 101 CYS A CB  1 
ATOM   655  S SG  . CYS A 1 79  ? 10.863  3.043   -11.912 1.00 14.10 ? 101 CYS A SG  1 
ATOM   656  N N   . ALA A 1 80  ? 7.794   0.446   -15.004 1.00 15.37 ? 102 ALA A N   1 
ATOM   657  C CA  . ALA A 1 80  ? 6.627   0.262   -15.872 1.00 16.30 ? 102 ALA A CA  1 
ATOM   658  C C   . ALA A 1 80  ? 6.969   0.466   -17.349 1.00 17.20 ? 102 ALA A C   1 
ATOM   659  O O   . ALA A 1 80  ? 6.196   1.060   -18.099 1.00 17.64 ? 102 ALA A O   1 
ATOM   660  C CB  . ALA A 1 80  ? 5.468   1.179   -15.438 1.00 15.93 ? 102 ALA A CB  1 
ATOM   661  N N   . ALA A 1 81  ? 8.146   -0.026  -17.746 1.00 18.25 ? 103 ALA A N   1 
ATOM   662  C CA  . ALA A 1 81  ? 8.613   0.010   -19.139 1.00 18.38 ? 103 ALA A CA  1 
ATOM   663  C C   . ALA A 1 81  ? 8.446   1.391   -19.786 1.00 18.29 ? 103 ALA A C   1 
ATOM   664  O O   . ALA A 1 81  ? 7.957   1.506   -20.914 1.00 18.99 ? 103 ALA A O   1 
ATOM   665  C CB  . ALA A 1 81  ? 7.916   -1.075  -19.962 1.00 19.03 ? 103 ALA A CB  1 
ATOM   666  N N   . ASN A 1 82  ? 8.845   2.425   -19.043 1.00 17.70 ? 104 ASN A N   1 
ATOM   667  C CA  . ASN A 1 82  ? 8.845   3.827   -19.496 1.00 16.78 ? 104 ASN A CA  1 
ATOM   668  C C   . ASN A 1 82  ? 7.474   4.516   -19.675 1.00 16.36 ? 104 ASN A C   1 
ATOM   669  O O   . ASN A 1 82  ? 7.386   5.632   -20.211 1.00 16.47 ? 104 ASN A O   1 
ATOM   670  C CB  . ASN A 1 82  ? 9.696   3.983   -20.763 1.00 17.35 ? 104 ASN A CB  1 
ATOM   671  C CG  . ASN A 1 82  ? 10.383  5.322   -20.834 1.00 17.03 ? 104 ASN A CG  1 
ATOM   672  O OD1 . ASN A 1 82  ? 11.054  5.742   -19.889 1.00 18.29 ? 104 ASN A OD1 1 
ATOM   673  N ND2 . ASN A 1 82  ? 10.232  6.005   -21.968 1.00 20.26 ? 104 ASN A ND2 1 
ATOM   674  N N   . HIS A 1 83  ? 6.414   3.872   -19.206 1.00 14.87 ? 105 HIS A N   1 
ATOM   675  C CA  . HIS A 1 83  ? 5.074   4.417   -19.370 1.00 13.90 ? 105 HIS A CA  1 
ATOM   676  C C   . HIS A 1 83  ? 4.779   5.515   -18.348 1.00 12.06 ? 105 HIS A C   1 
ATOM   677  O O   . HIS A 1 83  ? 5.446   5.614   -17.303 1.00 11.90 ? 105 HIS A O   1 
ATOM   678  C CB  . HIS A 1 83  ? 4.032   3.306   -19.238 1.00 14.26 ? 105 HIS A CB  1 
ATOM   679  C CG  . HIS A 1 83  ? 3.987   2.371   -20.408 1.00 16.90 ? 105 HIS A CG  1 
ATOM   680  N ND1 . HIS A 1 83  ? 4.733   1.213   -20.464 1.00 20.21 ? 105 HIS A ND1 1 
ATOM   681  C CD2 . HIS A 1 83  ? 3.286   2.424   -21.565 1.00 19.83 ? 105 HIS A CD2 1 
ATOM   682  C CE1 . HIS A 1 83  ? 4.492   0.591   -21.606 1.00 21.01 ? 105 HIS A CE1 1 
ATOM   683  N NE2 . HIS A 1 83  ? 3.619   1.305   -22.291 1.00 21.23 ? 105 HIS A NE2 1 
ATOM   684  N N   . THR A 1 84  ? 3.800   6.355   -18.672 1.00 11.18 ? 106 THR A N   1 
ATOM   685  C CA  . THR A 1 84  ? 3.222   7.282   -17.703 1.00 11.05 ? 106 THR A CA  1 
ATOM   686  C C   . THR A 1 84  ? 1.733   6.984   -17.540 1.00 10.24 ? 106 THR A C   1 
ATOM   687  O O   . THR A 1 84  ? 1.136   6.265   -18.356 1.00 11.35 ? 106 THR A O   1 
ATOM   688  C CB  . THR A 1 84  ? 3.410   8.761   -18.120 1.00 11.61 ? 106 THR A CB  1 
ATOM   689  O OG1 . THR A 1 84  ? 2.590   9.036   -19.263 1.00 13.48 ? 106 THR A OG1 1 
ATOM   690  C CG2 . THR A 1 84  ? 4.874   9.092   -18.428 1.00 12.98 ? 106 THR A CG2 1 
ATOM   691  N N   . GLY A 1 85  ? 1.128   7.526   -16.484 1.00 8.96  ? 107 GLY A N   1 
ATOM   692  C CA  . GLY A 1 85  ? -0.251  7.233   -16.135 1.00 8.27  ? 107 GLY A CA  1 
ATOM   693  C C   . GLY A 1 85  ? -0.316  6.070   -15.166 1.00 7.25  ? 107 GLY A C   1 
ATOM   694  O O   . GLY A 1 85  ? 0.702   5.641   -14.616 1.00 7.54  ? 107 GLY A O   1 
ATOM   695  N N   . VAL A 1 86  ? -1.520  5.572   -14.933 1.00 7.56  ? 108 VAL A N   1 
ATOM   696  C CA  . VAL A 1 86  ? -1.667  4.390   -14.114 1.00 7.54  ? 108 VAL A CA  1 
ATOM   697  C C   . VAL A 1 86  ? -1.407  3.181   -15.002 1.00 7.38  ? 108 VAL A C   1 
ATOM   698  O O   . VAL A 1 86  ? -2.279  2.762   -15.780 1.00 9.51  ? 108 VAL A O   1 
ATOM   699  C CB  . VAL A 1 86  ? -3.067  4.306   -13.474 1.00 7.60  ? 108 VAL A CB  1 
ATOM   700  C CG1 . VAL A 1 86  ? -3.197  3.038   -12.637 1.00 7.66  ? 108 VAL A CG1 1 
ATOM   701  C CG2 . VAL A 1 86  ? -3.349  5.544   -12.636 1.00 8.01  ? 108 VAL A CG2 1 
ATOM   702  N N   . TYR A 1 87  ? -0.200  2.641   -14.913 1.00 6.80  ? 109 TYR A N   1 
ATOM   703  C CA  . TYR A 1 87  ? 0.188   1.515   -15.756 1.00 7.34  ? 109 TYR A CA  1 
ATOM   704  C C   . TYR A 1 87  ? -0.421  0.242   -15.194 1.00 7.29  ? 109 TYR A C   1 
ATOM   705  O O   . TYR A 1 87  ? -0.240  -0.060  -14.008 1.00 6.89  ? 109 TYR A O   1 
ATOM   706  C CB  . TYR A 1 87  ? 1.700   1.384   -15.795 1.00 8.49  ? 109 TYR A CB  1 
ATOM   707  C CG  . TYR A 1 87  ? 2.167   0.176   -16.567 1.00 10.36 ? 109 TYR A CG  1 
ATOM   708  C CD1 . TYR A 1 87  ? 2.169   0.166   -17.967 1.00 12.57 ? 109 TYR A CD1 1 
ATOM   709  C CD2 . TYR A 1 87  ? 2.613   -0.963  -15.899 1.00 13.29 ? 109 TYR A CD2 1 
ATOM   710  C CE1 . TYR A 1 87  ? 2.588   -0.970  -18.675 1.00 17.33 ? 109 TYR A CE1 1 
ATOM   711  C CE2 . TYR A 1 87  ? 3.036   -2.095  -16.595 1.00 16.77 ? 109 TYR A CE2 1 
ATOM   712  C CZ  . TYR A 1 87  ? 3.028   -2.089  -17.981 1.00 18.11 ? 109 TYR A CZ  1 
ATOM   713  O OH  . TYR A 1 87  ? 3.452   -3.207  -18.672 1.00 20.86 ? 109 TYR A OH  1 
ATOM   714  N N   . ILE A 1 88  ? -1.117  -0.510  -16.031 1.00 6.64  ? 110 ILE A N   1 
ATOM   715  C CA  . ILE A 1 88  ? -1.772  -1.722  -15.600 1.00 7.60  ? 110 ILE A CA  1 
ATOM   716  C C   . ILE A 1 88  ? -0.962  -2.945  -16.015 1.00 7.37  ? 110 ILE A C   1 
ATOM   717  O O   . ILE A 1 88  ? -0.641  -3.121  -17.204 1.00 7.65  ? 110 ILE A O   1 
ATOM   718  C CB  . ILE A 1 88  ? -3.193  -1.806  -16.200 1.00 7.41  ? 110 ILE A CB  1 
ATOM   719  C CG1 . ILE A 1 88  ? -4.060  -0.618  -15.763 1.00 8.47  ? 110 ILE A CG1 1 
ATOM   720  C CG2 . ILE A 1 88  ? -3.871  -3.124  -15.799 1.00 8.63  ? 110 ILE A CG2 1 
ATOM   721  C CD1 . ILE A 1 88  ? -5.359  -0.494  -16.548 1.00 11.37 ? 110 ILE A CD1 1 
ATOM   722  N N   . LEU A 1 89  ? -0.637  -3.797  -15.044 1.00 7.27  ? 111 LEU A N   1 
ATOM   723  C CA  . LEU A 1 89  ? 0.014   -5.065  -15.341 1.00 6.93  ? 111 LEU A CA  1 
ATOM   724  C C   . LEU A 1 89  ? -0.954  -5.954  -16.107 1.00 6.89  ? 111 LEU A C   1 
ATOM   725  O O   . LEU A 1 89  ? -2.081  -6.191  -15.665 1.00 7.32  ? 111 LEU A O   1 
ATOM   726  C CB  . LEU A 1 89  ? 0.447   -5.753  -14.043 1.00 7.99  ? 111 LEU A CB  1 
ATOM   727  C CG  . LEU A 1 89  ? 1.096   -7.135  -14.172 1.00 8.33  ? 111 LEU A CG  1 
ATOM   728  C CD1 . LEU A 1 89  ? 2.362   -7.091  -14.997 1.00 9.09  ? 111 LEU A CD1 1 
ATOM   729  C CD2 . LEU A 1 89  ? 1.404   -7.643  -12.785 1.00 10.91 ? 111 LEU A CD2 1 
ATOM   730  N N   . VAL A 1 90  ? -0.509  -6.439  -17.264 1.00 6.63  ? 112 VAL A N   1 
ATOM   731  C CA  . VAL A 1 90  ? -1.344  -7.286  -18.106 1.00 7.16  ? 112 VAL A CA  1 
ATOM   732  C C   . VAL A 1 90  ? -0.984  -8.759  -17.937 1.00 6.57  ? 112 VAL A C   1 
ATOM   733  O O   . VAL A 1 90  ? -1.859  -9.576  -17.676 1.00 7.79  ? 112 VAL A O   1 
ATOM   734  C CB  . VAL A 1 90  ? -1.268  -6.870  -19.586 1.00 7.11  ? 112 VAL A CB  1 
ATOM   735  C CG1 . VAL A 1 90  ? -2.094  -7.818  -20.466 1.00 8.92  ? 112 VAL A CG1 1 
ATOM   736  C CG2 . VAL A 1 90  ? -1.743  -5.416  -19.760 1.00 8.94  ? 112 VAL A CG2 1 
ATOM   737  N N   . THR A 1 91  ? 0.292   -9.104  -18.073 1.00 6.46  ? 113 THR A N   1 
ATOM   738  C CA  . THR A 1 91  ? 0.677   -10.505 -18.115 1.00 7.35  ? 113 THR A CA  1 
ATOM   739  C C   . THR A 1 91  ? 1.715   -10.806 -17.060 1.00 5.90  ? 113 THR A C   1 
ATOM   740  O O   . THR A 1 91  ? 2.805   -10.230 -17.061 1.00 6.48  ? 113 THR A O   1 
ATOM   741  C CB  . THR A 1 91  ? 1.264   -10.857 -19.493 1.00 7.89  ? 113 THR A CB  1 
ATOM   742  O OG1 . THR A 1 91  ? 0.306   -10.551 -20.509 1.00 9.98  ? 113 THR A OG1 1 
ATOM   743  C CG2 . THR A 1 91  ? 1.642   -12.340 -19.569 1.00 9.50  ? 113 THR A CG2 1 
ATOM   744  N N   . SER A 1 92  ? 1.385   -11.719 -16.161 1.00 5.53  ? 114 SER A N   1 
ATOM   745  C CA  . SER A 1 92  ? 2.332   -12.165 -15.149 1.00 4.99  ? 114 SER A CA  1 
ATOM   746  C C   . SER A 1 92  ? 1.998   -13.596 -14.770 1.00 5.06  ? 114 SER A C   1 
ATOM   747  O O   . SER A 1 92  ? 0.819   -13.950 -14.737 1.00 6.12  ? 114 SER A O   1 
ATOM   748  C CB  . SER A 1 92  ? 2.232   -11.274 -13.909 1.00 6.15  ? 114 SER A CB  1 
ATOM   749  O OG  . SER A 1 92  ? 3.091   -11.764 -12.897 1.00 5.82  ? 114 SER A OG  1 
ATOM   750  N N   . ASN A 1 93  ? 3.012   -14.401 -14.444 1.00 5.16  ? 115 ASN A N   1 
ATOM   751  C CA  . ASN A 1 93  ? 2.757   -15.749 -13.941 1.00 5.14  ? 115 ASN A CA  1 
ATOM   752  C C   . ASN A 1 93  ? 2.278   -15.766 -12.490 1.00 5.03  ? 115 ASN A C   1 
ATOM   753  O O   . ASN A 1 93  ? 1.698   -16.752 -12.057 1.00 5.45  ? 115 ASN A O   1 
ATOM   754  C CB  . ASN A 1 93  ? 4.044   -16.586 -13.957 1.00 5.06  ? 115 ASN A CB  1 
ATOM   755  C CG  . ASN A 1 93  ? 4.433   -17.121 -15.321 1.00 4.48  ? 115 ASN A CG  1 
ATOM   756  O OD1 . ASN A 1 93  ? 3.645   -17.153 -16.287 1.00 5.79  ? 115 ASN A OD1 1 
ATOM   757  N ND2 . ASN A 1 93  ? 5.683   -17.579 -15.392 1.00 5.05  ? 115 ASN A ND2 1 
ATOM   758  N N   . THR A 1 94  ? 2.643   -14.732 -11.727 1.00 4.83  ? 116 THR A N   1 
ATOM   759  C CA  . THR A 1 94  ? 2.714   -14.797 -10.265 1.00 5.47  ? 116 THR A CA  1 
ATOM   760  C C   . THR A 1 94  ? 1.659   -13.920 -9.591  1.00 5.08  ? 116 THR A C   1 
ATOM   761  O O   . THR A 1 94  ? 1.031   -13.060 -10.233 1.00 5.50  ? 116 THR A O   1 
ATOM   762  C CB  . THR A 1 94  ? 4.115   -14.385 -9.797  1.00 5.08  ? 116 THR A CB  1 
ATOM   763  O OG1 . THR A 1 94  ? 4.382   -13.075 -10.291 1.00 6.83  ? 116 THR A OG1 1 
ATOM   764  C CG2 . THR A 1 94  ? 5.176   -15.343 -10.326 1.00 6.56  ? 116 THR A CG2 1 
ATOM   765  N N   . SER A 1 95  ? 1.473   -14.124 -8.283  1.00 4.91  ? 117 SER A N   1 
ATOM   766  C CA  . SER A 1 95  ? 0.286   -13.634 -7.599  1.00 6.01  ? 117 SER A CA  1 
ATOM   767  C C   . SER A 1 95  ? 0.552   -12.663 -6.456  1.00 5.65  ? 117 SER A C   1 
ATOM   768  O O   . SER A 1 95  ? -0.400  -12.148 -5.857  1.00 6.95  ? 117 SER A O   1 
ATOM   769  C CB  . SER A 1 95  ? -0.478  -14.836 -7.051  1.00 6.57  ? 117 SER A CB  1 
ATOM   770  O OG  . SER A 1 95  ? 0.307   -15.498 -6.094  1.00 8.08  ? 117 SER A OG  1 
ATOM   771  N N   . HIS A 1 96  ? 1.822   -12.447 -6.119  1.00 5.27  ? 118 HIS A N   1 
ATOM   772  C CA  . HIS A 1 96  ? 2.190   -11.646 -4.934  1.00 5.67  ? 118 HIS A CA  1 
ATOM   773  C C   . HIS A 1 96  ? 2.842   -10.325 -5.303  1.00 5.33  ? 118 HIS A C   1 
ATOM   774  O O   . HIS A 1 96  ? 3.824   -10.292 -6.029  1.00 5.96  ? 118 HIS A O   1 
ATOM   775  C CB  . HIS A 1 96  ? 3.081   -12.462 -3.997  1.00 7.12  ? 118 HIS A CB  1 
ATOM   776  C CG  . HIS A 1 96  ? 2.321   -13.466 -3.178  1.00 7.31  ? 118 HIS A CG  1 
ATOM   777  N ND1 . HIS A 1 96  ? 1.384   -14.321 -3.719  1.00 9.97  ? 118 HIS A ND1 1 
ATOM   778  C CD2 . HIS A 1 96  ? 2.351   -13.741 -1.853  1.00 11.71 ? 118 HIS A CD2 1 
ATOM   779  C CE1 . HIS A 1 96  ? 0.875   -15.082 -2.769  1.00 9.69  ? 118 HIS A CE1 1 
ATOM   780  N NE2 . HIS A 1 96  ? 1.438   -14.746 -1.629  1.00 11.02 ? 118 HIS A NE2 1 
ATOM   781  N N   . TYR A 1 97  ? 2.302   -9.228  -4.780  1.00 4.96  ? 119 TYR A N   1 
ATOM   782  C CA  . TYR A 1 97  ? 2.778   -7.900  -5.145  1.00 5.38  ? 119 TYR A CA  1 
ATOM   783  C C   . TYR A 1 97  ? 2.873   -7.054  -3.890  1.00 4.86  ? 119 TYR A C   1 
ATOM   784  O O   . TYR A 1 97  ? 2.846   -7.581  -2.779  1.00 5.76  ? 119 TYR A O   1 
ATOM   785  C CB  . TYR A 1 97  ? 1.868   -7.277  -6.222  1.00 5.13  ? 119 TYR A CB  1 
ATOM   786  C CG  . TYR A 1 97  ? 1.800   -8.111  -7.478  1.00 5.13  ? 119 TYR A CG  1 
ATOM   787  C CD1 . TYR A 1 97  ? 2.815   -8.049  -8.415  1.00 4.61  ? 119 TYR A CD1 1 
ATOM   788  C CD2 . TYR A 1 97  ? 0.741   -8.978  -7.716  1.00 5.35  ? 119 TYR A CD2 1 
ATOM   789  C CE1 . TYR A 1 97  ? 2.783   -8.819  -9.582  1.00 4.73  ? 119 TYR A CE1 1 
ATOM   790  C CE2 . TYR A 1 97  ? 0.702   -9.770  -8.884  1.00 5.92  ? 119 TYR A CE2 1 
ATOM   791  C CZ  . TYR A 1 97  ? 1.729   -9.667  -9.803  1.00 4.72  ? 119 TYR A CZ  1 
ATOM   792  O OH  . TYR A 1 97  ? 1.718   -10.408 -10.957 1.00 6.43  ? 119 TYR A OH  1 
ATOM   793  N N   . ASP A 1 98  ? 3.041   -5.752  -4.032  1.00 4.53  ? 120 ASP A N   1 
ATOM   794  C CA  . ASP A 1 98  ? 2.793   -4.850  -2.916  1.00 4.63  ? 120 ASP A CA  1 
ATOM   795  C C   . ASP A 1 98  ? 1.304   -4.510  -2.942  1.00 3.91  ? 120 ASP A C   1 
ATOM   796  O O   . ASP A 1 98  ? 0.535   -5.091  -3.704  1.00 4.50  ? 120 ASP A O   1 
ATOM   797  C CB  . ASP A 1 98  ? 3.604   -3.561  -3.065  1.00 4.53  ? 120 ASP A CB  1 
ATOM   798  C CG  . ASP A 1 98  ? 5.113   -3.785  -3.072  1.00 4.91  ? 120 ASP A CG  1 
ATOM   799  O OD1 . ASP A 1 98  ? 5.613   -4.865  -2.664  1.00 5.48  ? 120 ASP A OD1 1 
ATOM   800  O OD2 . ASP A 1 98  ? 5.801   -2.829  -3.489  1.00 6.59  ? 120 ASP A OD2 1 
ATOM   801  N N   . THR A 1 99  ? 0.876   -3.556  -2.115  1.00 4.55  ? 121 THR A N   1 
ATOM   802  C CA  . THR A 1 99  ? -0.497  -3.076  -2.222  1.00 4.66  ? 121 THR A CA  1 
ATOM   803  C C   . THR A 1 99  ? -0.557  -1.563  -2.182  1.00 4.17  ? 121 THR A C   1 
ATOM   804  O O   . THR A 1 99  ? 0.322   -0.894  -1.619  1.00 5.19  ? 121 THR A O   1 
ATOM   805  C CB  . THR A 1 99  ? -1.449  -3.689  -1.170  1.00 4.82  ? 121 THR A CB  1 
ATOM   806  O OG1 . THR A 1 99  ? -2.797  -3.478  -1.598  1.00 5.30  ? 121 THR A OG1 1 
ATOM   807  C CG2 . THR A 1 99  ? -1.239  -3.167  0.237   1.00 5.64  ? 121 THR A CG2 1 
ATOM   808  N N   . TYR A 1 100 ? -1.610  -1.029  -2.776  1.00 3.71  ? 122 TYR A N   1 
ATOM   809  C CA  . TYR A 1 100 ? -2.037  0.341   -2.495  1.00 4.17  ? 122 TYR A CA  1 
ATOM   810  C C   . TYR A 1 100 ? -3.216  0.293   -1.554  1.00 3.77  ? 122 TYR A C   1 
ATOM   811  O O   . TYR A 1 100 ? -3.947  -0.699  -1.506  1.00 5.12  ? 122 TYR A O   1 
ATOM   812  C CB  . TYR A 1 100 ? -2.392  1.074   -3.812  1.00 3.95  ? 122 TYR A CB  1 
ATOM   813  C CG  . TYR A 1 100 ? -1.192  1.122   -4.715  1.00 4.24  ? 122 TYR A CG  1 
ATOM   814  C CD1 . TYR A 1 100 ? -0.207  2.091   -4.519  1.00 4.06  ? 122 TYR A CD1 1 
ATOM   815  C CD2 . TYR A 1 100 ? -0.999  0.171   -5.714  1.00 4.56  ? 122 TYR A CD2 1 
ATOM   816  C CE1 . TYR A 1 100 ? 0.932   2.114   -5.297  1.00 4.90  ? 122 TYR A CE1 1 
ATOM   817  C CE2 . TYR A 1 100 ? 0.142   0.200   -6.503  1.00 5.14  ? 122 TYR A CE2 1 
ATOM   818  C CZ  . TYR A 1 100 ? 1.104   1.169   -6.282  1.00 4.86  ? 122 TYR A CZ  1 
ATOM   819  O OH  . TYR A 1 100 ? 2.281   1.204   -7.002  1.00 5.47  ? 122 TYR A OH  1 
ATOM   820  N N   . CYS A 1 101 ? -3.407  1.366   -0.800  1.00 4.14  ? 123 CYS A N   1 
ATOM   821  C CA  . CYS A 1 101 ? -4.530  1.522   0.105   1.00 4.68  ? 123 CYS A CA  1 
ATOM   822  C C   . CYS A 1 101 ? -5.047  2.954   -0.015  1.00 4.66  ? 123 CYS A C   1 
ATOM   823  O O   . CYS A 1 101 ? -4.308  3.875   -0.386  1.00 4.49  ? 123 CYS A O   1 
ATOM   824  C CB  . CYS A 1 101 ? -4.112  1.233   1.556   1.00 4.85  ? 123 CYS A CB  1 
ATOM   825  S SG  . CYS A 1 101 ? -3.520  -0.400  1.926   1.00 7.06  ? 123 CYS A SG  1 
ATOM   826  N N   . PHE A 1 102 ? -6.324  3.124   0.324   1.00 4.53  ? 124 PHE A N   1 
ATOM   827  C CA  . PHE A 1 102 ? -7.002  4.402   0.265   1.00 4.65  ? 124 PHE A CA  1 
ATOM   828  C C   . PHE A 1 102 ? -7.681  4.703   1.599   1.00 4.45  ? 124 PHE A C   1 
ATOM   829  O O   . PHE A 1 102 ? -8.535  3.924   2.048   1.00 5.16  ? 124 PHE A O   1 
ATOM   830  C CB  . PHE A 1 102 ? -8.052  4.410   -0.853  1.00 5.23  ? 124 PHE A CB  1 
ATOM   831  C CG  . PHE A 1 102 ? -8.959  5.578   -0.761  1.00 4.94  ? 124 PHE A CG  1 
ATOM   832  C CD1 . PHE A 1 102 ? -8.472  6.870   -0.964  1.00 5.34  ? 124 PHE A CD1 1 
ATOM   833  C CD2 . PHE A 1 102 ? -10.269 5.428   -0.363  1.00 6.09  ? 124 PHE A CD2 1 
ATOM   834  C CE1 . PHE A 1 102 ? -9.296  7.985   -0.813  1.00 6.32  ? 124 PHE A CE1 1 
ATOM   835  C CE2 . PHE A 1 102 ? -11.109 6.540   -0.214  1.00 6.44  ? 124 PHE A CE2 1 
ATOM   836  C CZ  . PHE A 1 102 ? -10.618 7.820   -0.439  1.00 6.72  ? 124 PHE A CZ  1 
ATOM   837  N N   A ASN A 1 103 ? -7.307  5.846   2.181   0.50 5.24  ? 125 ASN A N   1 
ATOM   838  N N   B ASN A 1 103 ? -7.283  5.810   2.225   0.50 5.18  ? 125 ASN A N   1 
ATOM   839  C CA  A ASN A 1 103 ? -7.828  6.345   3.445   0.50 5.48  ? 125 ASN A CA  1 
ATOM   840  C CA  B ASN A 1 103 ? -7.930  6.264   3.439   0.50 5.28  ? 125 ASN A CA  1 
ATOM   841  C C   A ASN A 1 103 ? -8.657  7.594   3.169   0.50 6.04  ? 125 ASN A C   1 
ATOM   842  C C   B ASN A 1 103 ? -8.666  7.566   3.197   0.50 5.94  ? 125 ASN A C   1 
ATOM   843  O O   A ASN A 1 103 ? -8.098  8.647   2.882   0.50 5.61  ? 125 ASN A O   1 
ATOM   844  O O   B ASN A 1 103 ? -8.063  8.609   2.974   0.50 5.38  ? 125 ASN A O   1 
ATOM   845  C CB  A ASN A 1 103 ? -6.642  6.693   4.348   0.50 5.78  ? 125 ASN A CB  1 
ATOM   846  C CB  B ASN A 1 103 ? -6.931  6.425   4.570   0.50 5.77  ? 125 ASN A CB  1 
ATOM   847  C CG  A ASN A 1 103 ? -7.054  7.416   5.630   0.50 6.70  ? 125 ASN A CG  1 
ATOM   848  C CG  B ASN A 1 103 ? -7.610  6.613   5.906   0.50 5.11  ? 125 ASN A CG  1 
ATOM   849  O OD1 A ASN A 1 103 ? -8.222  7.465   5.994   0.50 7.05  ? 125 ASN A OD1 1 
ATOM   850  O OD1 B ASN A 1 103 ? -8.741  7.112   5.979   0.50 8.04  ? 125 ASN A OD1 1 
ATOM   851  N ND2 A ASN A 1 103 ? -6.081  8.009   6.298   0.50 9.63  ? 125 ASN A ND2 1 
ATOM   852  N ND2 B ASN A 1 103 ? -6.955  6.165   6.971   0.50 8.68  ? 125 ASN A ND2 1 
ATOM   853  N N   . ALA A 1 104 ? -9.983  7.482   3.236   1.00 6.44  ? 126 ALA A N   1 
ATOM   854  C CA  . ALA A 1 104 ? -10.851 8.615   2.961   1.00 7.58  ? 126 ALA A CA  1 
ATOM   855  C C   . ALA A 1 104 ? -10.661 9.800   3.892   1.00 7.91  ? 126 ALA A C   1 
ATOM   856  O O   . ALA A 1 104 ? -11.014 10.932  3.516   1.00 9.64  ? 126 ALA A O   1 
ATOM   857  C CB  . ALA A 1 104 ? -12.307 8.184   2.960   1.00 8.86  ? 126 ALA A CB  1 
ATOM   858  N N   A SER A 1 105 ? -10.117 9.560   5.081   0.50 8.19  ? 127 SER A N   1 
ATOM   859  N N   B SER A 1 105 ? -10.123 9.573   5.086   0.50 8.22  ? 127 SER A N   1 
ATOM   860  C CA  A SER A 1 105 ? -9.946  10.621  6.064   0.50 9.05  ? 127 SER A CA  1 
ATOM   861  C CA  B SER A 1 105 ? -9.961  10.665  6.042   0.50 9.11  ? 127 SER A CA  1 
ATOM   862  C C   A SER A 1 105 ? -8.608  11.358  5.958   0.50 8.59  ? 127 SER A C   1 
ATOM   863  C C   B SER A 1 105 ? -8.633  11.404  5.915   0.50 8.65  ? 127 SER A C   1 
ATOM   864  O O   A SER A 1 105 ? -8.347  12.274  6.733   0.50 9.09  ? 127 SER A O   1 
ATOM   865  O O   B SER A 1 105 ? -8.396  12.365  6.645   0.50 9.03  ? 127 SER A O   1 
ATOM   866  C CB  A SER A 1 105 ? -10.161 10.074  7.480   0.50 9.88  ? 127 SER A CB  1 
ATOM   867  C CB  B SER A 1 105 ? -10.153 10.165  7.473   0.50 9.95  ? 127 SER A CB  1 
ATOM   868  O OG  A SER A 1 105 ? -11.458 9.513   7.611   0.50 11.27 ? 127 SER A OG  1 
ATOM   869  O OG  B SER A 1 105 ? -9.032  9.409   7.884   0.50 11.79 ? 127 SER A OG  1 
ATOM   870  N N   . ALA A 1 106 ? -7.773  10.976  4.992   1.00 8.10  ? 128 ALA A N   1 
ATOM   871  C CA  . ALA A 1 106 ? -6.511  11.657  4.741   1.00 8.00  ? 128 ALA A CA  1 
ATOM   872  C C   . ALA A 1 106 ? -6.750  13.022  4.101   1.00 7.68  ? 128 ALA A C   1 
ATOM   873  O O   . ALA A 1 106 ? -7.858  13.305  3.638   1.00 7.65  ? 128 ALA A O   1 
ATOM   874  C CB  . ALA A 1 106 ? -5.619  10.790  3.858   1.00 8.54  ? 128 ALA A CB  1 
ATOM   875  N N   . PRO A 1 107 ? -5.721  13.878  4.064   1.00 7.82  ? 129 PRO A N   1 
ATOM   876  C CA  . PRO A 1 107 ? -5.889  15.166  3.386   1.00 7.66  ? 129 PRO A CA  1 
ATOM   877  C C   . PRO A 1 107 ? -6.123  15.009  1.873   1.00 7.37  ? 129 PRO A C   1 
ATOM   878  O O   . PRO A 1 107 ? -5.807  13.967  1.285   1.00 7.12  ? 129 PRO A O   1 
ATOM   879  C CB  . PRO A 1 107 ? -4.566  15.886  3.670   1.00 8.22  ? 129 PRO A CB  1 
ATOM   880  C CG  . PRO A 1 107 ? -4.049  15.241  4.906   1.00 9.46  ? 129 PRO A CG  1 
ATOM   881  C CD  . PRO A 1 107 ? -4.430  13.798  4.775   1.00 8.07  ? 129 PRO A CD  1 
ATOM   882  N N   . PRO A 1 108 ? -6.685  16.045  1.238   1.00 6.87  ? 130 PRO A N   1 
ATOM   883  C CA  . PRO A 1 108 ? -7.079  15.908  -0.174  1.00 6.69  ? 130 PRO A CA  1 
ATOM   884  C C   . PRO A 1 108 ? -5.934  15.877  -1.177  1.00 5.63  ? 130 PRO A C   1 
ATOM   885  O O   . PRO A 1 108 ? -6.120  15.362  -2.282  1.00 6.66  ? 130 PRO A O   1 
ATOM   886  C CB  . PRO A 1 108 ? -7.954  17.150  -0.421  1.00 6.70  ? 130 PRO A CB  1 
ATOM   887  C CG  . PRO A 1 108 ? -7.483  18.141  0.592   1.00 7.96  ? 130 PRO A CG  1 
ATOM   888  C CD  . PRO A 1 108 ? -7.181  17.309  1.821   1.00 7.43  ? 130 PRO A CD  1 
ATOM   889  N N   . GLU A 1 109 ? -4.768  16.417  -0.824  1.00 6.50  ? 131 GLU A N   1 
ATOM   890  C CA  . GLU A 1 109 ? -3.691  16.472  -1.790  1.00 7.65  ? 131 GLU A CA  1 
ATOM   891  C C   . GLU A 1 109 ? -2.499  15.671  -1.268  1.00 6.98  ? 131 GLU A C   1 
ATOM   892  O O   . GLU A 1 109 ? -2.678  14.535  -0.822  1.00 7.24  ? 131 GLU A O   1 
ATOM   893  C CB  . GLU A 1 109 ? -3.410  17.925  -2.207  1.00 8.76  ? 131 GLU A CB  1 
ATOM   894  C CG  . GLU A 1 109 ? -4.689  18.562  -2.765  1.00 12.09 ? 131 GLU A CG  1 
ATOM   895  C CD  . GLU A 1 109 ? -4.471  19.877  -3.428  1.00 17.74 ? 131 GLU A CD  1 
ATOM   896  O OE1 . GLU A 1 109 ? -4.160  20.842  -2.704  1.00 20.54 ? 131 GLU A OE1 1 
ATOM   897  O OE2 . GLU A 1 109 ? -4.646  19.933  -4.668  1.00 21.06 ? 131 GLU A OE2 1 
ATOM   898  N N   . GLU A 1 110 ? -1.298  16.223  -1.297  1.00 7.84  ? 132 GLU A N   1 
ATOM   899  C CA  . GLU A 1 110 ? -0.120  15.494  -0.841  1.00 8.54  ? 132 GLU A CA  1 
ATOM   900  C C   . GLU A 1 110 ? 0.008   15.585  0.662   1.00 7.87  ? 132 GLU A C   1 
ATOM   901  O O   . GLU A 1 110 ? 0.004   16.696  1.210   1.00 9.61  ? 132 GLU A O   1 
ATOM   902  C CB  . GLU A 1 110 ? 1.132   16.080  -1.494  1.00 10.03 ? 132 GLU A CB  1 
ATOM   903  C CG  . GLU A 1 110 ? 2.446   15.443  -1.056  1.00 12.76 ? 132 GLU A CG  1 
ATOM   904  C CD  . GLU A 1 110 ? 3.649   16.142  -1.674  1.00 16.16 ? 132 GLU A CD  1 
ATOM   905  O OE1 . GLU A 1 110 ? 3.916   17.313  -1.315  1.00 20.56 ? 132 GLU A OE1 1 
ATOM   906  O OE2 . GLU A 1 110 ? 4.327   15.521  -2.511  1.00 20.09 ? 132 GLU A OE2 1 
ATOM   907  N N   . ASP A 1 111 ? 0.138   14.443  1.319   1.00 7.50  ? 133 ASP A N   1 
ATOM   908  C CA  . ASP A 1 111 ? 0.385   14.396  2.746   1.00 7.86  ? 133 ASP A CA  1 
ATOM   909  C C   . ASP A 1 111 ? 1.628   13.545  2.963   1.00 7.81  ? 133 ASP A C   1 
ATOM   910  O O   . ASP A 1 111 ? 1.585   12.290  2.960   1.00 7.13  ? 133 ASP A O   1 
ATOM   911  C CB  . ASP A 1 111 ? -0.809  13.811  3.500   1.00 7.90  ? 133 ASP A CB  1 
ATOM   912  C CG  . ASP A 1 111 ? -0.548  13.690  4.982   1.00 8.61  ? 133 ASP A CG  1 
ATOM   913  O OD1 . ASP A 1 111 ? 0.454   14.274  5.467   1.00 8.10  ? 133 ASP A OD1 1 
ATOM   914  O OD2 . ASP A 1 111 ? -1.330  13.037  5.685   1.00 9.41  ? 133 ASP A OD2 1 
ATOM   915  N N   . CYS A 1 112 ? 2.756   14.232  3.137   1.00 8.86  ? 134 CYS A N   1 
ATOM   916  C CA  . CYS A 1 112 ? 4.021   13.542  3.330   1.00 10.40 ? 134 CYS A CA  1 
ATOM   917  C C   . CYS A 1 112 ? 4.442   13.569  4.784   1.00 10.32 ? 134 CYS A C   1 
ATOM   918  O O   . CYS A 1 112 ? 5.638   13.515  5.084   1.00 11.37 ? 134 CYS A O   1 
ATOM   919  C CB  . CYS A 1 112 ? 5.112   14.110  2.423   1.00 11.61 ? 134 CYS A CB  1 
ATOM   920  S SG  . CYS A 1 112 ? 4.993   13.473  0.742   1.00 12.33 ? 134 CYS A SG  1 
ATOM   921  N N   . THR A 1 113 ? 3.469   13.625  5.686   1.00 10.17 ? 135 THR A N   1 
ATOM   922  C CA  . THR A 1 113 ? 3.746   13.389  7.089   1.00 10.05 ? 135 THR A CA  1 
ATOM   923  C C   . THR A 1 113 ? 3.890   11.890  7.269   1.00 9.42  ? 135 THR A C   1 
ATOM   924  O O   . THR A 1 113 ? 3.455   11.091  6.403   1.00 10.10 ? 135 THR A O   1 
ATOM   925  C CB  . THR A 1 113 ? 2.655   13.938  8.027   1.00 9.77  ? 135 THR A CB  1 
ATOM   926  O OG1 . THR A 1 113 ? 1.382   13.330  7.730   1.00 9.46  ? 135 THR A OG1 1 
ATOM   927  C CG2 . THR A 1 113 ? 2.555   15.455  7.898   1.00 11.32 ? 135 THR A CG2 1 
ATOM   928  N N   . SER A 1 114 ? 4.496   11.499  8.382   1.00 9.64  ? 136 SER A N   1 
ATOM   929  C CA  . SER A 1 114 ? 4.713   10.097  8.684   1.00 10.65 ? 136 SER A CA  1 
ATOM   930  C C   . SER A 1 114 ? 3.458   9.463   9.257   1.00 10.96 ? 136 SER A C   1 
ATOM   931  O O   . SER A 1 114 ? 2.600   10.123  9.852   1.00 12.01 ? 136 SER A O   1 
ATOM   932  C CB  . SER A 1 114 ? 5.908   9.931   9.620   1.00 11.29 ? 136 SER A CB  1 
ATOM   933  O OG  . SER A 1 114 ? 5.781   10.804  10.718  1.00 12.23 ? 136 SER A OG  1 
ATOM   934  N N   . VAL A 1 115 ? 3.364   8.153   9.061   1.00 10.22 ? 137 VAL A N   1 
ATOM   935  C CA  . VAL A 1 115 ? 2.293   7.312   9.595   1.00 11.04 ? 137 VAL A CA  1 
ATOM   936  C C   . VAL A 1 115 ? 2.770   6.778   10.942  1.00 12.07 ? 137 VAL A C   1 
ATOM   937  O O   . VAL A 1 115 ? 3.848   6.187   11.041  1.00 12.04 ? 137 VAL A O   1 
ATOM   938  C CB  . VAL A 1 115 ? 1.983   6.150   8.629   1.00 10.57 ? 137 VAL A CB  1 
ATOM   939  C CG1 . VAL A 1 115 ? 0.925   5.225   9.204   1.00 11.23 ? 137 VAL A CG1 1 
ATOM   940  C CG2 . VAL A 1 115 ? 1.540   6.686   7.271   1.00 10.82 ? 137 VAL A CG2 1 
ATOM   941  N N   . THR A 1 116 ? 1.965   7.007   11.979  1.00 14.28 ? 138 THR A N   1 
ATOM   942  C CA  . THR A 1 116 ? 2.357   6.711   13.360  1.00 16.73 ? 138 THR A CA  1 
ATOM   943  C C   . THR A 1 116 ? 1.339   5.832   14.093  1.00 16.75 ? 138 THR A C   1 
ATOM   944  O O   . THR A 1 116 ? 1.319   5.780   15.330  1.00 17.55 ? 138 THR A O   1 
ATOM   945  C CB  . THR A 1 116 ? 2.538   8.014   14.178  1.00 17.61 ? 138 THR A CB  1 
ATOM   946  O OG1 . THR A 1 116 ? 1.359   8.823   14.055  1.00 21.05 ? 138 THR A OG1 1 
ATOM   947  C CG2 . THR A 1 116 ? 3.750   8.810   13.695  1.00 20.29 ? 138 THR A CG2 1 
ATOM   948  N N   . ASP A 1 117 ? 0.498   5.140   13.332  1.00 16.68 ? 139 ASP A N   1 
ATOM   949  C CA  . ASP A 1 117 ? -0.565  4.333   13.911  1.00 17.10 ? 139 ASP A CA  1 
ATOM   950  C C   . ASP A 1 117 ? -0.999  3.256   12.936  1.00 16.20 ? 139 ASP A C   1 
ATOM   951  O O   . ASP A 1 117 ? -0.901  3.428   11.717  1.00 15.68 ? 139 ASP A O   1 
ATOM   952  C CB  . ASP A 1 117 ? -1.764  5.221   14.285  1.00 18.22 ? 139 ASP A CB  1 
ATOM   953  C CG  . ASP A 1 117 ? -2.787  4.505   15.162  1.00 20.38 ? 139 ASP A CG  1 
ATOM   954  O OD1 . ASP A 1 117 ? -2.448  3.488   15.814  1.00 24.07 ? 139 ASP A OD1 1 
ATOM   955  O OD2 . ASP A 1 117 ? -3.946  4.971   15.197  1.00 24.58 ? 139 ASP A OD2 1 
ATOM   956  N N   . LEU A 1 118 ? -1.461  2.138   13.487  1.00 15.70 ? 140 LEU A N   1 
ATOM   957  C CA  . LEU A 1 118 ? -2.089  1.085   12.714  1.00 14.95 ? 140 LEU A CA  1 
ATOM   958  C C   . LEU A 1 118 ? -3.427  0.808   13.389  1.00 14.77 ? 140 LEU A C   1 
ATOM   959  O O   . LEU A 1 118 ? -3.571  -0.183  14.125  1.00 15.22 ? 140 LEU A O   1 
ATOM   960  C CB  . LEU A 1 118 ? -1.207  -0.156  12.678  1.00 15.22 ? 140 LEU A CB  1 
ATOM   961  C CG  . LEU A 1 118 ? -1.694  -1.308  11.799  1.00 14.66 ? 140 LEU A CG  1 
ATOM   962  C CD1 . LEU A 1 118 ? -1.742  -0.896  10.317  1.00 16.61 ? 140 LEU A CD1 1 
ATOM   963  C CD2 . LEU A 1 118 ? -0.859  -2.559  11.996  1.00 15.13 ? 140 LEU A CD2 1 
ATOM   964  N N   . PRO A 1 119 ? -4.410  1.694   13.151  1.00 14.14 ? 141 PRO A N   1 
ATOM   965  C CA  . PRO A 1 119 ? -5.539  1.875   14.070  1.00 14.31 ? 141 PRO A CA  1 
ATOM   966  C C   . PRO A 1 119 ? -6.493  0.702   14.164  1.00 13.89 ? 141 PRO A C   1 
ATOM   967  O O   . PRO A 1 119 ? -7.227  0.587   15.146  1.00 14.69 ? 141 PRO A O   1 
ATOM   968  C CB  . PRO A 1 119 ? -6.271  3.084   13.484  1.00 14.82 ? 141 PRO A CB  1 
ATOM   969  C CG  . PRO A 1 119 ? -5.888  3.090   12.049  1.00 15.22 ? 141 PRO A CG  1 
ATOM   970  C CD  . PRO A 1 119 ? -4.478  2.639   12.015  1.00 14.62 ? 141 PRO A CD  1 
ATOM   971  N N   . ASN A 1 120 ? -6.502  -0.153  13.157  1.00 12.48 ? 142 ASN A N   1 
ATOM   972  C CA  . ASN A 1 120 ? -7.493  -1.204  13.112  1.00 12.32 ? 142 ASN A CA  1 
ATOM   973  C C   . ASN A 1 120 ? -6.903  -2.609  13.085  1.00 11.59 ? 142 ASN A C   1 
ATOM   974  O O   . ASN A 1 120 ? -7.561  -3.548  12.650  1.00 12.32 ? 142 ASN A O   1 
ATOM   975  C CB  . ASN A 1 120 ? -8.423  -0.968  11.926  1.00 12.71 ? 142 ASN A CB  1 
ATOM   976  C CG  . ASN A 1 120 ? -9.752  -1.643  12.081  1.00 14.06 ? 142 ASN A CG  1 
ATOM   977  O OD1 . ASN A 1 120 ? -10.310 -1.716  13.191  1.00 16.58 ? 142 ASN A OD1 1 
ATOM   978  N ND2 . ASN A 1 120 ? -10.286 -2.143  10.974  1.00 15.43 ? 142 ASN A ND2 1 
ATOM   979  N N   . SER A 1 121 ? -5.657  -2.739  13.538  1.00 10.89 ? 143 SER A N   1 
ATOM   980  C CA  . SER A 1 121 ? -5.042  -4.053  13.764  1.00 10.78 ? 143 SER A CA  1 
ATOM   981  C C   . SER A 1 121 ? -5.820  -4.784  14.856  1.00 10.25 ? 143 SER A C   1 
ATOM   982  O O   . SER A 1 121 ? -6.420  -4.149  15.724  1.00 10.30 ? 143 SER A O   1 
ATOM   983  C CB  . SER A 1 121 ? -3.572  -3.878  14.188  1.00 10.72 ? 143 SER A CB  1 
ATOM   984  O OG  . SER A 1 121 ? -3.454  -3.137  15.372  1.00 14.51 ? 143 SER A OG  1 
ATOM   985  N N   . PHE A 1 122 ? -5.816  -6.106  14.818  1.00 9.62  ? 144 PHE A N   1 
ATOM   986  C CA  . PHE A 1 122 ? -6.484  -6.844  15.874  1.00 9.52  ? 144 PHE A CA  1 
ATOM   987  C C   . PHE A 1 122 ? -5.468  -7.499  16.793  1.00 9.94  ? 144 PHE A C   1 
ATOM   988  O O   . PHE A 1 122 ? -4.255  -7.422  16.566  1.00 10.27 ? 144 PHE A O   1 
ATOM   989  C CB  . PHE A 1 122 ? -7.624  -7.763  15.377  1.00 11.43 ? 144 PHE A CB  1 
ATOM   990  C CG  . PHE A 1 122 ? -7.266  -8.697  14.260  1.00 12.73 ? 144 PHE A CG  1 
ATOM   991  C CD1 . PHE A 1 122 ? -6.702  -9.941  14.528  1.00 14.62 ? 144 PHE A CD1 1 
ATOM   992  C CD2 . PHE A 1 122 ? -7.586  -8.384  12.942  1.00 14.56 ? 144 PHE A CD2 1 
ATOM   993  C CE1 . PHE A 1 122 ? -6.403  -10.832 13.489  1.00 15.26 ? 144 PHE A CE1 1 
ATOM   994  C CE2 . PHE A 1 122 ? -7.289  -9.270  11.900  1.00 17.04 ? 144 PHE A CE2 1 
ATOM   995  C CZ  . PHE A 1 122 ? -6.693  -10.486 12.174  1.00 17.09 ? 144 PHE A CZ  1 
ATOM   996  N N   . ASP A 1 123 ? -5.958  -8.085  17.880  1.00 9.67  ? 145 ASP A N   1 
ATOM   997  C CA  . ASP A 1 123 ? -5.092  -8.735  18.843  1.00 9.92  ? 145 ASP A CA  1 
ATOM   998  C C   . ASP A 1 123 ? -4.327  -9.844  18.142  1.00 9.52  ? 145 ASP A C   1 
ATOM   999  O O   . ASP A 1 123 ? -4.877  -10.575 17.319  1.00 10.94 ? 145 ASP A O   1 
ATOM   1000 C CB  . ASP A 1 123 ? -5.940  -9.304  19.983  1.00 10.09 ? 145 ASP A CB  1 
ATOM   1001 C CG  . ASP A 1 123 ? -5.121  -10.025 21.022  1.00 11.64 ? 145 ASP A CG  1 
ATOM   1002 O OD1 . ASP A 1 123 ? -4.562  -9.355  21.916  1.00 12.15 ? 145 ASP A OD1 1 
ATOM   1003 O OD2 . ASP A 1 123 ? -5.049  -11.265 20.944  1.00 12.77 ? 145 ASP A OD2 1 
ATOM   1004 N N   . GLY A 1 124 ? -3.061  -9.975  18.496  1.00 9.40  ? 146 GLY A N   1 
ATOM   1005 C CA  . GLY A 1 124 ? -2.242  -11.012 17.895  1.00 10.61 ? 146 GLY A CA  1 
ATOM   1006 C C   . GLY A 1 124 ? -0.806  -10.990 18.369  1.00 11.28 ? 146 GLY A C   1 
ATOM   1007 O O   . GLY A 1 124 ? -0.411  -10.092 19.104  1.00 11.38 ? 146 GLY A O   1 
ATOM   1008 N N   . PRO A 1 125 ? -0.002  -11.961 17.896  1.00 11.79 ? 147 PRO A N   1 
ATOM   1009 C CA  . PRO A 1 125 ? 1.337   -12.179 18.417  1.00 12.11 ? 147 PRO A CA  1 
ATOM   1010 C C   . PRO A 1 125 ? 2.467   -11.529 17.614  1.00 11.73 ? 147 PRO A C   1 
ATOM   1011 O O   . PRO A 1 125 ? 3.619   -11.603 18.033  1.00 12.08 ? 147 PRO A O   1 
ATOM   1012 C CB  . PRO A 1 125 ? 1.476   -13.701 18.337  1.00 12.68 ? 147 PRO A CB  1 
ATOM   1013 C CG  . PRO A 1 125 ? 0.714   -14.060 17.121  1.00 13.57 ? 147 PRO A CG  1 
ATOM   1014 C CD  . PRO A 1 125 ? -0.430  -13.072 17.025  1.00 12.62 ? 147 PRO A CD  1 
ATOM   1015 N N   . VAL A 1 126 ? 2.150   -10.903 16.481  1.00 11.16 ? 148 VAL A N   1 
ATOM   1016 C CA  . VAL A 1 126 ? 3.167   -10.387 15.560  1.00 10.89 ? 148 VAL A CA  1 
ATOM   1017 C C   . VAL A 1 126 ? 3.594   -8.979  15.934  1.00 10.64 ? 148 VAL A C   1 
ATOM   1018 O O   . VAL A 1 126 ? 2.759   -8.119  16.182  1.00 10.84 ? 148 VAL A O   1 
ATOM   1019 C CB  . VAL A 1 126 ? 2.636   -10.404 14.102  1.00 11.44 ? 148 VAL A CB  1 
ATOM   1020 C CG1 . VAL A 1 126 ? 3.724   -9.999  13.115  1.00 11.38 ? 148 VAL A CG1 1 
ATOM   1021 C CG2 . VAL A 1 126 ? 2.052   -11.783 13.756  1.00 13.05 ? 148 VAL A CG2 1 
ATOM   1022 N N   . THR A 1 127 ? 4.900   -8.738  15.963  1.00 10.34 ? 149 THR A N   1 
ATOM   1023 C CA  . THR A 1 127 ? 5.383   -7.368  16.069  1.00 10.44 ? 149 THR A CA  1 
ATOM   1024 C C   . THR A 1 127 ? 5.312   -6.739  14.683  1.00 9.07  ? 149 THR A C   1 
ATOM   1025 O O   . THR A 1 127 ? 6.048   -7.136  13.781  1.00 9.44  ? 149 THR A O   1 
ATOM   1026 C CB  . THR A 1 127 ? 6.814   -7.300  16.608  1.00 10.81 ? 149 THR A CB  1 
ATOM   1027 O OG1 . THR A 1 127 ? 6.847   -7.883  17.916  1.00 13.59 ? 149 THR A OG1 1 
ATOM   1028 C CG2 . THR A 1 127 ? 7.301   -5.851  16.709  1.00 11.61 ? 149 THR A CG2 1 
ATOM   1029 N N   . ILE A 1 128 ? 4.391   -5.804  14.521  1.00 8.31  ? 150 ILE A N   1 
ATOM   1030 C CA  . ILE A 1 128 ? 4.187   -5.130  13.252  1.00 8.11  ? 150 ILE A CA  1 
ATOM   1031 C C   . ILE A 1 128 ? 4.811   -3.749  13.335  1.00 7.96  ? 150 ILE A C   1 
ATOM   1032 O O   . ILE A 1 128 ? 4.454   -2.940  14.205  1.00 8.57  ? 150 ILE A O   1 
ATOM   1033 C CB  . ILE A 1 128 ? 2.689   -4.999  12.936  1.00 8.12  ? 150 ILE A CB  1 
ATOM   1034 C CG1 . ILE A 1 128 ? 2.002   -6.368  12.930  1.00 9.47  ? 150 ILE A CG1 1 
ATOM   1035 C CG2 . ILE A 1 128 ? 2.493   -4.304  11.584  1.00 7.98  ? 150 ILE A CG2 1 
ATOM   1036 C CD1 . ILE A 1 128 ? 0.479   -6.282  13.039  1.00 11.22 ? 150 ILE A CD1 1 
ATOM   1037 N N   . THR A 1 129 ? 5.735   -3.465  12.421  1.00 6.68  ? 151 THR A N   1 
ATOM   1038 C CA  . THR A 1 129 ? 6.411   -2.180  12.421  1.00 7.36  ? 151 THR A CA  1 
ATOM   1039 C C   . THR A 1 129 ? 6.116   -1.407  11.152  1.00 7.00  ? 151 THR A C   1 
ATOM   1040 O O   . THR A 1 129 ? 6.396   -1.897  10.056  1.00 7.90  ? 151 THR A O   1 
ATOM   1041 C CB  . THR A 1 129 ? 7.937   -2.362  12.552  1.00 7.68  ? 151 THR A CB  1 
ATOM   1042 O OG1 . THR A 1 129 ? 8.212   -3.089  13.760  1.00 9.02  ? 151 THR A OG1 1 
ATOM   1043 C CG2 . THR A 1 129 ? 8.644   -1.020  12.634  1.00 9.69  ? 151 THR A CG2 1 
ATOM   1044 N N   A ILE A 1 130 ? 5.549   -0.217  11.317  0.50 6.80  ? 152 ILE A N   1 
ATOM   1045 N N   B ILE A 1 130 ? 5.565   -0.208  11.309  0.50 6.70  ? 152 ILE A N   1 
ATOM   1046 C CA  A ILE A 1 130 ? 5.391   0.734   10.230  0.50 6.86  ? 152 ILE A CA  1 
ATOM   1047 C CA  B ILE A 1 130 ? 5.378   0.722   10.202  0.50 6.76  ? 152 ILE A CA  1 
ATOM   1048 C C   A ILE A 1 130 ? 6.713   1.454   10.064  0.50 5.72  ? 152 ILE A C   1 
ATOM   1049 C C   B ILE A 1 130 ? 6.635   1.552   10.029  0.50 5.53  ? 152 ILE A C   1 
ATOM   1050 O O   A ILE A 1 130 ? 7.282   1.942   11.047  0.50 5.35  ? 152 ILE A O   1 
ATOM   1051 O O   B ILE A 1 130 ? 7.064   2.242   10.970  0.50 5.65  ? 152 ILE A O   1 
ATOM   1052 C CB  A ILE A 1 130 ? 4.289   1.764   10.535  0.50 7.47  ? 152 ILE A CB  1 
ATOM   1053 C CB  B ILE A 1 130 ? 4.199   1.671   10.455  0.50 7.13  ? 152 ILE A CB  1 
ATOM   1054 C CG1 A ILE A 1 130 ? 3.013   1.065   11.009  0.50 8.75  ? 152 ILE A CG1 1 
ATOM   1055 C CG1 B ILE A 1 130 ? 2.874   0.910   10.431  0.50 8.56  ? 152 ILE A CG1 1 
ATOM   1056 C CG2 A ILE A 1 130 ? 4.023   2.639   9.311   0.50 8.34  ? 152 ILE A CG2 1 
ATOM   1057 C CG2 B ILE A 1 130 ? 4.208   2.813   9.430   0.50 8.04  ? 152 ILE A CG2 1 
ATOM   1058 C CD1 A ILE A 1 130 ? 2.541   -0.026  10.084  0.50 10.85 ? 152 ILE A CD1 1 
ATOM   1059 C CD1 B ILE A 1 130 ? 1.739   1.699   11.026  0.50 10.83 ? 152 ILE A CD1 1 
ATOM   1060 N N   . VAL A 1 131 ? 7.224   1.453   8.840   1.00 5.62  ? 153 VAL A N   1 
ATOM   1061 C CA  . VAL A 1 131 ? 8.460   2.133   8.514   1.00 5.24  ? 153 VAL A CA  1 
ATOM   1062 C C   . VAL A 1 131 ? 8.154   3.213   7.481   1.00 4.69  ? 153 VAL A C   1 
ATOM   1063 O O   . VAL A 1 131 ? 7.679   2.924   6.375   1.00 6.00  ? 153 VAL A O   1 
ATOM   1064 C CB  . VAL A 1 131 ? 9.497   1.156   7.945   1.00 6.08  ? 153 VAL A CB  1 
ATOM   1065 C CG1 . VAL A 1 131 ? 10.817  1.876   7.741   1.00 6.74  ? 153 VAL A CG1 1 
ATOM   1066 C CG2 . VAL A 1 131 ? 9.665   -0.070  8.859   1.00 7.14  ? 153 VAL A CG2 1 
ATOM   1067 N N   . ASN A 1 132 ? 8.412   4.459   7.850   1.00 5.15  ? 154 ASN A N   1 
ATOM   1068 C CA  . ASN A 1 132 ? 8.212   5.578   6.955   1.00 5.48  ? 154 ASN A CA  1 
ATOM   1069 C C   . ASN A 1 132 ? 9.453   5.777   6.107   1.00 5.03  ? 154 ASN A C   1 
ATOM   1070 O O   . ASN A 1 132 ? 10.533  5.299   6.453   1.00 5.60  ? 154 ASN A O   1 
ATOM   1071 C CB  . ASN A 1 132 ? 7.879   6.805   7.787   1.00 6.26  ? 154 ASN A CB  1 
ATOM   1072 C CG  . ASN A 1 132 ? 6.491   6.709   8.383   1.00 5.84  ? 154 ASN A CG  1 
ATOM   1073 O OD1 . ASN A 1 132 ? 5.489   6.973   7.697   1.00 6.18  ? 154 ASN A OD1 1 
ATOM   1074 N ND2 . ASN A 1 132 ? 6.410   6.307   9.647   1.00 6.14  ? 154 ASN A ND2 1 
ATOM   1075 N N   . ARG A 1 133 ? 9.325   6.520   5.010   1.00 5.68  ? 155 ARG A N   1 
ATOM   1076 C CA  . ARG A 1 133 ? 10.460  6.723   4.128   1.00 6.29  ? 155 ARG A CA  1 
ATOM   1077 C C   . ARG A 1 133 ? 11.587  7.510   4.805   1.00 5.39  ? 155 ARG A C   1 
ATOM   1078 O O   . ARG A 1 133 ? 12.764  7.302   4.503   1.00 5.94  ? 155 ARG A O   1 
ATOM   1079 C CB  . ARG A 1 133 ? 10.000  7.358   2.808   1.00 6.70  ? 155 ARG A CB  1 
ATOM   1080 C CG  . ARG A 1 133 ? 11.080  7.539   1.729   1.00 9.12  ? 155 ARG A CG  1 
ATOM   1081 C CD  . ARG A 1 133 ? 11.714  6.264   1.229   1.00 14.37 ? 155 ARG A CD  1 
ATOM   1082 N NE  . ARG A 1 133 ? 12.679  5.762   2.193   1.00 15.91 ? 155 ARG A NE  1 
ATOM   1083 C CZ  . ARG A 1 133 ? 13.602  4.850   1.925   1.00 16.67 ? 155 ARG A CZ  1 
ATOM   1084 N NH1 . ARG A 1 133 ? 13.713  4.351   0.695   1.00 19.05 ? 155 ARG A NH1 1 
ATOM   1085 N NH2 . ARG A 1 133 ? 14.427  4.464   2.882   1.00 18.74 ? 155 ARG A NH2 1 
ATOM   1086 N N   . ASP A 1 134 ? 11.223  8.398   5.734   1.00 5.67  ? 156 ASP A N   1 
ATOM   1087 C CA  . ASP A 1 134 ? 12.217  9.136   6.525   1.00 5.95  ? 156 ASP A CA  1 
ATOM   1088 C C   . ASP A 1 134 ? 12.780  8.320   7.688   1.00 5.82  ? 156 ASP A C   1 
ATOM   1089 O O   . ASP A 1 134 ? 13.571  8.855   8.465   1.00 6.42  ? 156 ASP A O   1 
ATOM   1090 C CB  . ASP A 1 134 ? 11.645  10.473  7.017   1.00 6.72  ? 156 ASP A CB  1 
ATOM   1091 C CG  . ASP A 1 134 ? 10.593  10.324  8.117   1.00 6.51  ? 156 ASP A CG  1 
ATOM   1092 O OD1 . ASP A 1 134 ? 10.291  9.207   8.567   1.00 7.22  ? 156 ASP A OD1 1 
ATOM   1093 O OD2 . ASP A 1 134 ? 10.073  11.388  8.520   1.00 7.89  ? 156 ASP A OD2 1 
ATOM   1094 N N   . GLY A 1 135 ? 12.413  7.048   7.775   1.00 6.08  ? 157 GLY A N   1 
ATOM   1095 C CA  . GLY A 1 135 ? 12.985  6.133   8.755   1.00 6.20  ? 157 GLY A CA  1 
ATOM   1096 C C   . GLY A 1 135 ? 12.216  6.056   10.066  1.00 6.80  ? 157 GLY A C   1 
ATOM   1097 O O   . GLY A 1 135 ? 12.432  5.143   10.879  1.00 7.20  ? 157 GLY A O   1 
ATOM   1098 N N   . THR A 1 136 ? 11.311  6.990   10.301  1.00 6.30  ? 158 THR A N   1 
ATOM   1099 C CA  . THR A 1 136 ? 10.595  6.935   11.563  1.00 7.65  ? 158 THR A CA  1 
ATOM   1100 C C   . THR A 1 136 ? 9.702   5.706   11.603  1.00 6.25  ? 158 THR A C   1 
ATOM   1101 O O   . THR A 1 136 ? 9.087   5.305   10.601  1.00 6.37  ? 158 THR A O   1 
ATOM   1102 C CB  . THR A 1 136 ? 9.858   8.178   11.857  1.00 9.24  ? 158 THR A CB  1 
ATOM   1103 O OG1 . THR A 1 136 ? 8.921   8.379   10.835  1.00 10.11 ? 158 THR A OG1 1 
ATOM   1104 C CG2 . THR A 1 136 ? 10.807  9.367   11.890  1.00 12.64 ? 158 THR A CG2 1 
ATOM   1105 N N   A ARG A 1 137 ? 9.658   5.096   12.779  0.50 6.88  ? 159 ARG A N   1 
ATOM   1106 N N   B ARG A 1 137 ? 9.648   5.099   12.780  0.50 6.82  ? 159 ARG A N   1 
ATOM   1107 C CA  A ARG A 1 137 ? 8.987   3.822   12.971  0.50 7.49  ? 159 ARG A CA  1 
ATOM   1108 C CA  B ARG A 1 137 ? 8.978   3.825   12.961  0.50 7.38  ? 159 ARG A CA  1 
ATOM   1109 C C   A ARG A 1 137 ? 7.943   3.881   14.061  0.50 8.16  ? 159 ARG A C   1 
ATOM   1110 C C   B ARG A 1 137 ? 7.959   3.856   14.072  0.50 8.09  ? 159 ARG A C   1 
ATOM   1111 O O   A ARG A 1 137 ? 8.054   4.661   15.014  0.50 8.84  ? 159 ARG A O   1 
ATOM   1112 O O   B ARG A 1 137 ? 8.112   4.582   15.060  0.50 8.85  ? 159 ARG A O   1 
ATOM   1113 C CB  A ARG A 1 137 ? 9.996   2.728   13.312  0.50 7.92  ? 159 ARG A CB  1 
ATOM   1114 C CB  B ARG A 1 137 ? 9.990   2.735   13.274  0.50 7.75  ? 159 ARG A CB  1 
ATOM   1115 C CG  A ARG A 1 137 ? 10.837  2.301   12.125  0.50 8.77  ? 159 ARG A CG  1 
ATOM   1116 C CG  B ARG A 1 137 ? 10.809  2.303   12.079  0.50 8.19  ? 159 ARG A CG  1 
ATOM   1117 C CD  A ARG A 1 137 ? 11.863  1.224   12.483  0.50 9.26  ? 159 ARG A CD  1 
ATOM   1118 C CD  B ARG A 1 137 ? 11.972  1.441   12.525  0.50 7.52  ? 159 ARG A CD  1 
ATOM   1119 N NE  A ARG A 1 137 ? 12.672  0.879   11.317  0.50 10.01 ? 159 ARG A NE  1 
ATOM   1120 N NE  B ARG A 1 137 ? 12.488  0.587   11.459  0.50 7.64  ? 159 ARG A NE  1 
ATOM   1121 C CZ  A ARG A 1 137 ? 12.805  -0.344  10.810  0.50 10.45 ? 159 ARG A CZ  1 
ATOM   1122 C CZ  B ARG A 1 137 ? 13.256  1.021   10.468  0.50 7.37  ? 159 ARG A CZ  1 
ATOM   1123 N NH1 A ARG A 1 137 ? 12.212  -1.402  11.363  0.50 12.55 ? 159 ARG A NH1 1 
ATOM   1124 N NH1 B ARG A 1 137 ? 13.705  0.174   9.551   0.50 6.47  ? 159 ARG A NH1 1 
ATOM   1125 N NH2 A ARG A 1 137 ? 13.561  -0.511  9.736   0.50 10.87 ? 159 ARG A NH2 1 
ATOM   1126 N NH2 B ARG A 1 137 ? 13.601  2.302   10.401  0.50 7.58  ? 159 ARG A NH2 1 
ATOM   1127 N N   . TYR A 1 138 ? 6.920   3.053   13.890  1.00 8.34  ? 160 TYR A N   1 
ATOM   1128 C CA  . TYR A 1 138 ? 5.901   2.827   14.903  1.00 9.83  ? 160 TYR A CA  1 
ATOM   1129 C C   . TYR A 1 138 ? 5.659   1.325   14.936  1.00 10.45 ? 160 TYR A C   1 
ATOM   1130 O O   . TYR A 1 138 ? 5.415   0.703   13.898  1.00 11.35 ? 160 TYR A O   1 
ATOM   1131 C CB  . TYR A 1 138 ? 4.611   3.571   14.564  1.00 10.58 ? 160 TYR A CB  1 
ATOM   1132 C CG  . TYR A 1 138 ? 3.450   3.106   15.406  1.00 12.65 ? 160 TYR A CG  1 
ATOM   1133 C CD1 . TYR A 1 138 ? 3.292   3.576   16.706  1.00 15.38 ? 160 TYR A CD1 1 
ATOM   1134 C CD2 . TYR A 1 138 ? 2.531   2.168   14.924  1.00 14.28 ? 160 TYR A CD2 1 
ATOM   1135 C CE1 . TYR A 1 138 ? 2.239   3.145   17.503  1.00 16.85 ? 160 TYR A CE1 1 
ATOM   1136 C CE2 . TYR A 1 138 ? 1.469   1.722   15.727  1.00 16.12 ? 160 TYR A CE2 1 
ATOM   1137 C CZ  . TYR A 1 138 ? 1.336   2.225   17.015  1.00 16.78 ? 160 TYR A CZ  1 
ATOM   1138 O OH  . TYR A 1 138 ? 0.309   1.816   17.832  1.00 19.47 ? 160 TYR A OH  1 
ATOM   1139 N N   . SER A 1 139 ? 5.724   0.735   16.123  1.00 10.68 ? 161 SER A N   1 
ATOM   1140 C CA  . SER A 1 139 ? 5.535   -0.702  16.266  1.00 11.82 ? 161 SER A CA  1 
ATOM   1141 C C   . SER A 1 139 ? 4.399   -1.015  17.221  1.00 11.81 ? 161 SER A C   1 
ATOM   1142 O O   . SER A 1 139 ? 4.172   -0.289  18.197  1.00 12.03 ? 161 SER A O   1 
ATOM   1143 C CB  . SER A 1 139 ? 6.807   -1.375  16.788  1.00 12.84 ? 161 SER A CB  1 
ATOM   1144 O OG  . SER A 1 139 ? 7.890   -1.249  15.884  1.00 16.71 ? 161 SER A OG  1 
ATOM   1145 N N   . LYS A 1 140 ? 3.703   -2.109  16.942  1.00 11.08 ? 162 LYS A N   1 
ATOM   1146 C CA  . LYS A 1 140 ? 2.719   -2.644  17.876  1.00 12.98 ? 162 LYS A CA  1 
ATOM   1147 C C   . LYS A 1 140 ? 2.588   -4.143  17.687  1.00 12.84 ? 162 LYS A C   1 
ATOM   1148 O O   . LYS A 1 140 ? 2.882   -4.678  16.608  1.00 13.69 ? 162 LYS A O   1 
ATOM   1149 C CB  . LYS A 1 140 ? 1.364   -1.971  17.712  1.00 14.09 ? 162 LYS A CB  1 
ATOM   1150 C CG  . LYS A 1 140 ? 0.639   -2.321  16.430  1.00 15.48 ? 162 LYS A CG  1 
ATOM   1151 C CD  . LYS A 1 140 ? -0.546  -1.399  16.182  1.00 17.98 ? 162 LYS A CD  1 
ATOM   1152 C CE  . LYS A 1 140 ? -1.636  -1.519  17.252  1.00 18.22 ? 162 LYS A CE  1 
ATOM   1153 N NZ  . LYS A 1 140 ? -2.934  -0.932  16.789  1.00 19.39 ? 162 LYS A NZ  1 
ATOM   1154 N N   . LYS A 1 141 ? 2.128   -4.817  18.732  1.00 12.09 ? 163 LYS A N   1 
ATOM   1155 C CA  . LYS A 1 141 ? 1.868   -6.234  18.658  1.00 11.99 ? 163 LYS A CA  1 
ATOM   1156 C C   . LYS A 1 141 ? 0.431   -6.427  18.197  1.00 11.12 ? 163 LYS A C   1 
ATOM   1157 O O   . LYS A 1 141 ? -0.491  -5.775  18.695  1.00 12.42 ? 163 LYS A O   1 
ATOM   1158 C CB  . LYS A 1 141 ? 2.114   -6.880  20.020  1.00 13.00 ? 163 LYS A CB  1 
ATOM   1159 C CG  . LYS A 1 141 ? 2.162   -8.394  19.998  1.00 16.96 ? 163 LYS A CG  1 
ATOM   1160 C CD  . LYS A 1 141 ? 2.236   -8.993  21.410  1.00 20.43 ? 163 LYS A CD  1 
ATOM   1161 C CE  . LYS A 1 141 ? 0.989   -8.703  22.261  1.00 21.57 ? 163 LYS A CE  1 
ATOM   1162 N NZ  . LYS A 1 141 ? -0.234  -9.459  21.832  1.00 22.24 ? 163 LYS A NZ  1 
ATOM   1163 N N   . GLY A 1 142 ? 0.247   -7.296  17.214  1.00 10.02 ? 164 GLY A N   1 
ATOM   1164 C CA  . GLY A 1 142 ? -1.069  -7.536  16.679  1.00 9.52  ? 164 GLY A CA  1 
ATOM   1165 C C   . GLY A 1 142 ? -1.102  -8.541  15.559  1.00 8.75  ? 164 GLY A C   1 
ATOM   1166 O O   . GLY A 1 142 ? -0.198  -9.380  15.403  1.00 9.59  ? 164 GLY A O   1 
ATOM   1167 N N   . GLU A 1 143 ? -2.177  -8.456  14.786  1.00 8.55  ? 165 GLU A N   1 
ATOM   1168 C CA  . GLU A 1 143 ? -2.356  -9.262  13.588  1.00 9.59  ? 165 GLU A CA  1 
ATOM   1169 C C   . GLU A 1 143 ? -3.320  -8.497  12.693  1.00 9.46  ? 165 GLU A C   1 
ATOM   1170 O O   . GLU A 1 143 ? -4.081  -7.650  13.178  1.00 9.83  ? 165 GLU A O   1 
ATOM   1171 C CB  . GLU A 1 143 ? -2.880  -10.656 13.976  1.00 9.59  ? 165 GLU A CB  1 
ATOM   1172 C CG  . GLU A 1 143 ? -3.154  -11.611 12.812  1.00 12.09 ? 165 GLU A CG  1 
ATOM   1173 C CD  . GLU A 1 143 ? -1.946  -11.829 11.930  1.00 13.00 ? 165 GLU A CD  1 
ATOM   1174 O OE1 . GLU A 1 143 ? -1.126  -12.711 12.263  1.00 13.98 ? 165 GLU A OE1 1 
ATOM   1175 O OE2 . GLU A 1 143 ? -1.808  -11.128 10.890  1.00 11.68 ? 165 GLU A OE2 1 
ATOM   1176 N N   . TYR A 1 144 ? -3.262  -8.749  11.385  1.00 9.76  ? 166 TYR A N   1 
ATOM   1177 C CA  . TYR A 1 144 ? -4.246  -8.179  10.460  1.00 9.85  ? 166 TYR A CA  1 
ATOM   1178 C C   . TYR A 1 144 ? -4.775  -9.209  9.463   1.00 10.50 ? 166 TYR A C   1 
ATOM   1179 O O   . TYR A 1 144 ? -5.777  -8.966  8.817   1.00 9.91  ? 166 TYR A O   1 
ATOM   1180 C CB  . TYR A 1 144 ? -3.701  -6.940  9.710   1.00 9.79  ? 166 TYR A CB  1 
ATOM   1181 C CG  . TYR A 1 144 ? -2.489  -7.254  8.870   1.00 9.56  ? 166 TYR A CG  1 
ATOM   1182 C CD1 . TYR A 1 144 ? -2.611  -7.721  7.556   1.00 9.68  ? 166 TYR A CD1 1 
ATOM   1183 C CD2 . TYR A 1 144 ? -1.213  -7.121  9.401   1.00 10.57 ? 166 TYR A CD2 1 
ATOM   1184 C CE1 . TYR A 1 144 ? -1.491  -8.047  6.796   1.00 10.42 ? 166 TYR A CE1 1 
ATOM   1185 C CE2 . TYR A 1 144 ? -0.088  -7.441  8.648   1.00 11.57 ? 166 TYR A CE2 1 
ATOM   1186 C CZ  . TYR A 1 144 ? -0.236  -7.899  7.348   1.00 10.62 ? 166 TYR A CZ  1 
ATOM   1187 O OH  . TYR A 1 144 ? 0.890   -8.206  6.623   1.00 13.50 ? 166 TYR A OH  1 
ATOM   1188 N N   . ARG A 1 145 ? -4.110  -10.356 9.356   1.00 11.42 ? 167 ARG A N   1 
ATOM   1189 C CA  . ARG A 1 145 ? -4.466  -11.366 8.347   1.00 12.52 ? 167 ARG A CA  1 
ATOM   1190 C C   . ARG A 1 145 ? -5.630  -12.217 8.823   1.00 13.52 ? 167 ARG A C   1 
ATOM   1191 O O   . ARG A 1 145 ? -5.569  -12.782 9.917   1.00 14.82 ? 167 ARG A O   1 
ATOM   1192 C CB  . ARG A 1 145 ? -3.267  -12.260 8.036   1.00 12.38 ? 167 ARG A CB  1 
ATOM   1193 C CG  . ARG A 1 145 ? -2.123  -11.511 7.377   1.00 13.26 ? 167 ARG A CG  1 
ATOM   1194 C CD  . ARG A 1 145 ? -0.814  -12.259 7.442   1.00 14.46 ? 167 ARG A CD  1 
ATOM   1195 N NE  . ARG A 1 145 ? -0.346  -12.427 8.823   1.00 13.32 ? 167 ARG A NE  1 
ATOM   1196 C CZ  . ARG A 1 145 ? 0.730   -13.124 9.174   1.00 15.48 ? 167 ARG A CZ  1 
ATOM   1197 N NH1 . ARG A 1 145 ? 1.481   -13.712 8.251   1.00 16.51 ? 167 ARG A NH1 1 
ATOM   1198 N NH2 . ARG A 1 145 ? 1.062   -13.223 10.457  1.00 16.15 ? 167 ARG A NH2 1 
ATOM   1199 N N   . THR A 1 146 ? -6.677  -12.306 8.011   1.00 14.36 ? 168 THR A N   1 
ATOM   1200 C CA  . THR A 1 146 ? -7.887  -13.057 8.371   1.00 16.04 ? 168 THR A CA  1 
ATOM   1201 C C   . THR A 1 146 ? -7.988  -14.383 7.617   1.00 16.88 ? 168 THR A C   1 
ATOM   1202 O O   . THR A 1 146 ? -8.847  -15.213 7.924   1.00 17.88 ? 168 THR A O   1 
ATOM   1203 C CB  . THR A 1 146 ? -9.177  -12.224 8.155   1.00 15.97 ? 168 THR A CB  1 
ATOM   1204 O OG1 . THR A 1 146 ? -9.432  -12.070 6.753   1.00 16.33 ? 168 THR A OG1 1 
ATOM   1205 C CG2 . THR A 1 146 ? -9.052  -10.856 8.827   1.00 16.42 ? 168 THR A CG2 1 
ATOM   1206 N N   . HIS A 1 147 ? -7.099  -14.590 6.648   1.00 17.50 ? 169 HIS A N   1 
ATOM   1207 C CA  . HIS A 1 147 ? -7.089  -15.810 5.843   1.00 19.02 ? 169 HIS A CA  1 
ATOM   1208 C C   . HIS A 1 147 ? -5.912  -16.701 6.222   1.00 19.92 ? 169 HIS A C   1 
ATOM   1209 O O   . HIS A 1 147 ? -4.764  -16.265 6.199   1.00 19.81 ? 169 HIS A O   1 
ATOM   1210 C CB  . HIS A 1 147 ? -7.044  -15.471 4.354   1.00 18.93 ? 169 HIS A CB  1 
ATOM   1211 C CG  . HIS A 1 147 ? -8.291  -14.817 3.847   1.00 18.81 ? 169 HIS A CG  1 
ATOM   1212 N ND1 . HIS A 1 147 ? -8.461  -13.449 3.821   1.00 19.59 ? 169 HIS A ND1 1 
ATOM   1213 C CD2 . HIS A 1 147 ? -9.430  -15.347 3.340   1.00 19.82 ? 169 HIS A CD2 1 
ATOM   1214 C CE1 . HIS A 1 147 ? -9.653  -13.165 3.325   1.00 19.69 ? 169 HIS A CE1 1 
ATOM   1215 N NE2 . HIS A 1 147 ? -10.259 -14.299 3.024   1.00 21.54 ? 169 HIS A NE2 1 
ATOM   1216 N N   . GLN A 1 148 ? -6.204  -17.955 6.567   1.00 21.69 ? 170 GLN A N   1 
ATOM   1217 C CA  . GLN A 1 148 ? -5.180  -18.906 7.020   1.00 22.91 ? 170 GLN A CA  1 
ATOM   1218 C C   . GLN A 1 148 ? -4.061  -19.129 5.999   1.00 23.24 ? 170 GLN A C   1 
ATOM   1219 O O   . GLN A 1 148 ? -2.883  -19.195 6.370   1.00 23.65 ? 170 GLN A O   1 
ATOM   1220 C CB  . GLN A 1 148 ? -5.817  -20.247 7.435   1.00 23.26 ? 170 GLN A CB  1 
ATOM   1221 C CG  . GLN A 1 148 ? -4.858  -21.235 8.129   1.00 25.45 ? 170 GLN A CG  1 
ATOM   1222 C CD  . GLN A 1 148 ? -4.082  -20.613 9.285   1.00 27.70 ? 170 GLN A CD  1 
ATOM   1223 O OE1 . GLN A 1 148 ? -4.662  -20.050 10.216  1.00 29.80 ? 170 GLN A OE1 1 
ATOM   1224 N NE2 . GLN A 1 148 ? -2.760  -20.717 9.230   1.00 29.48 ? 170 GLN A NE2 1 
ATOM   1225 N N   . GLU A 1 149 ? -4.431  -19.221 4.722   1.00 23.82 ? 171 GLU A N   1 
ATOM   1226 C CA  . GLU A 1 149 ? -3.455  -19.450 3.652   1.00 24.28 ? 171 GLU A CA  1 
ATOM   1227 C C   . GLU A 1 149 ? -2.435  -18.312 3.516   1.00 23.78 ? 171 GLU A C   1 
ATOM   1228 O O   . GLU A 1 149 ? -1.388  -18.493 2.895   1.00 24.06 ? 171 GLU A O   1 
ATOM   1229 C CB  . GLU A 1 149 ? -4.140  -19.740 2.310   1.00 24.84 ? 171 GLU A CB  1 
ATOM   1230 C CG  . GLU A 1 149 ? -4.828  -18.543 1.651   1.00 27.25 ? 171 GLU A CG  1 
ATOM   1231 C CD  . GLU A 1 149 ? -6.279  -18.350 2.081   1.00 30.22 ? 171 GLU A CD  1 
ATOM   1232 O OE1 . GLU A 1 149 ? -6.689  -18.868 3.149   1.00 31.87 ? 171 GLU A OE1 1 
ATOM   1233 O OE2 . GLU A 1 149 ? -7.013  -17.664 1.337   1.00 31.81 ? 171 GLU A OE2 1 
ATOM   1234 N N   . ASP A 1 150 ? -2.748  -17.154 4.100   1.00 22.97 ? 172 ASP A N   1 
ATOM   1235 C CA  . ASP A 1 150 ? -1.809  -16.032 4.144   1.00 22.58 ? 172 ASP A CA  1 
ATOM   1236 C C   . ASP A 1 150 ? -0.866  -16.107 5.342   1.00 23.41 ? 172 ASP A C   1 
ATOM   1237 O O   . ASP A 1 150 ? 0.228   -15.551 5.297   1.00 24.05 ? 172 ASP A O   1 
ATOM   1238 C CB  . ASP A 1 150 ? -2.549  -14.691 4.145   1.00 21.41 ? 172 ASP A CB  1 
ATOM   1239 C CG  . ASP A 1 150 ? -3.240  -14.402 2.825   1.00 18.52 ? 172 ASP A CG  1 
ATOM   1240 O OD1 . ASP A 1 150 ? -2.702  -14.780 1.759   1.00 17.13 ? 172 ASP A OD1 1 
ATOM   1241 O OD2 . ASP A 1 150 ? -4.318  -13.778 2.860   1.00 15.03 ? 172 ASP A OD2 1 
ATOM   1242 N N   . ILE A 1 151 ? -1.286  -16.794 6.401   1.00 24.25 ? 173 ILE A N   1 
ATOM   1243 C CA  . ILE A 1 151 ? -0.473  -16.911 7.616   1.00 25.13 ? 173 ILE A CA  1 
ATOM   1244 C C   . ILE A 1 151 ? 0.406   -18.159 7.570   1.00 25.64 ? 173 ILE A C   1 
ATOM   1245 O O   . ILE A 1 151 ? 1.628   -18.060 7.456   1.00 26.55 ? 173 ILE A O   1 
ATOM   1246 C CB  . ILE A 1 151 ? -1.342  -16.922 8.898   1.00 25.19 ? 173 ILE A CB  1 
ATOM   1247 C CG1 . ILE A 1 151 ? -2.252  -15.690 8.935   1.00 25.19 ? 173 ILE A CG1 1 
ATOM   1248 C CG2 . ILE A 1 151 ? -0.456  -16.977 10.149  1.00 25.56 ? 173 ILE A CG2 1 
ATOM   1249 C CD1 . ILE A 1 151 ? -3.437  -15.799 9.884   1.00 25.52 ? 173 ILE A CD1 1 
HETATM 1250 S S   . DMS B 2 .   ? 7.097   10.019  5.775   1.00 11.04 ? 201 DMS A S   1 
HETATM 1251 O O   . DMS B 2 .   ? 8.695   9.538   5.239   1.00 8.47  ? 201 DMS A O   1 
HETATM 1252 C C1  . DMS B 2 .   ? 7.494   11.581  6.588   1.00 10.42 ? 201 DMS A C1  1 
HETATM 1253 C C2  . DMS B 2 .   ? 6.360   10.558  4.248   1.00 10.37 ? 201 DMS A C2  1 
HETATM 1254 C CAM . 4XM C 3 .   ? 12.027  1.568   -0.504  1.00 22.64 ? 202 4XM A CAM 1 
HETATM 1255 C CAI . 4XM C 3 .   ? 11.990  1.196   0.974   1.00 21.34 ? 202 4XM A CAI 1 
HETATM 1256 C CAR . 4XM C 3 .   ? 11.055  1.974   1.685   1.00 19.30 ? 202 4XM A CAR 1 
HETATM 1257 C CAD . 4XM C 3 .   ? 11.186  2.082   3.073   1.00 18.16 ? 202 4XM A CAD 1 
HETATM 1258 C CAB . 4XM C 3 .   ? 10.292  2.834   3.851   1.00 16.32 ? 202 4XM A CAB 1 
HETATM 1259 C CAC . 4XM C 3 .   ? 9.215   3.511   3.267   1.00 11.21 ? 202 4XM A CAC 1 
HETATM 1260 C CAQ . 4XM C 3 .   ? 9.106   3.404   1.863   1.00 15.44 ? 202 4XM A CAQ 1 
HETATM 1261 N NAA . 4XM C 3 .   ? 8.117   4.013   1.211   1.00 15.59 ? 202 4XM A NAA 1 
HETATM 1262 C CAS . 4XM C 3 .   ? 9.995   2.646   1.061   1.00 18.80 ? 202 4XM A CAS 1 
HETATM 1263 C CAN . 4XM C 3 .   ? 9.806   2.587   -0.351  1.00 20.97 ? 202 4XM A CAN 1 
HETATM 1264 N NAU . 4XM C 3 .   ? 10.673  1.631   -1.090  1.00 22.79 ? 202 4XM A NAU 1 
HETATM 1265 C CAL . 4XM C 3 .   ? 10.772  2.016   -2.521  1.00 25.55 ? 202 4XM A CAL 1 
HETATM 1266 C CAE . 4XM C 3 .   ? 11.121  0.825   -3.444  1.00 28.63 ? 202 4XM A CAE 1 
HETATM 1267 C CAF . 4XM C 3 .   ? 11.482  1.325   -4.851  1.00 31.19 ? 202 4XM A CAF 1 
HETATM 1268 O OAP . 4XM C 3 .   ? 12.145  0.295   -5.610  1.00 34.07 ? 202 4XM A OAP 1 
HETATM 1269 C CAT . 4XM C 3 .   ? 12.152  0.664   -7.023  1.00 35.18 ? 202 4XM A CAT 1 
HETATM 1270 C CAJ . 4XM C 3 .   ? 11.681  -0.532  -7.915  1.00 35.08 ? 202 4XM A CAJ 1 
HETATM 1271 C CAG . 4XM C 3 .   ? 12.780  -1.161  -8.799  1.00 36.23 ? 202 4XM A CAG 1 
HETATM 1272 O OAO . 4XM C 3 .   ? 13.623  -0.154  -9.372  1.00 36.55 ? 202 4XM A OAO 1 
HETATM 1273 C CAH . 4XM C 3 .   ? 14.394  0.399   -8.297  1.00 36.60 ? 202 4XM A CAH 1 
HETATM 1274 C CAK . 4XM C 3 .   ? 13.512  1.319   -7.445  1.00 35.95 ? 202 4XM A CAK 1 
HETATM 1275 C C1  . GOL D 4 .   ? 9.994   -3.110  -10.316 1.00 22.75 ? 203 GOL A C1  1 
HETATM 1276 O O1  . GOL D 4 .   ? 9.323   -4.311  -9.977  1.00 18.08 ? 203 GOL A O1  1 
HETATM 1277 C C2  . GOL D 4 .   ? 9.961   -2.822  -11.818 1.00 24.02 ? 203 GOL A C2  1 
HETATM 1278 O O2  . GOL D 4 .   ? 10.134  -3.987  -12.595 1.00 27.05 ? 203 GOL A O2  1 
HETATM 1279 C C3  . GOL D 4 .   ? 8.667   -2.114  -12.198 1.00 24.02 ? 203 GOL A C3  1 
HETATM 1280 O O3  . GOL D 4 .   ? 8.547   -1.995  -13.601 1.00 22.27 ? 203 GOL A O3  1 
HETATM 1281 O O   . HOH E 5 .   ? 1.484   -13.557 5.218   1.00 17.86 ? 301 HOH A O   1 
HETATM 1282 O O   . HOH E 5 .   ? 6.942   9.234   12.381  1.00 17.08 ? 302 HOH A O   1 
HETATM 1283 O O   . HOH E 5 .   ? 0.648   -12.582 1.292   1.00 14.96 ? 303 HOH A O   1 
HETATM 1284 O O   . HOH E 5 .   ? 8.907   -3.625  3.891   1.00 22.58 ? 304 HOH A O   1 
HETATM 1285 O O   . HOH E 5 .   ? -11.484 2.259   -2.279  1.00 10.96 ? 305 HOH A O   1 
HETATM 1286 O O   . HOH E 5 .   ? -1.637  17.617  3.004   1.00 18.97 ? 306 HOH A O   1 
HETATM 1287 O O   . HOH E 5 .   ? -8.433  -4.902  10.597  1.00 21.95 ? 307 HOH A O   1 
HETATM 1288 O O   . HOH E 5 .   ? 4.319   -12.152 -7.794  1.00 8.99  ? 308 HOH A O   1 
HETATM 1289 O O   . HOH E 5 .   ? 7.529   -13.148 -3.608  1.00 24.30 ? 309 HOH A O   1 
HETATM 1290 O O   . HOH E 5 .   ? 10.452  -6.588  -10.679 1.00 26.12 ? 310 HOH A O   1 
HETATM 1291 O O   . HOH E 5 .   ? -1.089  -14.620 14.083  1.00 23.40 ? 311 HOH A O   1 
HETATM 1292 O O   . HOH E 5 .   ? -3.131  -4.902  17.310  1.00 14.96 ? 312 HOH A O   1 
HETATM 1293 O O   . HOH E 5 .   ? 9.788   10.932  3.279   1.00 8.87  ? 313 HOH A O   1 
HETATM 1294 O O   . HOH E 5 .   ? -3.184  -12.712 22.135  1.00 25.25 ? 314 HOH A O   1 
HETATM 1295 O O   . HOH E 5 .   ? 8.541   11.654  10.666  1.00 14.42 ? 315 HOH A O   1 
HETATM 1296 O O   . HOH E 5 .   ? 7.875   5.141   -16.218 1.00 11.91 ? 316 HOH A O   1 
HETATM 1297 O O   . HOH E 5 .   ? 11.945  -2.871  -6.439  1.00 27.84 ? 317 HOH A O   1 
HETATM 1298 O O   . HOH E 5 .   ? 0.271   11.314  9.371   1.00 22.37 ? 318 HOH A O   1 
HETATM 1299 O O   . HOH E 5 .   ? 3.053   10.134  -21.645 1.00 26.47 ? 319 HOH A O   1 
HETATM 1300 O O   . HOH E 5 .   ? 14.871  1.007   7.291   1.00 10.95 ? 320 HOH A O   1 
HETATM 1301 O O   . HOH E 5 .   ? 5.191   -6.399  -0.444  1.00 7.10  ? 321 HOH A O   1 
HETATM 1302 O O   . HOH E 5 .   ? -2.633  10.694  5.569   1.00 11.54 ? 322 HOH A O   1 
HETATM 1303 O O   . HOH E 5 .   ? 5.508   13.950  -7.275  1.00 24.09 ? 323 HOH A O   1 
HETATM 1304 O O   . HOH E 5 .   ? -2.317  5.237   10.310  1.00 23.70 ? 324 HOH A O   1 
HETATM 1305 O O   . HOH E 5 .   ? -4.601  3.273   -17.049 1.00 18.97 ? 325 HOH A O   1 
HETATM 1306 O O   . HOH E 5 .   ? -9.084  -1.537  -11.736 1.00 11.80 ? 326 HOH A O   1 
HETATM 1307 O O   . HOH E 5 .   ? 12.978  -6.363  -2.861  1.00 26.04 ? 327 HOH A O   1 
HETATM 1308 O O   . HOH E 5 .   ? -3.617  12.399  1.146   1.00 6.11  ? 328 HOH A O   1 
HETATM 1309 O O   . HOH E 5 .   ? -12.096 -1.431  -2.944  1.00 15.80 ? 329 HOH A O   1 
HETATM 1310 O O   . HOH E 5 .   ? -7.357  -6.715  8.778   1.00 11.64 ? 330 HOH A O   1 
HETATM 1311 O O   . HOH E 5 .   ? 4.829   -9.282  -18.584 1.00 20.94 ? 331 HOH A O   1 
HETATM 1312 O O   . HOH E 5 .   ? -0.292  -17.964 -5.151  1.00 18.39 ? 332 HOH A O   1 
HETATM 1313 O O   . HOH E 5 .   ? -14.170 5.419   -7.531  1.00 14.96 ? 333 HOH A O   1 
HETATM 1314 O O   . HOH E 5 .   ? 6.018   -10.439 18.535  1.00 22.84 ? 334 HOH A O   1 
HETATM 1315 O O   . HOH E 5 .   ? 0.027   9.711   -18.682 1.00 14.64 ? 335 HOH A O   1 
HETATM 1316 O O   . HOH E 5 .   ? 6.535   7.357   4.735   1.00 9.01  ? 336 HOH A O   1 
HETATM 1317 O O   . HOH E 5 .   ? -10.992 4.853   -14.434 1.00 27.25 ? 337 HOH A O   1 
HETATM 1318 O O   . HOH E 5 .   ? 6.820   5.267   17.359  1.00 17.37 ? 338 HOH A O   1 
HETATM 1319 O O   . HOH E 5 .   ? 1.212   -8.441  -21.967 1.00 22.41 ? 339 HOH A O   1 
HETATM 1320 O O   . HOH E 5 .   ? 5.400   -12.704 -13.986 1.00 8.50  ? 340 HOH A O   1 
HETATM 1321 O O   . HOH E 5 .   ? -6.044  -14.432 12.029  1.00 26.15 ? 341 HOH A O   1 
HETATM 1322 O O   . HOH E 5 .   ? -9.005  -2.568  -15.842 1.00 14.67 ? 342 HOH A O   1 
HETATM 1323 O O   . HOH E 5 .   ? -6.416  -13.164 19.541  1.00 15.56 ? 343 HOH A O   1 
HETATM 1324 O O   . HOH E 5 .   ? -3.801  -5.931  -13.553 1.00 7.03  ? 344 HOH A O   1 
HETATM 1325 O O   . HOH E 5 .   ? -11.053 5.159   4.930   1.00 18.83 ? 345 HOH A O   1 
HETATM 1326 O O   . HOH E 5 .   ? -2.030  14.233  8.052   1.00 18.57 ? 346 HOH A O   1 
HETATM 1327 O O   . HOH E 5 .   ? 4.036   -12.542 2.989   1.00 15.68 ? 347 HOH A O   1 
HETATM 1328 O O   . HOH E 5 .   ? 12.270  -1.139  5.896   1.00 23.47 ? 348 HOH A O   1 
HETATM 1329 O O   . HOH E 5 .   ? 0.182   17.010  5.281   1.00 22.97 ? 349 HOH A O   1 
HETATM 1330 O O   . HOH E 5 .   ? 11.182  -6.766  -4.643  1.00 29.50 ? 350 HOH A O   1 
HETATM 1331 O O   . HOH E 5 .   ? -5.167  -12.659 5.236   1.00 13.69 ? 351 HOH A O   1 
HETATM 1332 O O   . HOH E 5 .   ? -1.288  -15.675 -15.192 1.00 10.28 ? 352 HOH A O   1 
HETATM 1333 O O   . HOH E 5 .   ? -3.089  -12.636 -5.406  1.00 14.56 ? 353 HOH A O   1 
HETATM 1334 O O   . HOH E 5 .   ? 8.551   2.857   -5.531  1.00 12.83 ? 354 HOH A O   1 
HETATM 1335 O O   . HOH E 5 .   ? 7.073   -11.605 8.147   1.00 23.28 ? 355 HOH A O   1 
HETATM 1336 O O   . HOH E 5 .   ? -9.853  -3.519  2.595   1.00 17.85 ? 356 HOH A O   1 
HETATM 1337 O O   . HOH E 5 .   ? -0.780  17.706  -4.633  1.00 19.78 ? 357 HOH A O   1 
HETATM 1338 O O   . HOH E 5 .   ? 6.313   1.877   0.442   1.00 9.07  ? 358 HOH A O   1 
HETATM 1339 O O   . HOH E 5 .   ? 2.871   16.970  3.670   1.00 14.95 ? 359 HOH A O   1 
HETATM 1340 O O   . HOH E 5 .   ? -6.048  16.972  -9.495  1.00 24.65 ? 360 HOH A O   1 
HETATM 1341 O O   . HOH E 5 .   ? -5.773  -1.824  17.144  1.00 18.18 ? 361 HOH A O   1 
HETATM 1342 O O   . HOH E 5 .   ? -4.911  11.014  -13.552 1.00 13.68 ? 362 HOH A O   1 
HETATM 1343 O O   . HOH E 5 .   ? -11.099 4.675   2.932   1.00 17.02 ? 363 HOH A O   1 
HETATM 1344 O O   . HOH E 5 .   ? 10.519  4.852   16.502  1.00 22.30 ? 364 HOH A O   1 
HETATM 1345 O O   . HOH E 5 .   ? -1.343  -2.018  -19.706 1.00 12.66 ? 365 HOH A O   1 
HETATM 1346 O O   . HOH E 5 .   ? 11.561  11.371  -17.210 1.00 28.41 ? 366 HOH A O   1 
HETATM 1347 O O   . HOH E 5 .   ? -2.026  -7.614  20.221  1.00 13.36 ? 367 HOH A O   1 
HETATM 1348 O O   . HOH E 5 .   ? -10.039 1.001   15.167  1.00 28.62 ? 368 HOH A O   1 
HETATM 1349 O O   . HOH E 5 .   ? 5.250   -10.108 -15.609 1.00 13.33 ? 369 HOH A O   1 
HETATM 1350 O O   . HOH E 5 .   ? -12.701 3.475   -10.788 1.00 11.83 ? 370 HOH A O   1 
HETATM 1351 O O   . HOH E 5 .   ? -10.607 -3.131  0.089   1.00 12.12 ? 371 HOH A O   1 
HETATM 1352 O O   . HOH E 5 .   ? 5.031   10.352  -5.414  1.00 11.96 ? 372 HOH A O   1 
HETATM 1353 O O   . HOH E 5 .   ? 6.185   2.597   18.256  1.00 22.53 ? 373 HOH A O   1 
HETATM 1354 O O   . HOH E 5 .   ? -4.680  -6.336  -16.893 1.00 10.08 ? 374 HOH A O   1 
HETATM 1355 O O   . HOH E 5 .   ? 4.474   -12.708 7.207   1.00 22.04 ? 375 HOH A O   1 
HETATM 1356 O O   . HOH E 5 .   ? 2.554   12.539  11.419  1.00 22.57 ? 376 HOH A O   1 
HETATM 1357 O O   . HOH E 5 .   ? 8.424   6.391   -0.389  1.00 12.92 ? 377 HOH A O   1 
HETATM 1358 O O   . HOH E 5 .   ? 10.407  -9.002  -4.475  1.00 17.88 ? 378 HOH A O   1 
HETATM 1359 O O   . HOH E 5 .   ? 14.513  -3.070  8.795   1.00 16.36 ? 379 HOH A O   1 
HETATM 1360 O O   . HOH E 5 .   ? -3.986  18.176  1.331   1.00 11.14 ? 380 HOH A O   1 
HETATM 1361 O O   . HOH E 5 .   ? 9.309   6.606   -8.691  1.00 28.46 ? 381 HOH A O   1 
HETATM 1362 O O   . HOH E 5 .   ? 2.043   -3.401  21.259  1.00 25.90 ? 382 HOH A O   1 
HETATM 1363 O O   . HOH E 5 .   ? 7.146   -10.948 3.404   1.00 24.37 ? 383 HOH A O   1 
HETATM 1364 O O   . HOH E 5 .   ? -11.973 0.722   -10.161 1.00 23.91 ? 384 HOH A O   1 
HETATM 1365 O O   . HOH E 5 .   ? -3.842  6.869   -16.103 1.00 15.01 ? 385 HOH A O   1 
HETATM 1366 O O   . HOH E 5 .   ? -9.304  -10.262 2.418   1.00 25.41 ? 386 HOH A O   1 
HETATM 1367 O O   . HOH E 5 .   ? -13.054 3.673   1.302   1.00 21.22 ? 387 HOH A O   1 
HETATM 1368 O O   . HOH E 5 .   ? 5.520   7.268   -3.585  1.00 23.40 ? 388 HOH A O   1 
HETATM 1369 O O   . HOH E 5 .   ? 0.110   -15.317 1.048   1.00 21.53 ? 389 HOH A O   1 
HETATM 1370 O O   . HOH E 5 .   ? -5.212  -14.077 -2.290  1.00 19.65 ? 390 HOH A O   1 
HETATM 1371 O O   . HOH E 5 .   ? 2.640   5.652   -21.346 1.00 21.16 ? 391 HOH A O   1 
HETATM 1372 O O   . HOH E 5 .   ? 6.770   8.532   0.220   1.00 11.07 ? 392 HOH A O   1 
HETATM 1373 O O   . HOH E 5 .   ? -1.565  0.522   -18.815 1.00 13.61 ? 393 HOH A O   1 
HETATM 1374 O O   . HOH E 5 .   ? 14.208  -7.687  1.001   1.00 27.11 ? 394 HOH A O   1 
HETATM 1375 O O   . HOH E 5 .   ? 12.344  -2.909  4.175   1.00 21.00 ? 395 HOH A O   1 
HETATM 1376 O O   . HOH E 5 .   ? 7.217   3.212   -3.120  1.00 16.00 ? 396 HOH A O   1 
HETATM 1377 O O   . HOH E 5 .   ? 0.815   17.269  -9.291  1.00 28.40 ? 397 HOH A O   1 
HETATM 1378 O O   . HOH E 5 .   ? 6.196   6.757   13.205  1.00 27.73 ? 398 HOH A O   1 
HETATM 1379 O O   . HOH E 5 .   ? 5.360   6.825   15.785  1.00 33.61 ? 399 HOH A O   1 
HETATM 1380 O O   . HOH E 5 .   ? -4.321  10.786  7.844   1.00 20.07 ? 400 HOH A O   1 
HETATM 1381 O O   . HOH E 5 .   ? -1.934  -14.043 20.222  1.00 22.61 ? 401 HOH A O   1 
HETATM 1382 O O   . HOH E 5 .   ? 14.564  0.782   2.919   1.00 21.06 ? 402 HOH A O   1 
HETATM 1383 O O   . HOH E 5 .   ? 11.981  -5.057  5.673   1.00 24.55 ? 403 HOH A O   1 
HETATM 1384 O O   . HOH E 5 .   ? 13.234  1.576   5.183   1.00 11.88 ? 404 HOH A O   1 
HETATM 1385 O O   . HOH E 5 .   ? -4.042  1.760   -19.145 1.00 27.19 ? 405 HOH A O   1 
HETATM 1386 O O   . HOH E 5 .   ? -2.489  -17.108 -3.808  1.00 30.63 ? 406 HOH A O   1 
HETATM 1387 O O   . HOH E 5 .   ? 9.608   -13.728 -2.218  1.00 25.81 ? 407 HOH A O   1 
HETATM 1388 O O   . HOH E 5 .   ? 5.560   9.266   -2.131  1.00 17.12 ? 408 HOH A O   1 
HETATM 1389 O O   . HOH E 5 .   ? 7.700   5.711   -3.146  1.00 18.79 ? 409 HOH A O   1 
HETATM 1390 O O   . HOH E 5 .   ? -11.557 -0.685  -12.508 1.00 21.55 ? 410 HOH A O   1 
HETATM 1391 O O   . HOH E 5 .   ? 6.735   17.164  2.672   1.00 16.81 ? 411 HOH A O   1 
HETATM 1392 O O   . HOH E 5 .   ? -3.993  -2.727  -20.203 1.00 15.63 ? 412 HOH A O   1 
HETATM 1393 O O   . HOH E 5 .   ? -5.628  -9.267  -20.143 1.00 11.42 ? 413 HOH A O   1 
HETATM 1394 O O   . HOH E 5 .   ? -2.698  -10.854 25.829  1.00 20.24 ? 414 HOH A O   1 
HETATM 1395 O O   . HOH E 5 .   ? 8.649   15.279  2.045   1.00 13.48 ? 415 HOH A O   1 
HETATM 1396 O O   . HOH E 5 .   ? -4.079  -10.047 -22.436 1.00 19.51 ? 416 HOH A O   1 
HETATM 1397 O O   . HOH E 5 .   ? 8.378   13.258  -0.159  1.00 17.16 ? 417 HOH A O   1 
# 
